data_6Q63
#
_entry.id   6Q63
#
_cell.length_a   175.842
_cell.length_b   186.880
_cell.length_c   242.279
_cell.angle_alpha   90.00
_cell.angle_beta   90.00
_cell.angle_gamma   90.00
#
_symmetry.space_group_name_H-M   'I 2 2 2'
#
loop_
_entity.id
_entity.type
_entity.pdbx_description
1 polymer Beta-hexosaminidase
2 non-polymer 'COPPER (II) ION'
3 non-polymer 'CALCIUM ION'
4 non-polymer 2-acetamido-2-deoxy-beta-D-glucopyranose
5 water water
#
_entity_poly.entity_id   1
_entity_poly.type   'polypeptide(L)'
_entity_poly.pdbx_seq_one_letter_code
;MKQLLKLTGCVALAGLMSSCGSVQEEANYQIIPLPQEIVTSQVNPFILKSGVKILYPEGNEKMQRNAQFLADYLKTATGK
DFSIEAGTEGKNAIVLALGSEVENPESYQLKVTDQGVTITAPTEAGVFYGIQTLRKSLPIALGADVALPAVEIKDAPRFG
YRGAHFDVSRHFFTIDEVKTYIDMLALHNMNRLHWHITDDQGWRLEIKKYPKLTEIGSQRSGTVIGRNSGEYDNTPYGGF
YTQEQAKEIVDYAAERYITVVPEIDLPGHMLAALAAYPELGCTGGPYEVWRQWGVADDVLCAGNDQVLKFLEDVYGELIE
IFPSEYIHVGGDECPKVRWEKCPKCQARIKALGLKSDKNHSKEERLQSFVINHIEKFLNDHGRQIIGWDEILEGGLAPNA
TVMSWRGESGGIEAAKQKHDVIMTPNTYLYFDYYQAKDTENEPFGIGGYLPMERVYSYEPMPASLTPDEQQYIKGVQANL
WTEYIATFSHAQYMVLPRWAALCEVQWSTPDKKNYEDFLSRLPRLIKWYDAEGYNYAKHVFDVKAEFTPNPADGTLDITL
TTIDNAPIHYTLDGTEPTSTSPVYDGALKIKENADFSAIAIRPTGNSRVVSEKIDFSKSSMKPIVANQPVNKQYEFKGVS
TLVDGLKGNGNYKTGRWIAFRGNDMDVTIDLKQPTEISSVAISTCVEKGDWVFDTRGLSVEVSEDGTNFTKVASEAYPAM
KETDKNGVYDHKLTFTPVTAQYVKVIASPEKSIPEWHGGKSYPGFLFVDEITIN
;
_entity_poly.pdbx_strand_id   A,B,C
#
# COMPACT_ATOMS: atom_id res chain seq x y z
N GLN A 24 -18.49 -4.91 34.28
CA GLN A 24 -19.71 -5.29 33.49
C GLN A 24 -20.03 -4.16 32.50
N GLU A 25 -20.55 -4.50 31.33
CA GLU A 25 -20.81 -3.58 30.19
C GLU A 25 -22.29 -3.18 30.15
N GLU A 26 -22.59 -2.04 29.53
CA GLU A 26 -23.95 -1.47 29.39
C GLU A 26 -24.22 -1.15 27.91
N ALA A 27 -25.41 -1.51 27.42
CA ALA A 27 -25.90 -1.16 26.07
C ALA A 27 -26.27 0.32 26.03
N ASN A 28 -26.29 0.92 24.84
CA ASN A 28 -26.51 2.37 24.63
C ASN A 28 -27.34 2.56 23.34
N TYR A 29 -28.58 3.01 23.48
CA TYR A 29 -29.60 3.06 22.39
C TYR A 29 -29.44 4.33 21.56
N GLN A 30 -28.49 5.20 21.94
CA GLN A 30 -28.10 6.42 21.19
C GLN A 30 -27.23 5.98 20.00
N ILE A 31 -27.86 5.38 18.98
CA ILE A 31 -27.18 4.70 17.83
C ILE A 31 -27.36 5.54 16.56
N ILE A 32 -26.79 5.06 15.45
CA ILE A 32 -26.97 5.62 14.07
C ILE A 32 -27.65 4.55 13.20
N PRO A 33 -28.76 4.86 12.49
CA PRO A 33 -29.40 6.17 12.54
C PRO A 33 -30.22 6.32 13.84
N LEU A 34 -30.44 7.55 14.30
CA LEU A 34 -31.18 7.83 15.56
C LEU A 34 -32.63 7.43 15.40
N PRO A 35 -33.15 6.48 16.21
CA PRO A 35 -34.58 6.13 16.18
C PRO A 35 -35.53 7.30 16.49
N GLN A 36 -36.76 7.23 15.98
CA GLN A 36 -37.83 8.26 16.15
C GLN A 36 -38.09 8.52 17.63
N GLU A 37 -38.41 7.47 18.40
CA GLU A 37 -38.92 7.57 19.80
C GLU A 37 -38.19 6.56 20.71
N ILE A 38 -37.49 7.08 21.73
CA ILE A 38 -36.75 6.31 22.78
C ILE A 38 -37.22 6.80 24.15
N VAL A 39 -37.52 5.90 25.09
CA VAL A 39 -38.24 6.22 26.36
C VAL A 39 -37.31 6.04 27.57
N THR A 40 -37.03 4.80 27.99
CA THR A 40 -36.28 4.44 29.24
C THR A 40 -37.21 4.53 30.46
N SER A 41 -36.96 3.69 31.47
CA SER A 41 -37.66 3.68 32.78
C SER A 41 -36.65 3.42 33.91
N GLN A 42 -37.11 3.48 35.17
CA GLN A 42 -36.31 3.21 36.40
C GLN A 42 -36.54 1.75 36.83
N VAL A 43 -36.72 0.84 35.88
CA VAL A 43 -36.88 -0.63 36.09
C VAL A 43 -35.52 -1.30 35.83
N ASN A 44 -35.28 -2.46 36.45
CA ASN A 44 -34.00 -3.20 36.34
C ASN A 44 -33.72 -3.57 34.88
N PRO A 45 -32.44 -3.56 34.44
CA PRO A 45 -32.08 -3.96 33.07
C PRO A 45 -32.17 -5.48 32.84
N PHE A 46 -32.10 -5.88 31.56
CA PHE A 46 -31.98 -7.30 31.11
C PHE A 46 -30.50 -7.64 30.98
N ILE A 47 -30.02 -8.61 31.77
CA ILE A 47 -28.61 -9.08 31.72
C ILE A 47 -28.50 -10.15 30.63
N LEU A 48 -27.54 -9.97 29.72
CA LEU A 48 -27.34 -10.78 28.49
C LEU A 48 -26.14 -11.71 28.69
N LYS A 49 -26.38 -12.88 29.29
CA LYS A 49 -25.35 -13.89 29.64
C LYS A 49 -25.70 -15.25 29.04
N SER A 50 -24.81 -16.23 29.19
CA SER A 50 -25.00 -17.64 28.76
C SER A 50 -26.28 -18.19 29.40
N GLY A 51 -27.13 -18.84 28.60
CA GLY A 51 -28.45 -19.36 29.02
C GLY A 51 -29.58 -18.71 28.23
N VAL A 52 -29.39 -17.46 27.79
CA VAL A 52 -30.40 -16.66 27.03
C VAL A 52 -30.62 -17.33 25.67
N LYS A 53 -31.87 -17.29 25.18
CA LYS A 53 -32.30 -17.90 23.89
C LYS A 53 -32.94 -16.85 22.99
N ILE A 54 -32.88 -17.06 21.67
CA ILE A 54 -33.61 -16.25 20.64
C ILE A 54 -34.77 -17.10 20.13
N LEU A 55 -35.99 -16.56 20.16
CA LEU A 55 -37.24 -17.23 19.70
C LEU A 55 -37.75 -16.57 18.42
N TYR A 56 -38.25 -17.38 17.48
CA TYR A 56 -38.87 -16.94 16.20
C TYR A 56 -40.14 -17.76 15.96
N PRO A 57 -41.13 -17.27 15.19
CA PRO A 57 -42.35 -18.03 14.91
C PRO A 57 -42.10 -19.32 14.12
N GLU A 58 -42.70 -20.43 14.56
CA GLU A 58 -42.71 -21.75 13.87
C GLU A 58 -42.76 -21.57 12.35
N GLY A 59 -41.76 -22.11 11.63
CA GLY A 59 -41.84 -22.42 10.19
C GLY A 59 -41.63 -21.22 9.29
N ASN A 60 -41.18 -20.08 9.83
CA ASN A 60 -40.91 -18.83 9.05
C ASN A 60 -39.41 -18.77 8.74
N GLU A 61 -39.04 -19.08 7.48
CA GLU A 61 -37.62 -19.15 7.01
C GLU A 61 -36.90 -17.82 7.25
N LYS A 62 -37.55 -16.70 6.88
CA LYS A 62 -36.99 -15.32 7.00
C LYS A 62 -36.69 -14.99 8.47
N MET A 63 -37.64 -15.26 9.38
CA MET A 63 -37.52 -14.95 10.83
C MET A 63 -36.49 -15.87 11.47
N GLN A 64 -36.34 -17.10 10.97
CA GLN A 64 -35.26 -18.05 11.37
C GLN A 64 -33.92 -17.47 10.93
N ARG A 65 -33.86 -16.88 9.73
CA ARG A 65 -32.64 -16.23 9.20
C ARG A 65 -32.35 -14.96 10.02
N ASN A 66 -33.41 -14.23 10.42
CA ASN A 66 -33.32 -13.05 11.31
C ASN A 66 -32.72 -13.45 12.66
N ALA A 67 -33.13 -14.60 13.22
CA ALA A 67 -32.64 -15.13 14.50
C ALA A 67 -31.15 -15.47 14.39
N GLN A 68 -30.74 -16.10 13.28
CA GLN A 68 -29.33 -16.50 13.01
C GLN A 68 -28.46 -15.25 12.86
N PHE A 69 -28.99 -14.17 12.26
CA PHE A 69 -28.29 -12.86 12.12
C PHE A 69 -27.99 -12.29 13.51
N LEU A 70 -28.99 -12.27 14.39
CA LEU A 70 -28.86 -11.76 15.79
C LEU A 70 -27.79 -12.58 16.52
N ALA A 71 -27.80 -13.91 16.37
CA ALA A 71 -26.82 -14.84 16.98
C ALA A 71 -25.41 -14.51 16.49
N ASP A 72 -25.23 -14.30 15.18
CA ASP A 72 -23.93 -13.94 14.56
C ASP A 72 -23.43 -12.62 15.15
N TYR A 73 -24.32 -11.62 15.30
CA TYR A 73 -24.01 -10.27 15.82
C TYR A 73 -23.65 -10.34 17.31
N LEU A 74 -24.44 -11.06 18.10
CA LEU A 74 -24.21 -11.26 19.55
C LEU A 74 -22.88 -12.00 19.77
N LYS A 75 -22.39 -12.73 18.76
CA LYS A 75 -21.16 -13.56 18.81
C LYS A 75 -19.90 -12.70 18.56
N THR A 76 -19.98 -11.63 17.75
CA THR A 76 -18.84 -10.70 17.51
C THR A 76 -18.81 -9.66 18.64
N ALA A 77 -19.96 -9.36 19.25
CA ALA A 77 -20.12 -8.38 20.36
C ALA A 77 -19.65 -9.01 21.68
N THR A 78 -20.46 -9.91 22.25
CA THR A 78 -20.05 -10.85 23.33
C THR A 78 -19.26 -11.97 22.67
N GLY A 79 -18.48 -12.75 23.41
CA GLY A 79 -17.67 -13.85 22.85
C GLY A 79 -18.45 -15.16 22.76
N LYS A 80 -19.78 -15.10 22.91
CA LYS A 80 -20.63 -16.24 23.35
C LYS A 80 -21.61 -16.66 22.24
N ASP A 81 -22.06 -17.91 22.29
CA ASP A 81 -23.11 -18.48 21.41
C ASP A 81 -24.45 -18.46 22.17
N PHE A 82 -25.55 -18.17 21.46
CA PHE A 82 -26.94 -18.17 21.98
C PHE A 82 -27.80 -19.04 21.05
N SER A 83 -28.55 -19.98 21.63
CA SER A 83 -29.37 -21.00 20.90
C SER A 83 -30.50 -20.30 20.13
N ILE A 84 -30.79 -20.79 18.92
CA ILE A 84 -31.99 -20.41 18.10
C ILE A 84 -33.01 -21.53 18.22
N GLU A 85 -34.26 -21.18 18.54
CA GLU A 85 -35.38 -22.12 18.84
C GLU A 85 -36.69 -21.46 18.42
N ALA A 86 -37.66 -22.24 17.92
CA ALA A 86 -39.02 -21.79 17.57
C ALA A 86 -39.79 -21.51 18.87
N GLY A 87 -40.61 -20.45 18.90
CA GLY A 87 -41.41 -20.08 20.08
C GLY A 87 -42.05 -18.70 19.97
N THR A 88 -43.03 -18.45 20.84
CA THR A 88 -43.81 -17.20 20.98
C THR A 88 -43.56 -16.59 22.36
N GLU A 89 -42.99 -17.39 23.28
CA GLU A 89 -43.01 -17.20 24.75
C GLU A 89 -41.72 -17.79 25.34
N GLY A 90 -41.10 -17.10 26.30
CA GLY A 90 -39.91 -17.62 27.01
C GLY A 90 -39.42 -16.68 28.10
N LYS A 91 -38.93 -17.24 29.20
CA LYS A 91 -38.21 -16.50 30.28
C LYS A 91 -36.75 -16.40 29.85
N ASN A 92 -36.07 -15.29 30.20
CA ASN A 92 -34.67 -15.00 29.76
C ASN A 92 -34.54 -15.30 28.27
N ALA A 93 -35.33 -14.63 27.43
CA ALA A 93 -35.41 -14.88 25.97
C ALA A 93 -35.57 -13.56 25.20
N ILE A 94 -35.05 -13.53 23.97
CA ILE A 94 -35.24 -12.45 22.96
C ILE A 94 -36.24 -12.97 21.91
N VAL A 95 -37.45 -12.40 21.89
CA VAL A 95 -38.58 -12.87 21.03
C VAL A 95 -38.71 -11.96 19.81
N LEU A 96 -38.42 -12.51 18.63
CA LEU A 96 -38.76 -11.90 17.30
C LEU A 96 -40.20 -12.31 16.97
N ALA A 97 -41.05 -11.35 16.57
CA ALA A 97 -42.47 -11.60 16.22
C ALA A 97 -42.96 -10.56 15.20
N LEU A 98 -44.08 -10.87 14.53
CA LEU A 98 -44.80 -9.96 13.59
C LEU A 98 -45.98 -9.32 14.32
N GLY A 99 -46.25 -8.03 14.08
CA GLY A 99 -47.32 -7.28 14.75
C GLY A 99 -47.21 -5.78 14.56
N SER A 100 -48.15 -5.04 15.18
CA SER A 100 -48.38 -3.58 15.04
C SER A 100 -48.67 -3.21 13.56
N GLU A 101 -48.80 -1.92 13.26
CA GLU A 101 -49.44 -1.38 12.03
C GLU A 101 -48.54 -1.59 10.81
N VAL A 102 -49.16 -1.66 9.62
CA VAL A 102 -48.46 -1.82 8.30
C VAL A 102 -48.40 -0.47 7.59
N GLU A 103 -48.79 0.62 8.26
CA GLU A 103 -48.58 2.01 7.77
C GLU A 103 -47.22 2.07 7.08
N ASN A 104 -46.16 1.75 7.82
CA ASN A 104 -44.77 1.65 7.34
C ASN A 104 -44.30 0.20 7.48
N PRO A 105 -44.04 -0.52 6.35
CA PRO A 105 -43.61 -1.91 6.41
C PRO A 105 -42.27 -2.15 7.13
N GLU A 106 -41.41 -1.13 7.20
CA GLU A 106 -40.03 -1.25 7.75
C GLU A 106 -39.95 -0.64 9.16
N SER A 107 -41.10 -0.33 9.76
CA SER A 107 -41.20 0.11 11.19
C SER A 107 -40.92 -1.09 12.10
N TYR A 108 -40.66 -0.85 13.38
CA TYR A 108 -40.45 -1.91 14.41
C TYR A 108 -40.65 -1.32 15.80
N GLN A 109 -40.76 -2.22 16.80
CA GLN A 109 -40.94 -1.88 18.23
C GLN A 109 -39.98 -2.77 19.04
N LEU A 110 -39.08 -2.16 19.81
CA LEU A 110 -38.07 -2.85 20.65
C LEU A 110 -38.33 -2.51 22.12
N LYS A 111 -38.99 -3.41 22.85
CA LYS A 111 -39.28 -3.29 24.30
C LYS A 111 -38.31 -4.16 25.10
N VAL A 112 -37.81 -3.66 26.24
CA VAL A 112 -36.88 -4.39 27.14
C VAL A 112 -37.34 -4.21 28.58
N THR A 113 -37.47 -5.31 29.31
CA THR A 113 -37.70 -5.39 30.78
C THR A 113 -36.66 -6.35 31.36
N ASP A 114 -36.64 -6.53 32.68
CA ASP A 114 -35.72 -7.50 33.37
C ASP A 114 -36.10 -8.94 32.95
N GLN A 115 -37.34 -9.15 32.52
CA GLN A 115 -37.91 -10.49 32.20
C GLN A 115 -37.54 -10.93 30.77
N GLY A 116 -37.53 -10.02 29.79
CA GLY A 116 -37.31 -10.40 28.38
C GLY A 116 -37.04 -9.21 27.46
N VAL A 117 -36.83 -9.51 26.16
CA VAL A 117 -36.66 -8.54 25.04
C VAL A 117 -37.68 -8.90 23.95
N THR A 118 -38.44 -7.91 23.46
CA THR A 118 -39.40 -8.08 22.33
C THR A 118 -38.97 -7.19 21.17
N ILE A 119 -38.78 -7.78 19.98
CA ILE A 119 -38.63 -7.07 18.67
C ILE A 119 -39.84 -7.42 17.81
N THR A 120 -40.75 -6.46 17.59
CA THR A 120 -42.03 -6.64 16.86
C THR A 120 -42.10 -5.67 15.69
N ALA A 121 -42.38 -6.17 14.49
CA ALA A 121 -42.52 -5.39 13.23
C ALA A 121 -43.61 -5.97 12.35
N PRO A 122 -44.28 -5.15 11.50
CA PRO A 122 -45.26 -5.66 10.54
C PRO A 122 -44.74 -6.59 9.44
N THR A 123 -43.43 -6.57 9.14
CA THR A 123 -42.77 -7.47 8.16
C THR A 123 -41.43 -7.98 8.74
N GLU A 124 -40.85 -8.98 8.07
CA GLU A 124 -39.57 -9.63 8.46
C GLU A 124 -38.41 -8.63 8.31
N ALA A 125 -38.53 -7.67 7.39
CA ALA A 125 -37.55 -6.57 7.14
C ALA A 125 -37.51 -5.64 8.36
N GLY A 126 -38.67 -5.25 8.88
CA GLY A 126 -38.81 -4.40 10.07
C GLY A 126 -38.17 -5.03 11.29
N VAL A 127 -38.34 -6.35 11.46
CA VAL A 127 -37.72 -7.16 12.55
C VAL A 127 -36.20 -7.04 12.42
N PHE A 128 -35.69 -7.12 11.18
CA PHE A 128 -34.24 -7.07 10.83
C PHE A 128 -33.66 -5.71 11.26
N TYR A 129 -34.38 -4.60 11.01
CA TYR A 129 -33.92 -3.23 11.36
C TYR A 129 -34.02 -3.03 12.88
N GLY A 130 -35.00 -3.67 13.51
CA GLY A 130 -35.08 -3.78 14.99
C GLY A 130 -33.87 -4.50 15.56
N ILE A 131 -33.41 -5.55 14.87
CA ILE A 131 -32.22 -6.37 15.25
C ILE A 131 -30.95 -5.54 15.06
N GLN A 132 -30.85 -4.77 13.97
CA GLN A 132 -29.68 -3.88 13.68
C GLN A 132 -29.53 -2.87 14.82
N THR A 133 -30.65 -2.40 15.37
CA THR A 133 -30.69 -1.41 16.49
C THR A 133 -30.15 -2.06 17.77
N LEU A 134 -30.60 -3.29 18.09
CA LEU A 134 -30.08 -4.06 19.25
C LEU A 134 -28.58 -4.28 19.06
N ARG A 135 -28.17 -4.70 17.86
CA ARG A 135 -26.75 -4.90 17.45
C ARG A 135 -25.91 -3.66 17.79
N LYS A 136 -26.33 -2.49 17.28
CA LYS A 136 -25.55 -1.23 17.34
C LYS A 136 -25.60 -0.63 18.75
N SER A 137 -26.55 -1.04 19.58
CA SER A 137 -26.65 -0.62 21.01
C SER A 137 -25.53 -1.27 21.82
N LEU A 138 -25.09 -2.47 21.42
CA LEU A 138 -24.12 -3.30 22.18
C LEU A 138 -22.71 -2.77 21.97
N PRO A 139 -21.85 -2.79 23.02
CA PRO A 139 -20.43 -2.56 22.86
C PRO A 139 -19.75 -3.87 22.41
N ILE A 140 -18.51 -3.78 21.90
CA ILE A 140 -17.65 -4.96 21.59
C ILE A 140 -16.84 -5.28 22.86
N ALA A 141 -17.31 -6.25 23.67
CA ALA A 141 -16.67 -6.69 24.92
C ALA A 141 -16.70 -8.22 25.01
N LEU A 142 -15.60 -8.86 24.60
CA LEU A 142 -15.43 -10.35 24.56
C LEU A 142 -15.40 -10.89 25.99
N GLY A 143 -16.12 -11.99 26.25
CA GLY A 143 -16.13 -12.72 27.53
C GLY A 143 -17.05 -12.09 28.58
N ALA A 144 -17.63 -10.92 28.28
CA ALA A 144 -18.36 -10.06 29.26
C ALA A 144 -19.88 -10.22 29.08
N ASP A 145 -20.61 -10.23 30.20
CA ASP A 145 -22.09 -10.07 30.26
C ASP A 145 -22.42 -8.59 30.02
N VAL A 146 -23.55 -8.30 29.36
CA VAL A 146 -23.95 -6.92 28.94
C VAL A 146 -25.34 -6.62 29.50
N ALA A 147 -25.49 -5.47 30.17
CA ALA A 147 -26.77 -4.94 30.70
C ALA A 147 -27.50 -4.19 29.58
N LEU A 148 -28.76 -4.55 29.31
CA LEU A 148 -29.66 -3.86 28.36
C LEU A 148 -30.67 -3.05 29.17
N PRO A 149 -30.49 -1.71 29.32
CA PRO A 149 -31.41 -0.90 30.13
C PRO A 149 -32.86 -0.96 29.63
N ALA A 150 -33.81 -0.96 30.57
CA ALA A 150 -35.27 -1.01 30.29
C ALA A 150 -35.65 0.16 29.39
N VAL A 151 -36.31 -0.11 28.25
CA VAL A 151 -36.60 0.91 27.20
C VAL A 151 -37.82 0.47 26.37
N GLU A 152 -38.47 1.44 25.70
CA GLU A 152 -39.47 1.24 24.61
C GLU A 152 -39.04 2.07 23.40
N ILE A 153 -38.72 1.42 22.27
CA ILE A 153 -38.23 2.08 21.04
C ILE A 153 -39.26 1.86 19.91
N LYS A 154 -39.97 2.93 19.52
CA LYS A 154 -40.79 3.00 18.27
C LYS A 154 -39.97 3.72 17.20
N ASP A 155 -39.79 3.07 16.05
CA ASP A 155 -38.90 3.56 14.96
C ASP A 155 -39.48 3.15 13.60
N ALA A 156 -39.11 3.89 12.55
CA ALA A 156 -39.54 3.69 11.15
C ALA A 156 -38.72 4.60 10.25
N PRO A 157 -38.36 4.16 9.02
CA PRO A 157 -37.60 5.00 8.10
C PRO A 157 -38.48 6.12 7.49
N ARG A 158 -37.87 7.28 7.25
CA ARG A 158 -38.53 8.46 6.64
C ARG A 158 -38.74 8.23 5.14
N PHE A 159 -37.76 7.60 4.48
CA PHE A 159 -37.76 7.30 3.02
C PHE A 159 -37.82 5.79 2.79
N GLY A 160 -38.60 5.36 1.79
CA GLY A 160 -38.78 3.94 1.42
C GLY A 160 -37.63 3.40 0.59
N TYR A 161 -36.93 4.29 -0.13
CA TYR A 161 -35.73 3.96 -0.97
C TYR A 161 -34.50 4.58 -0.30
N ARG A 162 -33.64 3.74 0.26
CA ARG A 162 -32.38 4.12 0.95
C ARG A 162 -31.26 3.27 0.34
N GLY A 163 -30.50 3.85 -0.61
CA GLY A 163 -29.63 3.07 -1.50
C GLY A 163 -28.19 3.57 -1.50
N ALA A 164 -27.28 2.70 -1.97
CA ALA A 164 -25.93 3.05 -2.42
C ALA A 164 -25.72 2.46 -3.81
N HIS A 165 -25.08 3.23 -4.69
CA HIS A 165 -24.66 2.80 -6.05
C HIS A 165 -23.24 2.23 -5.93
N PHE A 166 -22.88 1.31 -6.83
CA PHE A 166 -21.52 0.69 -6.88
C PHE A 166 -21.14 0.49 -8.35
N ASP A 167 -20.15 1.26 -8.81
CA ASP A 167 -19.57 1.17 -10.16
C ASP A 167 -18.56 0.02 -10.18
N VAL A 168 -18.88 -1.06 -10.89
CA VAL A 168 -17.99 -2.27 -11.03
C VAL A 168 -17.55 -2.40 -12.50
N SER A 169 -17.70 -1.34 -13.30
CA SER A 169 -17.20 -1.25 -14.69
C SER A 169 -15.79 -0.65 -14.70
N ARG A 170 -15.64 0.55 -14.13
CA ARG A 170 -14.39 1.36 -14.17
C ARG A 170 -13.24 0.55 -13.52
N HIS A 171 -13.47 0.02 -12.33
CA HIS A 171 -12.69 -1.11 -11.75
C HIS A 171 -13.67 -2.21 -11.35
N PHE A 172 -13.25 -3.47 -11.54
CA PHE A 172 -14.06 -4.68 -11.29
C PHE A 172 -13.86 -5.14 -9.84
N PHE A 173 -14.93 -5.58 -9.19
CA PHE A 173 -14.95 -6.10 -7.80
C PHE A 173 -15.59 -7.48 -7.80
N THR A 174 -15.04 -8.39 -6.98
CA THR A 174 -15.42 -9.82 -6.92
C THR A 174 -16.78 -9.96 -6.25
N ILE A 175 -17.40 -11.15 -6.38
CA ILE A 175 -18.68 -11.53 -5.72
C ILE A 175 -18.55 -11.30 -4.21
N ASP A 176 -17.43 -11.75 -3.62
CA ASP A 176 -17.16 -11.66 -2.15
C ASP A 176 -17.09 -10.20 -1.70
N GLU A 177 -16.49 -9.32 -2.51
CA GLU A 177 -16.37 -7.87 -2.23
C GLU A 177 -17.76 -7.22 -2.29
N VAL A 178 -18.60 -7.62 -3.25
CA VAL A 178 -19.99 -7.08 -3.41
C VAL A 178 -20.85 -7.53 -2.22
N LYS A 179 -20.65 -8.75 -1.71
CA LYS A 179 -21.33 -9.28 -0.50
C LYS A 179 -20.94 -8.43 0.72
N THR A 180 -19.65 -8.08 0.86
CA THR A 180 -19.14 -7.21 1.96
C THR A 180 -19.84 -5.85 1.87
N TYR A 181 -19.91 -5.27 0.67
CA TYR A 181 -20.63 -4.00 0.38
C TYR A 181 -22.08 -4.11 0.88
N ILE A 182 -22.71 -5.26 0.66
CA ILE A 182 -24.14 -5.54 1.03
C ILE A 182 -24.26 -5.67 2.55
N ASP A 183 -23.29 -6.32 3.21
CA ASP A 183 -23.23 -6.42 4.70
C ASP A 183 -23.12 -5.00 5.29
N MET A 184 -22.34 -4.13 4.63
CA MET A 184 -22.11 -2.72 5.03
C MET A 184 -23.42 -1.92 4.90
N LEU A 185 -24.20 -2.13 3.83
CA LEU A 185 -25.51 -1.47 3.61
C LEU A 185 -26.43 -1.81 4.79
N ALA A 186 -26.54 -3.10 5.12
CA ALA A 186 -27.45 -3.66 6.16
C ALA A 186 -27.17 -3.01 7.51
N LEU A 187 -25.90 -2.84 7.88
CA LEU A 187 -25.47 -2.20 9.16
C LEU A 187 -26.00 -0.76 9.26
N HIS A 188 -26.24 -0.10 8.11
CA HIS A 188 -26.75 1.29 8.01
C HIS A 188 -28.24 1.30 7.59
N ASN A 189 -28.94 0.17 7.70
CA ASN A 189 -30.40 0.03 7.47
C ASN A 189 -30.79 0.37 6.02
N MET A 190 -29.85 0.30 5.08
CA MET A 190 -30.11 0.62 3.65
C MET A 190 -30.75 -0.60 2.98
N ASN A 191 -31.70 -0.38 2.05
CA ASN A 191 -32.52 -1.44 1.43
C ASN A 191 -32.35 -1.47 -0.09
N ARG A 192 -31.36 -0.77 -0.66
CA ARG A 192 -31.13 -0.71 -2.12
C ARG A 192 -29.63 -0.76 -2.44
N LEU A 193 -29.25 -1.66 -3.35
CA LEU A 193 -27.95 -1.66 -4.07
C LEU A 193 -28.23 -1.32 -5.53
N HIS A 194 -27.77 -0.16 -5.99
CA HIS A 194 -27.80 0.27 -7.41
C HIS A 194 -26.51 -0.24 -8.06
N TRP A 195 -26.61 -1.32 -8.84
CA TRP A 195 -25.45 -2.11 -9.33
C TRP A 195 -25.13 -1.71 -10.78
N HIS A 196 -24.16 -0.81 -10.96
CA HIS A 196 -23.75 -0.22 -12.25
C HIS A 196 -22.73 -1.15 -12.92
N ILE A 197 -23.21 -2.05 -13.78
CA ILE A 197 -22.49 -3.30 -14.20
C ILE A 197 -21.97 -3.18 -15.65
N THR A 198 -22.21 -2.06 -16.34
CA THR A 198 -21.70 -1.82 -17.72
C THR A 198 -21.34 -0.35 -17.88
N ASP A 199 -20.26 -0.09 -18.63
CA ASP A 199 -19.83 1.27 -19.04
C ASP A 199 -18.81 1.13 -20.18
N ASP A 200 -18.12 2.23 -20.51
CA ASP A 200 -17.20 2.33 -21.67
C ASP A 200 -15.96 1.45 -21.44
N GLN A 201 -15.61 1.19 -20.17
CA GLN A 201 -14.30 0.61 -19.77
C GLN A 201 -14.46 -0.89 -19.43
N GLY A 202 -15.68 -1.45 -19.52
CA GLY A 202 -15.94 -2.86 -19.24
C GLY A 202 -17.41 -3.19 -19.15
N TRP A 203 -17.82 -4.32 -19.73
CA TRP A 203 -19.16 -4.97 -19.61
C TRP A 203 -19.04 -6.18 -18.68
N ARG A 204 -19.85 -6.26 -17.61
CA ARG A 204 -19.61 -7.20 -16.47
C ARG A 204 -20.73 -8.23 -16.29
N LEU A 205 -21.67 -8.38 -17.23
CA LEU A 205 -22.73 -9.43 -17.13
C LEU A 205 -22.77 -10.29 -18.40
N GLU A 206 -22.55 -11.59 -18.24
CA GLU A 206 -22.74 -12.63 -19.29
C GLU A 206 -24.17 -12.53 -19.84
N ILE A 207 -24.30 -12.33 -21.16
CA ILE A 207 -25.60 -12.35 -21.91
C ILE A 207 -25.54 -13.49 -22.93
N LYS A 208 -26.49 -14.44 -22.86
CA LYS A 208 -26.49 -15.71 -23.65
C LYS A 208 -26.52 -15.39 -25.15
N LYS A 209 -27.41 -14.49 -25.59
CA LYS A 209 -27.64 -14.16 -27.03
C LYS A 209 -26.42 -13.44 -27.63
N TYR A 210 -25.65 -12.71 -26.82
CA TYR A 210 -24.51 -11.87 -27.27
C TYR A 210 -23.27 -12.24 -26.45
N PRO A 211 -22.68 -13.43 -26.71
CA PRO A 211 -21.51 -13.90 -25.96
C PRO A 211 -20.29 -12.95 -26.01
N LYS A 212 -20.17 -12.12 -27.05
CA LYS A 212 -19.00 -11.24 -27.26
C LYS A 212 -19.04 -10.04 -26.29
N LEU A 213 -20.17 -9.80 -25.62
CA LEU A 213 -20.30 -8.72 -24.61
C LEU A 213 -19.32 -8.98 -23.45
N THR A 214 -18.99 -10.24 -23.17
CA THR A 214 -18.02 -10.61 -22.10
C THR A 214 -16.69 -11.08 -22.72
N GLU A 215 -16.72 -11.85 -23.82
CA GLU A 215 -15.49 -12.32 -24.51
C GLU A 215 -14.62 -11.13 -24.90
N ILE A 216 -15.22 -10.09 -25.50
CA ILE A 216 -14.51 -8.85 -25.97
C ILE A 216 -14.81 -7.70 -24.99
N GLY A 217 -16.08 -7.50 -24.64
CA GLY A 217 -16.57 -6.30 -23.94
C GLY A 217 -16.02 -6.14 -22.53
N SER A 218 -15.56 -7.23 -21.90
CA SER A 218 -15.13 -7.27 -20.48
C SER A 218 -13.63 -7.02 -20.34
N GLN A 219 -12.92 -6.73 -21.43
CA GLN A 219 -11.43 -6.65 -21.48
C GLN A 219 -10.99 -5.32 -22.10
N ARG A 220 -10.03 -4.63 -21.47
CA ARG A 220 -9.32 -3.45 -22.04
C ARG A 220 -7.82 -3.76 -22.10
N SER A 221 -7.11 -3.10 -23.02
CA SER A 221 -5.63 -3.22 -23.26
C SER A 221 -4.85 -2.88 -21.99
N GLY A 222 -5.35 -1.91 -21.23
CA GLY A 222 -4.74 -1.38 -20.00
C GLY A 222 -5.58 -0.27 -19.42
N THR A 223 -5.08 0.39 -18.38
CA THR A 223 -5.78 1.49 -17.67
C THR A 223 -4.85 2.70 -17.64
N VAL A 224 -5.39 3.90 -17.90
CA VAL A 224 -4.63 5.18 -17.81
C VAL A 224 -4.21 5.37 -16.34
N ILE A 225 -3.05 6.01 -16.13
CA ILE A 225 -2.53 6.41 -14.79
C ILE A 225 -2.93 7.86 -14.56
N GLY A 226 -3.35 8.21 -13.33
CA GLY A 226 -3.81 9.56 -12.96
C GLY A 226 -5.07 9.97 -13.71
N ARG A 227 -5.30 11.27 -13.87
CA ARG A 227 -6.49 11.87 -14.52
C ARG A 227 -6.22 12.05 -16.02
N ASN A 228 -6.23 10.94 -16.76
CA ASN A 228 -5.98 10.91 -18.24
C ASN A 228 -4.66 11.63 -18.52
N SER A 229 -3.55 11.06 -18.03
CA SER A 229 -2.20 11.68 -18.00
C SER A 229 -1.40 11.38 -19.28
N GLY A 230 -1.84 10.40 -20.08
CA GLY A 230 -1.10 9.95 -21.27
C GLY A 230 -0.16 8.79 -20.98
N GLU A 231 0.27 8.63 -19.72
CA GLU A 231 0.93 7.38 -19.22
C GLU A 231 -0.15 6.32 -19.07
N TYR A 232 0.13 5.09 -19.52
CA TYR A 232 -0.82 3.95 -19.50
C TYR A 232 -0.17 2.76 -18.76
N ASP A 233 -0.97 2.11 -17.91
CA ASP A 233 -0.65 0.80 -17.30
C ASP A 233 -1.09 -0.28 -18.29
N ASN A 234 -0.16 -0.75 -19.13
CA ASN A 234 -0.44 -1.71 -20.24
C ASN A 234 -0.62 -3.12 -19.63
N THR A 235 -1.42 -3.22 -18.58
CA THR A 235 -1.86 -4.49 -17.94
C THR A 235 -3.28 -4.81 -18.44
N PRO A 236 -3.48 -5.83 -19.29
CA PRO A 236 -4.84 -6.23 -19.66
C PRO A 236 -5.68 -6.40 -18.39
N TYR A 237 -6.84 -5.75 -18.36
CA TYR A 237 -7.76 -5.68 -17.20
C TYR A 237 -9.16 -6.10 -17.64
N GLY A 238 -9.80 -6.96 -16.86
CA GLY A 238 -11.16 -7.46 -17.16
C GLY A 238 -11.78 -8.21 -16.00
N GLY A 239 -12.80 -9.01 -16.30
CA GLY A 239 -13.66 -9.67 -15.31
C GLY A 239 -15.12 -9.43 -15.62
N PHE A 240 -15.96 -10.41 -15.32
CA PHE A 240 -17.43 -10.32 -15.47
C PHE A 240 -18.07 -11.30 -14.49
N TYR A 241 -19.37 -11.17 -14.29
CA TYR A 241 -20.22 -12.11 -13.52
C TYR A 241 -20.95 -13.01 -14.51
N THR A 242 -21.01 -14.32 -14.23
CA THR A 242 -21.96 -15.27 -14.86
C THR A 242 -23.36 -14.89 -14.38
N GLN A 243 -24.40 -15.38 -15.05
CA GLN A 243 -25.82 -15.10 -14.67
C GLN A 243 -26.12 -15.79 -13.33
N GLU A 244 -25.42 -16.89 -13.02
CA GLU A 244 -25.55 -17.64 -11.73
C GLU A 244 -24.93 -16.81 -10.59
N GLN A 245 -23.78 -16.19 -10.83
CA GLN A 245 -23.07 -15.33 -9.84
C GLN A 245 -23.91 -14.09 -9.52
N ALA A 246 -24.57 -13.50 -10.52
CA ALA A 246 -25.45 -12.32 -10.36
C ALA A 246 -26.70 -12.70 -9.54
N LYS A 247 -27.24 -13.91 -9.78
CA LYS A 247 -28.37 -14.49 -8.99
C LYS A 247 -27.93 -14.66 -7.53
N GLU A 248 -26.70 -15.10 -7.31
CA GLU A 248 -26.09 -15.28 -5.96
C GLU A 248 -26.19 -13.96 -5.20
N ILE A 249 -25.85 -12.84 -5.85
CA ILE A 249 -25.87 -11.47 -5.26
C ILE A 249 -27.31 -11.05 -4.94
N VAL A 250 -28.25 -11.29 -5.87
CA VAL A 250 -29.70 -10.99 -5.69
C VAL A 250 -30.18 -11.71 -4.41
N ASP A 251 -29.88 -13.00 -4.30
CA ASP A 251 -30.35 -13.89 -3.20
C ASP A 251 -29.70 -13.45 -1.88
N TYR A 252 -28.39 -13.22 -1.88
CA TYR A 252 -27.60 -12.79 -0.69
C TYR A 252 -28.14 -11.46 -0.17
N ALA A 253 -28.44 -10.52 -1.07
CA ALA A 253 -29.02 -9.19 -0.77
C ALA A 253 -30.43 -9.36 -0.21
N ALA A 254 -31.21 -10.28 -0.77
CA ALA A 254 -32.64 -10.53 -0.46
C ALA A 254 -32.79 -11.04 0.98
N GLU A 255 -31.84 -11.83 1.47
CA GLU A 255 -31.76 -12.30 2.89
C GLU A 255 -31.68 -11.08 3.84
N ARG A 256 -31.02 -10.01 3.40
CA ARG A 256 -30.77 -8.78 4.21
C ARG A 256 -31.70 -7.65 3.78
N TYR A 257 -32.77 -7.98 3.04
CA TYR A 257 -33.94 -7.10 2.76
C TYR A 257 -33.50 -5.96 1.85
N ILE A 258 -32.55 -6.25 0.97
CA ILE A 258 -31.96 -5.30 -0.02
C ILE A 258 -32.37 -5.75 -1.42
N THR A 259 -33.10 -4.89 -2.13
CA THR A 259 -33.44 -5.05 -3.57
C THR A 259 -32.24 -4.56 -4.37
N VAL A 260 -31.74 -5.37 -5.30
CA VAL A 260 -30.62 -5.03 -6.21
C VAL A 260 -31.21 -4.43 -7.49
N VAL A 261 -31.06 -3.12 -7.68
CA VAL A 261 -31.51 -2.38 -8.90
C VAL A 261 -30.34 -2.39 -9.88
N PRO A 262 -30.42 -3.17 -10.99
CA PRO A 262 -29.34 -3.21 -11.98
C PRO A 262 -29.41 -2.01 -12.93
N GLU A 263 -28.25 -1.55 -13.42
CA GLU A 263 -28.16 -0.52 -14.48
C GLU A 263 -27.33 -1.07 -15.65
N ILE A 264 -27.94 -1.18 -16.83
CA ILE A 264 -27.23 -1.32 -18.12
C ILE A 264 -27.43 0.01 -18.86
N ASP A 265 -26.53 0.96 -18.62
CA ASP A 265 -26.59 2.38 -19.05
C ASP A 265 -26.72 2.44 -20.57
N LEU A 266 -27.73 3.15 -21.07
CA LEU A 266 -27.97 3.38 -22.52
C LEU A 266 -28.54 4.78 -22.71
N PRO A 267 -28.42 5.39 -23.91
CA PRO A 267 -27.71 4.82 -25.05
C PRO A 267 -26.21 5.17 -25.11
N GLY A 268 -25.75 6.05 -24.21
CA GLY A 268 -24.31 6.35 -23.98
C GLY A 268 -23.69 5.36 -23.02
N HIS A 269 -22.39 5.53 -22.71
CA HIS A 269 -21.63 4.66 -21.78
C HIS A 269 -21.70 3.21 -22.29
N MET A 270 -21.51 3.00 -23.60
CA MET A 270 -21.81 1.73 -24.30
C MET A 270 -20.64 1.29 -25.21
N LEU A 271 -19.43 1.83 -25.02
CA LEU A 271 -18.26 1.53 -25.89
C LEU A 271 -17.89 0.04 -25.80
N ALA A 272 -18.06 -0.59 -24.64
CA ALA A 272 -17.77 -2.03 -24.41
C ALA A 272 -18.65 -2.88 -25.33
N ALA A 273 -19.94 -2.53 -25.44
CA ALA A 273 -20.92 -3.18 -26.36
C ALA A 273 -20.53 -2.92 -27.82
N LEU A 274 -20.06 -1.71 -28.15
CA LEU A 274 -19.66 -1.32 -29.53
C LEU A 274 -18.41 -2.09 -29.95
N ALA A 275 -17.42 -2.22 -29.05
CA ALA A 275 -16.19 -3.01 -29.28
C ALA A 275 -16.58 -4.44 -29.67
N ALA A 276 -17.58 -5.00 -28.99
CA ALA A 276 -18.09 -6.37 -29.17
C ALA A 276 -18.89 -6.48 -30.47
N TYR A 277 -19.77 -5.50 -30.73
CA TYR A 277 -20.69 -5.45 -31.89
C TYR A 277 -20.66 -4.04 -32.50
N PRO A 278 -19.64 -3.74 -33.33
CA PRO A 278 -19.46 -2.40 -33.90
C PRO A 278 -20.60 -1.91 -34.80
N GLU A 279 -21.46 -2.82 -35.28
CA GLU A 279 -22.63 -2.47 -36.13
C GLU A 279 -23.66 -1.66 -35.32
N LEU A 280 -23.61 -1.70 -33.98
CA LEU A 280 -24.54 -0.99 -33.08
C LEU A 280 -24.19 0.51 -33.01
N GLY A 281 -23.02 0.90 -33.51
CA GLY A 281 -22.55 2.30 -33.53
C GLY A 281 -22.82 2.98 -34.86
N CYS A 282 -22.81 4.32 -34.87
CA CYS A 282 -23.15 5.17 -36.05
C CYS A 282 -22.09 5.00 -37.15
N THR A 283 -20.82 5.15 -36.81
CA THR A 283 -19.67 5.08 -37.78
C THR A 283 -19.43 3.62 -38.20
N GLY A 284 -19.75 2.67 -37.32
CA GLY A 284 -19.53 1.22 -37.54
C GLY A 284 -18.16 0.78 -37.07
N GLY A 285 -17.43 1.66 -36.38
CA GLY A 285 -16.11 1.37 -35.78
C GLY A 285 -14.96 1.99 -36.57
N PRO A 286 -13.69 1.67 -36.24
CA PRO A 286 -13.38 0.70 -35.19
C PRO A 286 -13.59 1.26 -33.78
N TYR A 287 -13.99 0.40 -32.84
CA TYR A 287 -14.21 0.73 -31.42
C TYR A 287 -13.35 -0.20 -30.55
N GLU A 288 -12.81 0.34 -29.45
CA GLU A 288 -12.05 -0.42 -28.43
C GLU A 288 -12.68 -0.14 -27.06
N VAL A 289 -12.70 -1.14 -26.18
CA VAL A 289 -13.07 -0.95 -24.74
C VAL A 289 -12.09 0.10 -24.20
N TRP A 290 -12.63 1.12 -23.53
CA TRP A 290 -11.90 2.39 -23.23
C TRP A 290 -10.89 2.16 -22.10
N ARG A 291 -9.67 2.67 -22.28
CA ARG A 291 -8.55 2.59 -21.30
C ARG A 291 -8.58 3.80 -20.37
N GLN A 292 -9.32 4.85 -20.73
CA GLN A 292 -9.30 6.16 -20.01
C GLN A 292 -10.71 6.53 -19.54
N TRP A 293 -10.85 7.63 -18.80
CA TRP A 293 -12.09 8.06 -18.11
C TRP A 293 -12.75 9.22 -18.86
N GLY A 294 -13.97 9.57 -18.45
CA GLY A 294 -14.75 10.71 -18.98
C GLY A 294 -15.93 10.26 -19.80
N VAL A 295 -16.26 11.02 -20.84
CA VAL A 295 -17.51 10.88 -21.66
C VAL A 295 -17.09 10.58 -23.11
N ALA A 296 -17.57 9.44 -23.64
CA ALA A 296 -17.29 8.99 -25.02
C ALA A 296 -18.42 9.46 -25.95
N ASP A 297 -18.03 9.97 -27.12
CA ASP A 297 -18.95 10.47 -28.18
C ASP A 297 -19.57 9.29 -28.94
N ASP A 298 -18.89 8.13 -28.95
CA ASP A 298 -19.35 6.92 -29.69
C ASP A 298 -20.39 6.19 -28.84
N VAL A 299 -21.65 6.24 -29.27
CA VAL A 299 -22.84 5.75 -28.51
C VAL A 299 -23.65 4.84 -29.42
N LEU A 300 -24.68 4.19 -28.87
CA LEU A 300 -25.61 3.33 -29.64
C LEU A 300 -26.30 4.19 -30.72
N CYS A 301 -26.48 3.62 -31.91
CA CYS A 301 -27.14 4.27 -33.08
C CYS A 301 -28.66 4.12 -32.95
N ALA A 302 -29.36 5.20 -32.57
CA ALA A 302 -30.82 5.25 -32.40
C ALA A 302 -31.55 4.95 -33.71
N GLY A 303 -30.90 5.19 -34.86
CA GLY A 303 -31.47 5.01 -36.21
C GLY A 303 -31.38 3.56 -36.69
N ASN A 304 -30.72 2.70 -35.92
CA ASN A 304 -30.46 1.27 -36.28
C ASN A 304 -31.48 0.39 -35.57
N ASP A 305 -32.27 -0.37 -36.32
CA ASP A 305 -33.30 -1.30 -35.77
C ASP A 305 -32.60 -2.42 -34.98
N GLN A 306 -31.36 -2.79 -35.35
CA GLN A 306 -30.53 -3.80 -34.62
C GLN A 306 -30.31 -3.34 -33.16
N VAL A 307 -30.12 -2.04 -32.94
CA VAL A 307 -29.84 -1.44 -31.59
C VAL A 307 -31.05 -1.63 -30.67
N LEU A 308 -32.26 -1.39 -31.18
CA LEU A 308 -33.51 -1.50 -30.38
C LEU A 308 -33.76 -2.97 -30.05
N LYS A 309 -33.60 -3.86 -31.04
CA LYS A 309 -33.69 -5.34 -30.88
C LYS A 309 -32.65 -5.79 -29.83
N PHE A 310 -31.43 -5.26 -29.90
CA PHE A 310 -30.31 -5.58 -28.99
C PHE A 310 -30.69 -5.24 -27.54
N LEU A 311 -31.25 -4.04 -27.30
CA LEU A 311 -31.65 -3.57 -25.95
C LEU A 311 -32.77 -4.45 -25.40
N GLU A 312 -33.81 -4.72 -26.19
CA GLU A 312 -34.94 -5.62 -25.84
C GLU A 312 -34.39 -6.99 -25.39
N ASP A 313 -33.43 -7.55 -26.14
CA ASP A 313 -32.86 -8.91 -25.89
C ASP A 313 -32.07 -8.88 -24.57
N VAL A 314 -31.20 -7.89 -24.40
CA VAL A 314 -30.32 -7.74 -23.18
C VAL A 314 -31.21 -7.55 -21.95
N TYR A 315 -32.19 -6.63 -22.01
CA TYR A 315 -33.09 -6.31 -20.87
C TYR A 315 -34.03 -7.49 -20.61
N GLY A 316 -34.43 -8.21 -21.67
CA GLY A 316 -35.18 -9.47 -21.56
C GLY A 316 -34.48 -10.48 -20.67
N GLU A 317 -33.16 -10.64 -20.85
CA GLU A 317 -32.30 -11.55 -20.02
C GLU A 317 -32.07 -10.95 -18.63
N LEU A 318 -31.90 -9.62 -18.54
CA LEU A 318 -31.62 -8.90 -17.26
C LEU A 318 -32.74 -9.16 -16.24
N ILE A 319 -34.01 -9.05 -16.65
CA ILE A 319 -35.18 -9.09 -15.73
C ILE A 319 -35.48 -10.54 -15.30
N GLU A 320 -34.90 -11.54 -15.97
CA GLU A 320 -34.96 -12.97 -15.55
C GLU A 320 -33.99 -13.21 -14.38
N ILE A 321 -32.92 -12.43 -14.28
CA ILE A 321 -31.89 -12.52 -13.21
C ILE A 321 -32.30 -11.61 -12.03
N PHE A 322 -32.78 -10.40 -12.32
CA PHE A 322 -33.06 -9.34 -11.33
C PHE A 322 -34.58 -9.13 -11.23
N PRO A 323 -35.23 -9.57 -10.14
CA PRO A 323 -36.67 -9.38 -9.96
C PRO A 323 -37.11 -7.95 -9.54
N SER A 324 -36.17 -7.08 -9.17
CA SER A 324 -36.45 -5.67 -8.79
C SER A 324 -37.54 -5.10 -9.70
N GLU A 325 -38.62 -4.56 -9.13
CA GLU A 325 -39.72 -3.91 -9.89
C GLU A 325 -39.13 -2.78 -10.74
N TYR A 326 -38.17 -2.02 -10.18
CA TYR A 326 -37.51 -0.87 -10.83
C TYR A 326 -36.18 -1.33 -11.44
N ILE A 327 -35.96 -0.93 -12.70
CA ILE A 327 -34.76 -1.26 -13.53
C ILE A 327 -34.18 0.08 -14.01
N HIS A 328 -32.87 0.29 -13.82
CA HIS A 328 -32.16 1.55 -14.16
C HIS A 328 -31.63 1.44 -15.59
N VAL A 329 -32.03 2.35 -16.48
CA VAL A 329 -31.67 2.33 -17.93
C VAL A 329 -30.57 3.38 -18.20
N GLY A 330 -30.19 4.17 -17.20
CA GLY A 330 -29.11 5.17 -17.30
C GLY A 330 -29.58 6.44 -17.99
N GLY A 331 -28.98 6.75 -19.15
CA GLY A 331 -29.35 7.90 -20.00
C GLY A 331 -28.46 9.12 -19.75
N ASP A 332 -27.46 8.99 -18.89
CA ASP A 332 -26.51 10.08 -18.54
C ASP A 332 -25.51 10.28 -19.67
N GLU A 333 -25.02 11.52 -19.84
CA GLU A 333 -23.82 11.88 -20.64
C GLU A 333 -23.81 11.11 -21.96
N CYS A 334 -24.85 11.28 -22.77
CA CYS A 334 -24.93 10.78 -24.17
C CYS A 334 -24.78 11.97 -25.11
N PRO A 335 -23.55 12.27 -25.60
CA PRO A 335 -23.36 13.35 -26.57
C PRO A 335 -24.11 13.02 -27.86
N LYS A 336 -24.58 14.07 -28.55
CA LYS A 336 -25.49 13.98 -29.72
C LYS A 336 -24.69 14.13 -31.02
N VAL A 337 -23.38 14.34 -30.89
CA VAL A 337 -22.43 14.70 -31.98
C VAL A 337 -22.46 13.65 -33.10
N ARG A 338 -22.46 12.35 -32.77
CA ARG A 338 -22.51 11.25 -33.77
C ARG A 338 -23.88 11.23 -34.45
N TRP A 339 -24.95 11.38 -33.66
CA TRP A 339 -26.37 11.39 -34.12
C TRP A 339 -26.60 12.51 -35.14
N GLU A 340 -25.99 13.68 -34.94
CA GLU A 340 -26.10 14.87 -35.81
C GLU A 340 -25.59 14.56 -37.22
N LYS A 341 -24.58 13.69 -37.33
CA LYS A 341 -23.82 13.39 -38.59
C LYS A 341 -24.28 12.07 -39.20
N CYS A 342 -25.07 11.28 -38.49
CA CYS A 342 -25.46 9.89 -38.84
C CYS A 342 -26.69 9.90 -39.74
N PRO A 343 -26.59 9.40 -41.01
CA PRO A 343 -27.75 9.35 -41.90
C PRO A 343 -28.94 8.54 -41.36
N LYS A 344 -28.69 7.47 -40.60
CA LYS A 344 -29.74 6.59 -40.04
C LYS A 344 -30.50 7.32 -38.94
N CYS A 345 -29.79 7.94 -37.99
CA CYS A 345 -30.38 8.71 -36.86
C CYS A 345 -31.18 9.90 -37.41
N GLN A 346 -30.69 10.57 -38.45
CA GLN A 346 -31.37 11.73 -39.08
C GLN A 346 -32.63 11.25 -39.84
N ALA A 347 -32.60 10.05 -40.41
CA ALA A 347 -33.75 9.40 -41.10
C ALA A 347 -34.84 9.09 -40.07
N ARG A 348 -34.46 8.61 -38.89
CA ARG A 348 -35.37 8.34 -37.75
C ARG A 348 -36.03 9.64 -37.31
N ILE A 349 -35.25 10.71 -37.19
CA ILE A 349 -35.71 12.06 -36.75
C ILE A 349 -36.73 12.60 -37.78
N LYS A 350 -36.39 12.50 -39.07
CA LYS A 350 -37.23 12.99 -40.19
C LYS A 350 -38.58 12.25 -40.20
N ALA A 351 -38.54 10.92 -40.07
CA ALA A 351 -39.72 10.03 -40.15
C ALA A 351 -40.65 10.22 -38.95
N LEU A 352 -40.10 10.54 -37.78
CA LEU A 352 -40.87 10.79 -36.52
C LEU A 352 -41.35 12.25 -36.46
N GLY A 353 -40.90 13.11 -37.38
CA GLY A 353 -41.23 14.54 -37.43
C GLY A 353 -40.68 15.31 -36.23
N LEU A 354 -39.50 14.92 -35.73
CA LEU A 354 -38.85 15.55 -34.54
C LEU A 354 -38.23 16.89 -34.97
N LYS A 355 -38.44 17.94 -34.17
CA LYS A 355 -38.03 19.33 -34.49
C LYS A 355 -37.21 19.92 -33.34
N SER A 356 -36.34 20.89 -33.67
CA SER A 356 -35.64 21.77 -32.70
C SER A 356 -36.59 22.91 -32.32
N ASP A 357 -36.81 23.12 -31.02
CA ASP A 357 -37.49 24.32 -30.45
C ASP A 357 -36.70 24.75 -29.21
N LYS A 358 -37.27 25.64 -28.39
CA LYS A 358 -36.60 26.24 -27.20
C LYS A 358 -36.45 25.20 -26.08
N ASN A 359 -37.25 24.14 -26.09
CA ASN A 359 -37.30 23.12 -25.01
C ASN A 359 -36.33 21.97 -25.29
N HIS A 360 -36.04 21.68 -26.56
CA HIS A 360 -35.30 20.47 -26.99
C HIS A 360 -34.73 20.63 -28.41
N SER A 361 -33.56 20.05 -28.66
CA SER A 361 -33.02 19.79 -30.01
C SER A 361 -33.70 18.54 -30.59
N LYS A 362 -33.58 18.34 -31.90
CA LYS A 362 -34.01 17.10 -32.61
C LYS A 362 -33.37 15.87 -31.94
N GLU A 363 -32.08 15.94 -31.61
CA GLU A 363 -31.29 14.78 -31.12
C GLU A 363 -31.67 14.49 -29.66
N GLU A 364 -32.15 15.48 -28.92
CA GLU A 364 -32.68 15.31 -27.54
C GLU A 364 -34.05 14.62 -27.63
N ARG A 365 -34.86 14.97 -28.63
CA ARG A 365 -36.16 14.28 -28.91
C ARG A 365 -35.86 12.83 -29.32
N LEU A 366 -34.78 12.61 -30.07
CA LEU A 366 -34.35 11.25 -30.50
C LEU A 366 -33.94 10.41 -29.29
N GLN A 367 -33.30 11.01 -28.28
CA GLN A 367 -32.95 10.30 -27.03
C GLN A 367 -34.24 9.88 -26.32
N SER A 368 -35.22 10.78 -26.25
CA SER A 368 -36.54 10.55 -25.60
C SER A 368 -37.24 9.34 -26.25
N PHE A 369 -37.10 9.18 -27.57
CA PHE A 369 -37.62 8.03 -28.36
C PHE A 369 -36.98 6.73 -27.83
N VAL A 370 -35.66 6.71 -27.64
CA VAL A 370 -34.91 5.51 -27.17
C VAL A 370 -35.39 5.15 -25.76
N ILE A 371 -35.44 6.12 -24.84
CA ILE A 371 -35.87 5.90 -23.42
C ILE A 371 -37.33 5.42 -23.42
N ASN A 372 -38.20 6.03 -24.23
CA ASN A 372 -39.63 5.64 -24.37
C ASN A 372 -39.73 4.18 -24.86
N HIS A 373 -38.90 3.80 -25.84
CA HIS A 373 -38.90 2.44 -26.44
C HIS A 373 -38.62 1.39 -25.36
N ILE A 374 -37.57 1.59 -24.55
CA ILE A 374 -37.16 0.61 -23.51
C ILE A 374 -38.14 0.65 -22.33
N GLU A 375 -38.72 1.82 -22.00
CA GLU A 375 -39.76 1.92 -20.94
C GLU A 375 -40.97 1.06 -21.34
N LYS A 376 -41.44 1.22 -22.58
CA LYS A 376 -42.64 0.50 -23.10
C LYS A 376 -42.42 -1.01 -22.99
N PHE A 377 -41.25 -1.49 -23.43
CA PHE A 377 -40.87 -2.92 -23.38
C PHE A 377 -40.86 -3.42 -21.92
N LEU A 378 -40.35 -2.62 -20.98
CA LEU A 378 -40.20 -3.03 -19.56
C LEU A 378 -41.54 -2.95 -18.84
N ASN A 379 -42.37 -1.96 -19.16
CA ASN A 379 -43.76 -1.81 -18.62
C ASN A 379 -44.62 -3.00 -19.08
N ASP A 380 -44.38 -3.52 -20.29
CA ASP A 380 -45.10 -4.68 -20.87
C ASP A 380 -44.71 -5.97 -20.11
N HIS A 381 -43.53 -5.99 -19.48
CA HIS A 381 -43.01 -7.14 -18.69
C HIS A 381 -43.14 -6.87 -17.18
N GLY A 382 -43.90 -5.84 -16.79
CA GLY A 382 -44.30 -5.55 -15.40
C GLY A 382 -43.24 -4.79 -14.61
N ARG A 383 -42.26 -4.17 -15.28
CA ARG A 383 -41.17 -3.40 -14.60
C ARG A 383 -41.31 -1.91 -14.92
N GLN A 384 -40.87 -1.06 -13.98
CA GLN A 384 -40.77 0.42 -14.13
C GLN A 384 -39.30 0.77 -14.41
N ILE A 385 -39.03 1.95 -14.96
CA ILE A 385 -37.64 2.42 -15.25
C ILE A 385 -37.26 3.55 -14.30
N ILE A 386 -36.00 3.56 -13.88
CA ILE A 386 -35.28 4.73 -13.31
C ILE A 386 -34.29 5.20 -14.39
N GLY A 387 -34.16 6.52 -14.56
CA GLY A 387 -33.12 7.12 -15.41
C GLY A 387 -32.44 8.27 -14.71
N TRP A 388 -31.20 8.59 -15.11
CA TRP A 388 -30.48 9.82 -14.68
C TRP A 388 -31.25 11.04 -15.23
N ASP A 389 -31.07 12.21 -14.61
CA ASP A 389 -31.92 13.41 -14.87
C ASP A 389 -31.81 13.87 -16.33
N GLU A 390 -30.81 13.42 -17.10
CA GLU A 390 -30.70 13.70 -18.56
C GLU A 390 -31.91 13.15 -19.33
N ILE A 391 -32.64 12.16 -18.80
CA ILE A 391 -33.81 11.57 -19.52
C ILE A 391 -34.96 12.59 -19.55
N LEU A 392 -34.83 13.74 -18.88
CA LEU A 392 -35.74 14.90 -19.03
C LEU A 392 -35.62 15.46 -20.45
N GLU A 393 -34.44 15.36 -21.07
CA GLU A 393 -34.15 15.85 -22.45
C GLU A 393 -35.17 15.25 -23.43
N GLY A 394 -35.83 16.12 -24.21
CA GLY A 394 -36.76 15.73 -25.29
C GLY A 394 -38.10 15.26 -24.77
N GLY A 395 -38.39 15.48 -23.48
CA GLY A 395 -39.66 15.04 -22.85
C GLY A 395 -39.49 13.72 -22.12
N LEU A 396 -39.89 13.70 -20.85
CA LEU A 396 -39.76 12.56 -19.91
C LEU A 396 -40.67 11.41 -20.39
N ALA A 397 -40.21 10.16 -20.27
CA ALA A 397 -41.03 8.95 -20.50
C ALA A 397 -42.14 8.93 -19.45
N PRO A 398 -43.42 8.71 -19.84
CA PRO A 398 -44.56 9.01 -18.97
C PRO A 398 -44.59 8.33 -17.59
N ASN A 399 -43.94 7.17 -17.42
CA ASN A 399 -43.95 6.38 -16.15
C ASN A 399 -42.58 6.41 -15.46
N ALA A 400 -41.63 7.22 -15.95
CA ALA A 400 -40.20 7.17 -15.54
C ALA A 400 -40.02 7.79 -14.15
N THR A 401 -39.15 7.16 -13.34
CA THR A 401 -38.57 7.72 -12.09
C THR A 401 -37.23 8.39 -12.45
N VAL A 402 -36.97 9.59 -11.93
CA VAL A 402 -35.76 10.40 -12.24
C VAL A 402 -34.78 10.30 -11.07
N MET A 403 -33.53 9.92 -11.35
CA MET A 403 -32.41 9.96 -10.38
C MET A 403 -31.63 11.26 -10.62
N SER A 404 -31.80 12.25 -9.74
CA SER A 404 -31.19 13.60 -9.85
C SER A 404 -29.76 13.56 -9.32
N TRP A 405 -28.77 13.80 -10.20
CA TRP A 405 -27.34 13.74 -9.85
C TRP A 405 -26.63 15.07 -10.18
N ARG A 406 -27.01 15.76 -11.25
CA ARG A 406 -26.47 17.11 -11.59
C ARG A 406 -27.13 18.12 -10.65
N GLY A 407 -26.71 18.13 -9.39
CA GLY A 407 -27.38 18.88 -8.31
C GLY A 407 -28.79 18.36 -8.08
N GLU A 408 -29.69 19.23 -7.60
CA GLU A 408 -31.07 18.88 -7.19
C GLU A 408 -32.08 19.25 -8.29
N SER A 409 -31.68 20.05 -9.29
CA SER A 409 -32.62 20.78 -10.20
C SER A 409 -33.42 19.81 -11.08
N GLY A 410 -32.80 18.72 -11.56
CA GLY A 410 -33.48 17.66 -12.32
C GLY A 410 -34.62 17.02 -11.52
N GLY A 411 -34.36 16.71 -10.25
CA GLY A 411 -35.35 16.16 -9.31
C GLY A 411 -36.50 17.11 -9.08
N ILE A 412 -36.19 18.40 -8.88
CA ILE A 412 -37.18 19.47 -8.61
C ILE A 412 -38.13 19.60 -9.82
N GLU A 413 -37.59 19.58 -11.04
CA GLU A 413 -38.37 19.71 -12.30
C GLU A 413 -39.25 18.46 -12.47
N ALA A 414 -38.69 17.27 -12.21
CA ALA A 414 -39.39 15.96 -12.30
C ALA A 414 -40.56 15.90 -11.30
N ALA A 415 -40.35 16.34 -10.07
CA ALA A 415 -41.37 16.39 -9.00
C ALA A 415 -42.53 17.30 -9.42
N LYS A 416 -42.23 18.42 -10.09
CA LYS A 416 -43.23 19.40 -10.57
C LYS A 416 -44.07 18.80 -11.70
N GLN A 417 -43.52 17.84 -12.45
CA GLN A 417 -44.23 17.10 -13.54
C GLN A 417 -44.91 15.84 -12.97
N LYS A 418 -44.83 15.63 -11.65
CA LYS A 418 -45.50 14.53 -10.89
C LYS A 418 -44.88 13.17 -11.25
N HIS A 419 -43.55 13.14 -11.42
CA HIS A 419 -42.73 11.91 -11.56
C HIS A 419 -41.98 11.66 -10.25
N ASP A 420 -41.90 10.41 -9.82
CA ASP A 420 -41.13 9.97 -8.63
C ASP A 420 -39.65 10.32 -8.84
N VAL A 421 -38.97 10.74 -7.77
CA VAL A 421 -37.55 11.19 -7.78
C VAL A 421 -36.77 10.39 -6.74
N ILE A 422 -35.55 9.98 -7.10
CA ILE A 422 -34.51 9.52 -6.14
C ILE A 422 -33.39 10.56 -6.19
N MET A 423 -33.10 11.20 -5.05
CA MET A 423 -32.05 12.25 -4.95
C MET A 423 -30.68 11.57 -4.76
N THR A 424 -29.76 11.78 -5.71
CA THR A 424 -28.32 11.42 -5.59
C THR A 424 -27.46 12.62 -6.02
N PRO A 425 -27.76 13.85 -5.53
CA PRO A 425 -27.04 15.04 -6.00
C PRO A 425 -25.54 15.00 -5.72
N ASN A 426 -24.72 15.32 -6.73
CA ASN A 426 -23.23 15.31 -6.66
C ASN A 426 -22.73 16.45 -5.75
N THR A 427 -23.62 17.36 -5.34
CA THR A 427 -23.33 18.47 -4.39
C THR A 427 -23.28 17.93 -2.94
N TYR A 428 -23.78 16.71 -2.70
CA TYR A 428 -23.89 16.12 -1.33
C TYR A 428 -23.51 14.63 -1.27
N LEU A 429 -23.77 13.83 -2.31
CA LEU A 429 -23.79 12.34 -2.20
C LEU A 429 -22.94 11.64 -3.27
N TYR A 430 -21.92 12.29 -3.82
CA TYR A 430 -20.93 11.65 -4.74
C TYR A 430 -19.67 11.29 -3.94
N PHE A 431 -19.59 10.04 -3.47
CA PHE A 431 -18.59 9.61 -2.46
C PHE A 431 -17.31 9.09 -3.14
N ASP A 432 -17.13 9.36 -4.43
CA ASP A 432 -15.82 9.27 -5.12
C ASP A 432 -15.05 10.59 -4.89
N TYR A 433 -15.74 11.65 -4.47
CA TYR A 433 -15.15 12.98 -4.14
C TYR A 433 -14.34 12.89 -2.84
N TYR A 434 -13.25 13.65 -2.75
CA TYR A 434 -12.41 13.79 -1.52
C TYR A 434 -13.29 14.18 -0.33
N GLN A 435 -13.00 13.62 0.84
CA GLN A 435 -13.74 13.88 2.10
C GLN A 435 -12.88 14.74 3.05
N ALA A 436 -11.78 15.31 2.55
CA ALA A 436 -10.88 16.24 3.26
C ALA A 436 -10.33 17.31 2.30
N LYS A 437 -10.05 18.50 2.84
CA LYS A 437 -9.57 19.70 2.08
C LYS A 437 -8.11 19.49 1.68
N ASP A 438 -7.36 18.77 2.52
CA ASP A 438 -5.90 18.49 2.36
C ASP A 438 -5.72 17.26 1.47
N THR A 439 -5.91 17.42 0.15
CA THR A 439 -6.05 16.30 -0.83
C THR A 439 -4.70 15.61 -1.04
N GLU A 440 -3.58 16.27 -0.74
CA GLU A 440 -2.21 15.71 -0.84
C GLU A 440 -2.08 14.43 -0.01
N ASN A 441 -2.69 14.39 1.18
CA ASN A 441 -2.56 13.31 2.18
C ASN A 441 -3.73 12.32 2.06
N GLU A 442 -4.61 12.50 1.06
CA GLU A 442 -5.73 11.57 0.75
C GLU A 442 -5.29 10.59 -0.32
N PRO A 443 -5.89 9.38 -0.40
CA PRO A 443 -5.73 8.53 -1.58
C PRO A 443 -6.18 9.29 -2.83
N PHE A 444 -5.45 9.12 -3.94
CA PHE A 444 -5.68 9.81 -5.23
C PHE A 444 -7.15 9.62 -5.65
N GLY A 445 -7.81 10.71 -6.05
CA GLY A 445 -9.26 10.72 -6.38
C GLY A 445 -9.59 11.69 -7.50
N ILE A 446 -10.87 11.77 -7.87
CA ILE A 446 -11.37 12.56 -9.04
C ILE A 446 -11.27 14.07 -8.72
N GLY A 447 -11.54 14.47 -7.47
CA GLY A 447 -11.55 15.87 -7.03
C GLY A 447 -12.73 16.14 -6.11
N GLY A 448 -13.19 17.39 -6.07
CA GLY A 448 -14.35 17.83 -5.27
C GLY A 448 -14.02 17.86 -3.78
N TYR A 449 -15.00 18.21 -2.95
CA TYR A 449 -14.91 18.28 -1.47
C TYR A 449 -16.27 17.97 -0.87
N LEU A 450 -16.43 16.76 -0.33
CA LEU A 450 -17.66 16.30 0.40
C LEU A 450 -17.24 15.76 1.77
N PRO A 451 -17.07 16.64 2.78
CA PRO A 451 -16.77 16.19 4.14
C PRO A 451 -18.04 15.68 4.84
N MET A 452 -17.87 14.97 5.95
CA MET A 452 -18.96 14.42 6.80
C MET A 452 -20.03 15.49 7.06
N GLU A 453 -19.62 16.69 7.49
CA GLU A 453 -20.53 17.81 7.88
C GLU A 453 -21.47 18.14 6.71
N ARG A 454 -20.94 18.26 5.49
CA ARG A 454 -21.73 18.62 4.28
C ARG A 454 -22.78 17.53 4.01
N VAL A 455 -22.35 16.26 4.02
CA VAL A 455 -23.24 15.07 3.80
C VAL A 455 -24.41 15.17 4.80
N TYR A 456 -24.11 15.40 6.08
CA TYR A 456 -25.11 15.41 7.19
C TYR A 456 -26.06 16.60 7.05
N SER A 457 -25.59 17.74 6.53
CA SER A 457 -26.40 18.98 6.40
C SER A 457 -27.49 18.80 5.33
N TYR A 458 -27.33 17.84 4.41
CA TYR A 458 -28.28 17.60 3.30
C TYR A 458 -29.70 17.38 3.84
N GLU A 459 -30.65 18.21 3.37
CA GLU A 459 -32.11 18.00 3.53
C GLU A 459 -32.65 17.56 2.17
N PRO A 460 -33.04 16.28 1.98
CA PRO A 460 -33.46 15.78 0.67
C PRO A 460 -34.70 16.47 0.09
N MET A 461 -35.65 16.88 0.94
CA MET A 461 -36.88 17.62 0.53
C MET A 461 -36.49 19.07 0.22
N PRO A 462 -36.51 19.50 -1.06
CA PRO A 462 -36.19 20.89 -1.40
C PRO A 462 -37.23 21.85 -0.80
N ALA A 463 -36.78 22.98 -0.26
CA ALA A 463 -37.62 24.06 0.31
C ALA A 463 -38.49 24.69 -0.79
N SER A 464 -38.10 24.54 -2.06
CA SER A 464 -38.72 25.21 -3.24
C SER A 464 -39.93 24.42 -3.76
N LEU A 465 -40.14 23.19 -3.27
CA LEU A 465 -41.32 22.35 -3.63
C LEU A 465 -42.45 22.60 -2.61
N THR A 466 -43.70 22.60 -3.08
CA THR A 466 -44.93 22.59 -2.23
C THR A 466 -45.02 21.24 -1.53
N PRO A 467 -45.56 21.18 -0.28
CA PRO A 467 -45.86 19.91 0.38
C PRO A 467 -46.27 18.75 -0.54
N ASP A 468 -47.21 18.98 -1.46
CA ASP A 468 -47.76 17.94 -2.37
C ASP A 468 -46.67 17.45 -3.33
N GLU A 469 -45.79 18.35 -3.79
CA GLU A 469 -44.68 18.02 -4.73
C GLU A 469 -43.61 17.20 -4.00
N GLN A 470 -43.49 17.38 -2.68
CA GLN A 470 -42.45 16.72 -1.83
C GLN A 470 -42.71 15.22 -1.72
N GLN A 471 -43.96 14.76 -1.85
CA GLN A 471 -44.33 13.32 -1.77
C GLN A 471 -43.72 12.55 -2.94
N TYR A 472 -43.18 13.24 -3.95
CA TYR A 472 -42.57 12.64 -5.16
C TYR A 472 -41.08 12.37 -4.93
N ILE A 473 -40.49 12.88 -3.85
CA ILE A 473 -39.12 12.51 -3.38
C ILE A 473 -39.24 11.18 -2.62
N LYS A 474 -38.95 10.07 -3.30
CA LYS A 474 -39.15 8.69 -2.78
C LYS A 474 -37.88 8.18 -2.10
N GLY A 475 -36.70 8.63 -2.55
CA GLY A 475 -35.43 7.99 -2.20
C GLY A 475 -34.29 8.96 -2.05
N VAL A 476 -33.25 8.53 -1.32
CA VAL A 476 -31.93 9.20 -1.15
C VAL A 476 -30.84 8.13 -1.31
N GLN A 477 -29.80 8.41 -2.10
CA GLN A 477 -28.74 7.41 -2.41
C GLN A 477 -27.42 8.14 -2.68
N ALA A 478 -26.31 7.55 -2.23
CA ALA A 478 -24.93 8.02 -2.51
C ALA A 478 -24.30 7.09 -3.55
N ASN A 479 -23.59 7.66 -4.52
CA ASN A 479 -22.98 6.92 -5.66
C ASN A 479 -21.48 6.77 -5.39
N LEU A 480 -20.91 5.60 -5.75
CA LEU A 480 -19.45 5.37 -5.73
C LEU A 480 -18.98 4.98 -7.14
N TRP A 481 -18.52 5.97 -7.91
CA TRP A 481 -17.83 5.77 -9.21
C TRP A 481 -16.38 5.40 -8.90
N THR A 482 -15.78 4.50 -9.68
CA THR A 482 -14.54 3.79 -9.28
C THR A 482 -13.42 3.99 -10.31
N GLU A 483 -13.39 5.13 -11.01
CA GLU A 483 -12.25 5.49 -11.90
C GLU A 483 -10.94 5.42 -11.10
N TYR A 484 -10.95 5.83 -9.83
CA TYR A 484 -9.74 5.97 -8.97
C TYR A 484 -9.84 5.05 -7.75
N ILE A 485 -10.64 3.98 -7.82
CA ILE A 485 -10.85 3.00 -6.71
C ILE A 485 -10.63 1.59 -7.25
N ALA A 486 -9.43 1.05 -7.05
CA ALA A 486 -8.94 -0.23 -7.61
C ALA A 486 -9.02 -1.36 -6.57
N THR A 487 -9.00 -1.03 -5.27
CA THR A 487 -9.08 -1.99 -4.14
C THR A 487 -10.40 -1.76 -3.39
N PHE A 488 -10.96 -2.81 -2.80
CA PHE A 488 -12.18 -2.75 -1.97
C PHE A 488 -11.90 -1.98 -0.68
N SER A 489 -10.67 -2.08 -0.17
CA SER A 489 -10.20 -1.37 1.05
C SER A 489 -10.33 0.16 0.86
N HIS A 490 -9.99 0.66 -0.34
CA HIS A 490 -10.10 2.10 -0.69
C HIS A 490 -11.57 2.48 -0.88
N ALA A 491 -12.39 1.56 -1.44
CA ALA A 491 -13.85 1.75 -1.60
C ALA A 491 -14.50 1.98 -0.23
N GLN A 492 -14.10 1.19 0.77
CA GLN A 492 -14.59 1.29 2.18
C GLN A 492 -14.20 2.67 2.75
N TYR A 493 -12.93 3.07 2.59
CA TYR A 493 -12.39 4.38 3.02
C TYR A 493 -13.29 5.50 2.48
N MET A 494 -13.77 5.36 1.24
CA MET A 494 -14.52 6.42 0.53
C MET A 494 -15.98 6.48 0.97
N VAL A 495 -16.56 5.38 1.47
CA VAL A 495 -18.01 5.31 1.84
C VAL A 495 -18.21 5.30 3.36
N LEU A 496 -17.21 4.88 4.15
CA LEU A 496 -17.27 4.86 5.64
C LEU A 496 -16.33 5.92 6.18
N PRO A 497 -16.76 6.81 7.12
CA PRO A 497 -18.09 6.78 7.71
C PRO A 497 -19.15 7.70 7.06
N ARG A 498 -19.01 8.06 5.79
CA ARG A 498 -19.93 9.01 5.11
C ARG A 498 -21.32 8.37 4.97
N TRP A 499 -21.40 7.05 4.85
CA TRP A 499 -22.67 6.26 4.83
C TRP A 499 -23.45 6.48 6.13
N ALA A 500 -22.74 6.61 7.26
CA ALA A 500 -23.32 6.85 8.60
C ALA A 500 -24.12 8.16 8.60
N ALA A 501 -23.57 9.23 8.01
CA ALA A 501 -24.23 10.54 7.85
C ALA A 501 -25.41 10.39 6.88
N LEU A 502 -25.19 9.72 5.74
CA LEU A 502 -26.23 9.47 4.70
C LEU A 502 -27.43 8.75 5.30
N CYS A 503 -27.20 7.75 6.15
CA CYS A 503 -28.26 6.82 6.62
C CYS A 503 -29.15 7.53 7.66
N GLU A 504 -28.60 8.49 8.40
CA GLU A 504 -29.39 9.38 9.31
C GLU A 504 -30.32 10.25 8.45
N VAL A 505 -29.84 10.75 7.31
CA VAL A 505 -30.62 11.57 6.35
C VAL A 505 -31.73 10.70 5.75
N GLN A 506 -31.38 9.50 5.30
CA GLN A 506 -32.31 8.50 4.69
C GLN A 506 -33.42 8.12 5.68
N TRP A 507 -33.09 8.00 6.98
CA TRP A 507 -33.91 7.28 7.98
C TRP A 507 -34.57 8.26 8.96
N SER A 508 -33.79 9.08 9.66
CA SER A 508 -34.24 9.92 10.81
C SER A 508 -35.12 11.07 10.33
N THR A 509 -36.07 11.49 11.17
CA THR A 509 -36.97 12.66 10.94
C THR A 509 -36.11 13.93 11.00
N PRO A 510 -36.35 14.93 10.12
CA PRO A 510 -35.47 16.09 9.99
C PRO A 510 -35.32 16.98 11.25
N ASP A 511 -36.32 16.98 12.15
CA ASP A 511 -36.33 17.81 13.38
C ASP A 511 -35.37 17.23 14.43
N LYS A 512 -34.96 15.97 14.29
CA LYS A 512 -34.10 15.23 15.25
C LYS A 512 -32.61 15.44 14.91
N LYS A 513 -32.31 16.11 13.79
CA LYS A 513 -30.93 16.21 13.24
C LYS A 513 -30.15 17.31 13.96
N ASN A 514 -29.02 16.94 14.56
CA ASN A 514 -28.05 17.81 15.26
C ASN A 514 -26.65 17.23 15.02
N TYR A 515 -25.76 17.99 14.38
CA TYR A 515 -24.44 17.48 13.90
C TYR A 515 -23.55 17.10 15.09
N GLU A 516 -23.45 17.95 16.12
CA GLU A 516 -22.66 17.72 17.36
C GLU A 516 -23.07 16.38 17.99
N ASP A 517 -24.38 16.12 18.10
CA ASP A 517 -24.96 14.89 18.71
C ASP A 517 -24.61 13.65 17.87
N PHE A 518 -24.74 13.75 16.54
CA PHE A 518 -24.43 12.66 15.58
C PHE A 518 -22.97 12.23 15.77
N LEU A 519 -22.05 13.20 15.83
CA LEU A 519 -20.59 12.98 15.98
C LEU A 519 -20.29 12.31 17.33
N SER A 520 -21.09 12.58 18.37
CA SER A 520 -20.93 11.96 19.71
C SER A 520 -21.40 10.50 19.67
N ARG A 521 -22.23 10.14 18.69
CA ARG A 521 -22.77 8.77 18.52
C ARG A 521 -21.88 7.96 17.56
N LEU A 522 -21.13 8.62 16.67
CA LEU A 522 -20.34 7.97 15.58
C LEU A 522 -19.33 6.95 16.13
N PRO A 523 -18.58 7.24 17.22
CA PRO A 523 -17.55 6.32 17.70
C PRO A 523 -18.03 4.91 18.07
N ARG A 524 -19.26 4.80 18.59
CA ARG A 524 -19.90 3.50 18.96
C ARG A 524 -20.21 2.69 17.69
N LEU A 525 -20.44 3.36 16.55
CA LEU A 525 -20.66 2.69 15.25
C LEU A 525 -19.31 2.26 14.65
N ILE A 526 -18.25 3.05 14.86
CA ILE A 526 -16.89 2.76 14.31
C ILE A 526 -16.37 1.46 14.97
N LYS A 527 -16.76 1.20 16.21
CA LYS A 527 -16.44 -0.05 16.96
C LYS A 527 -16.94 -1.27 16.17
N TRP A 528 -18.09 -1.15 15.51
CA TRP A 528 -18.70 -2.23 14.68
C TRP A 528 -17.97 -2.33 13.33
N TYR A 529 -17.52 -1.20 12.76
CA TYR A 529 -16.63 -1.19 11.57
C TYR A 529 -15.38 -2.03 11.89
N ASP A 530 -14.80 -1.82 13.08
CA ASP A 530 -13.56 -2.50 13.56
C ASP A 530 -13.81 -4.01 13.67
N ALA A 531 -14.88 -4.40 14.38
CA ALA A 531 -15.22 -5.81 14.69
C ALA A 531 -15.53 -6.59 13.40
N GLU A 532 -16.07 -5.93 12.37
CA GLU A 532 -16.45 -6.55 11.07
C GLU A 532 -15.30 -6.46 10.07
N GLY A 533 -14.18 -5.81 10.43
CA GLY A 533 -12.95 -5.74 9.61
C GLY A 533 -13.06 -4.75 8.45
N TYR A 534 -13.97 -3.77 8.54
CA TYR A 534 -14.18 -2.72 7.52
C TYR A 534 -13.16 -1.59 7.73
N ASN A 535 -12.48 -1.18 6.66
CA ASN A 535 -11.64 0.04 6.59
C ASN A 535 -12.57 1.27 6.66
N TYR A 536 -12.04 2.44 7.01
CA TYR A 536 -12.81 3.71 7.10
C TYR A 536 -11.83 4.88 7.24
N ALA A 537 -12.24 6.08 6.78
CA ALA A 537 -11.50 7.35 6.92
C ALA A 537 -11.58 7.82 8.37
N LYS A 538 -10.49 8.38 8.90
CA LYS A 538 -10.30 8.64 10.36
C LYS A 538 -10.19 10.14 10.66
N HIS A 539 -10.72 11.00 9.79
CA HIS A 539 -10.66 12.49 9.91
C HIS A 539 -11.44 12.95 11.15
N VAL A 540 -12.58 12.31 11.43
CA VAL A 540 -13.49 12.65 12.57
C VAL A 540 -12.78 12.37 13.91
N PHE A 541 -11.78 11.48 13.92
CA PHE A 541 -11.01 11.08 15.12
C PHE A 541 -9.86 12.05 15.42
N ASP A 542 -9.60 13.02 14.53
CA ASP A 542 -8.48 14.00 14.68
C ASP A 542 -8.73 14.90 15.90
N VAL A 543 -7.66 15.39 16.51
CA VAL A 543 -7.71 16.50 17.50
C VAL A 543 -7.99 17.79 16.71
N LYS A 544 -9.08 18.48 17.02
CA LYS A 544 -9.46 19.79 16.42
C LYS A 544 -8.86 20.90 17.29
N ALA A 545 -7.97 21.72 16.71
CA ALA A 545 -7.23 22.79 17.39
C ALA A 545 -7.77 24.15 16.96
N GLU A 546 -8.17 24.99 17.92
CA GLU A 546 -8.54 26.41 17.72
C GLU A 546 -7.49 27.29 18.41
N PHE A 547 -6.95 28.26 17.67
CA PHE A 547 -5.96 29.25 18.14
C PHE A 547 -6.66 30.61 18.22
N THR A 548 -7.05 31.04 19.43
CA THR A 548 -7.90 32.22 19.70
C THR A 548 -7.05 33.29 20.40
N PRO A 549 -6.77 34.44 19.74
CA PRO A 549 -6.08 35.55 20.39
C PRO A 549 -6.81 36.06 21.64
N ASN A 550 -6.07 36.31 22.72
CA ASN A 550 -6.58 36.86 24.00
C ASN A 550 -5.78 38.12 24.32
N PRO A 551 -6.11 39.26 23.66
CA PRO A 551 -5.43 40.54 23.93
C PRO A 551 -5.43 40.92 25.41
N ALA A 552 -6.61 40.85 26.05
CA ALA A 552 -6.84 41.15 27.48
C ALA A 552 -5.74 40.53 28.35
N ASP A 553 -5.40 39.26 28.09
CA ASP A 553 -4.45 38.46 28.91
C ASP A 553 -3.05 38.47 28.28
N GLY A 554 -2.92 38.85 27.01
CA GLY A 554 -1.65 38.84 26.26
C GLY A 554 -1.18 37.42 26.01
N THR A 555 -2.09 36.53 25.59
CA THR A 555 -1.85 35.09 25.35
C THR A 555 -2.54 34.65 24.04
N LEU A 556 -2.01 33.61 23.39
CA LEU A 556 -2.72 32.84 22.35
C LEU A 556 -3.33 31.61 23.03
N ASP A 557 -4.67 31.56 23.13
CA ASP A 557 -5.43 30.48 23.80
C ASP A 557 -5.64 29.33 22.81
N ILE A 558 -5.08 28.16 23.10
CA ILE A 558 -5.24 26.91 22.30
C ILE A 558 -6.29 26.04 22.99
N THR A 559 -7.38 25.71 22.28
CA THR A 559 -8.43 24.76 22.75
C THR A 559 -8.41 23.53 21.84
N LEU A 560 -8.45 22.34 22.46
CA LEU A 560 -8.34 21.02 21.79
C LEU A 560 -9.59 20.19 22.10
N THR A 561 -10.16 19.53 21.10
CA THR A 561 -11.38 18.68 21.24
C THR A 561 -11.26 17.45 20.34
N THR A 562 -11.89 16.35 20.78
CA THR A 562 -12.18 15.12 20.00
C THR A 562 -13.68 14.83 20.11
N ILE A 563 -14.23 14.04 19.18
CA ILE A 563 -15.69 13.72 19.14
C ILE A 563 -16.04 12.75 20.27
N ASP A 564 -15.08 11.94 20.75
CA ASP A 564 -15.30 10.90 21.80
C ASP A 564 -14.74 11.38 23.16
N ASN A 565 -14.21 12.61 23.23
CA ASN A 565 -13.60 13.20 24.45
C ASN A 565 -12.51 12.25 25.00
N ALA A 566 -11.70 11.67 24.11
CA ALA A 566 -10.52 10.83 24.46
C ALA A 566 -9.45 11.72 25.09
N PRO A 567 -8.51 11.15 25.90
CA PRO A 567 -7.47 11.95 26.55
C PRO A 567 -6.51 12.55 25.50
N ILE A 568 -6.25 13.85 25.59
CA ILE A 568 -5.33 14.61 24.67
C ILE A 568 -4.04 14.91 25.43
N HIS A 569 -2.91 14.41 24.94
CA HIS A 569 -1.54 14.68 25.48
C HIS A 569 -0.81 15.62 24.52
N TYR A 570 -0.01 16.55 25.05
CA TYR A 570 0.65 17.63 24.27
C TYR A 570 2.07 17.91 24.79
N THR A 571 2.90 18.49 23.92
CA THR A 571 4.25 19.01 24.22
C THR A 571 4.37 20.45 23.72
N LEU A 572 5.24 21.26 24.33
CA LEU A 572 5.56 22.65 23.90
C LEU A 572 7.03 22.77 23.50
N ASP A 573 7.83 21.71 23.68
CA ASP A 573 9.32 21.74 23.58
C ASP A 573 9.78 21.12 22.25
N GLY A 574 8.86 20.65 21.41
CA GLY A 574 9.15 20.14 20.06
C GLY A 574 9.37 18.64 20.02
N THR A 575 9.19 17.94 21.14
CA THR A 575 9.31 16.46 21.26
C THR A 575 7.98 15.82 20.84
N GLU A 576 8.00 14.54 20.49
CA GLU A 576 6.82 13.72 20.13
C GLU A 576 5.90 13.62 21.35
N PRO A 577 4.59 13.96 21.23
CA PRO A 577 3.65 13.76 22.32
C PRO A 577 3.25 12.28 22.43
N THR A 578 3.37 11.70 23.63
CA THR A 578 3.07 10.28 23.95
C THR A 578 2.07 10.22 25.12
N SER A 579 1.71 8.99 25.54
CA SER A 579 0.81 8.71 26.68
C SER A 579 1.40 9.26 27.99
N THR A 580 2.68 9.63 28.01
CA THR A 580 3.42 10.09 29.23
C THR A 580 3.62 11.60 29.24
N SER A 581 3.27 12.30 28.15
CA SER A 581 3.33 13.79 28.04
C SER A 581 2.23 14.41 28.89
N PRO A 582 2.29 15.71 29.21
CA PRO A 582 1.20 16.38 29.94
C PRO A 582 -0.17 16.16 29.28
N VAL A 583 -1.23 16.03 30.10
CA VAL A 583 -2.64 15.80 29.66
C VAL A 583 -3.34 17.16 29.55
N TYR A 584 -4.08 17.37 28.46
CA TYR A 584 -4.90 18.59 28.22
C TYR A 584 -6.05 18.61 29.23
N ASP A 585 -6.22 19.75 29.91
CA ASP A 585 -7.07 19.93 31.12
C ASP A 585 -8.03 21.12 30.93
N GLY A 586 -7.98 21.76 29.75
CA GLY A 586 -8.54 23.12 29.51
C GLY A 586 -7.52 23.99 28.80
N ALA A 587 -7.96 25.14 28.28
CA ALA A 587 -7.23 26.04 27.35
C ALA A 587 -5.76 26.19 27.78
N LEU A 588 -4.84 26.02 26.82
CA LEU A 588 -3.40 26.36 26.96
C LEU A 588 -3.23 27.86 26.66
N LYS A 589 -2.77 28.63 27.65
CA LYS A 589 -2.55 30.10 27.54
C LYS A 589 -1.07 30.32 27.21
N ILE A 590 -0.73 30.43 25.92
CA ILE A 590 0.68 30.52 25.44
C ILE A 590 1.12 31.99 25.54
N LYS A 591 2.33 32.22 26.08
CA LYS A 591 2.88 33.55 26.44
C LYS A 591 4.34 33.64 26.00
N GLU A 592 4.78 32.76 25.10
CA GLU A 592 6.21 32.42 24.89
C GLU A 592 6.33 31.50 23.66
N ASN A 593 7.50 31.46 23.02
CA ASN A 593 7.79 30.58 21.85
C ASN A 593 7.43 29.14 22.22
N ALA A 594 6.95 28.35 21.24
CA ALA A 594 6.43 26.99 21.46
C ALA A 594 6.35 26.22 20.14
N ASP A 595 6.95 25.04 20.10
CA ASP A 595 6.65 23.97 19.10
C ASP A 595 5.50 23.14 19.69
N PHE A 596 4.26 23.56 19.46
CA PHE A 596 3.04 22.88 19.99
C PHE A 596 2.77 21.61 19.17
N SER A 597 2.49 20.51 19.88
CA SER A 597 2.06 19.20 19.33
C SER A 597 1.08 18.54 20.30
N ALA A 598 -0.03 17.99 19.81
CA ALA A 598 -1.07 17.30 20.60
C ALA A 598 -1.52 16.02 19.87
N ILE A 599 -1.86 14.99 20.64
CA ILE A 599 -2.31 13.66 20.12
C ILE A 599 -3.40 13.12 21.05
N ALA A 600 -4.38 12.42 20.49
CA ALA A 600 -5.44 11.68 21.23
C ALA A 600 -4.99 10.23 21.42
N ILE A 601 -4.91 9.77 22.67
CA ILE A 601 -4.54 8.38 23.04
C ILE A 601 -5.81 7.53 23.04
N ARG A 602 -5.80 6.44 22.26
CA ARG A 602 -6.96 5.53 22.04
C ARG A 602 -6.45 4.10 21.98
N PRO A 603 -6.98 3.18 22.81
CA PRO A 603 -6.68 1.75 22.69
C PRO A 603 -6.47 1.25 21.25
N THR A 604 -7.38 1.61 20.34
CA THR A 604 -7.43 1.19 18.91
C THR A 604 -6.14 1.58 18.18
N GLY A 605 -5.62 2.79 18.47
CA GLY A 605 -4.54 3.44 17.72
C GLY A 605 -4.59 4.95 17.93
N ASN A 606 -3.43 5.61 17.96
CA ASN A 606 -3.32 7.07 18.26
C ASN A 606 -3.70 7.88 17.03
N SER A 607 -4.23 9.09 17.25
CA SER A 607 -4.69 10.03 16.19
C SER A 607 -3.48 10.59 15.43
N ARG A 608 -3.72 11.32 14.35
CA ARG A 608 -2.70 12.19 13.70
C ARG A 608 -2.28 13.24 14.73
N VAL A 609 -1.00 13.62 14.72
CA VAL A 609 -0.46 14.72 15.58
C VAL A 609 -0.87 16.05 14.94
N VAL A 610 -1.59 16.88 15.68
CA VAL A 610 -1.86 18.30 15.31
C VAL A 610 -0.75 19.15 15.93
N SER A 611 -0.05 19.94 15.12
CA SER A 611 1.14 20.74 15.54
C SER A 611 1.07 22.16 14.96
N GLU A 612 1.69 23.12 15.64
CA GLU A 612 1.70 24.55 15.27
C GLU A 612 2.89 25.23 15.92
N LYS A 613 3.75 25.88 15.13
CA LYS A 613 4.85 26.75 15.62
C LYS A 613 4.22 28.07 16.07
N ILE A 614 4.40 28.43 17.34
CA ILE A 614 3.94 29.71 17.94
C ILE A 614 5.15 30.65 18.04
N ASP A 615 5.18 31.67 17.18
CA ASP A 615 6.27 32.69 17.09
C ASP A 615 5.87 33.89 17.95
N PHE A 616 6.12 33.80 19.26
CA PHE A 616 5.70 34.82 20.25
C PHE A 616 6.81 35.84 20.44
N SER A 617 6.45 37.13 20.44
CA SER A 617 7.38 38.29 20.53
C SER A 617 6.71 39.46 21.27
N LYS A 618 7.38 40.60 21.35
CA LYS A 618 6.87 41.80 22.07
C LYS A 618 5.60 42.34 21.37
N SER A 619 5.42 42.03 20.08
CA SER A 619 4.28 42.49 19.24
C SER A 619 3.04 41.61 19.45
N SER A 620 3.21 40.35 19.86
CA SER A 620 2.13 39.32 19.89
C SER A 620 0.99 39.77 20.81
N MET A 621 -0.24 39.81 20.28
CA MET A 621 -1.50 40.13 21.02
C MET A 621 -1.51 41.58 21.49
N LYS A 622 -0.65 42.44 20.96
CA LYS A 622 -0.65 43.90 21.23
C LYS A 622 -1.66 44.58 20.32
N PRO A 623 -2.26 45.72 20.72
CA PRO A 623 -3.16 46.47 19.84
C PRO A 623 -2.42 46.91 18.56
N ILE A 624 -3.14 46.90 17.43
CA ILE A 624 -2.60 47.20 16.08
C ILE A 624 -3.69 47.93 15.28
N VAL A 625 -3.31 48.96 14.52
CA VAL A 625 -4.23 49.74 13.65
C VAL A 625 -3.68 49.74 12.23
N ALA A 626 -4.57 49.72 11.23
CA ALA A 626 -4.26 49.94 9.80
C ALA A 626 -4.24 51.45 9.54
N ASN A 627 -3.08 51.99 9.16
CA ASN A 627 -2.91 53.43 8.79
C ASN A 627 -3.28 53.61 7.32
N GLN A 628 -3.20 52.54 6.52
CA GLN A 628 -3.70 52.45 5.12
C GLN A 628 -4.52 51.18 4.98
N PRO A 629 -5.46 51.09 4.01
CA PRO A 629 -6.39 49.97 3.93
C PRO A 629 -5.77 48.59 3.67
N VAL A 630 -6.31 47.56 4.33
CA VAL A 630 -6.09 46.12 4.01
C VAL A 630 -6.96 45.81 2.78
N ASN A 631 -6.49 44.93 1.90
CA ASN A 631 -7.23 44.50 0.68
C ASN A 631 -8.50 43.76 1.13
N LYS A 632 -9.66 44.19 0.63
CA LYS A 632 -10.99 43.67 1.05
C LYS A 632 -11.08 42.17 0.74
N GLN A 633 -10.72 41.77 -0.49
CA GLN A 633 -10.82 40.36 -0.97
C GLN A 633 -10.07 39.42 -0.01
N TYR A 634 -8.86 39.81 0.41
CA TYR A 634 -7.95 38.99 1.26
C TYR A 634 -7.76 39.67 2.61
N GLU A 635 -8.84 40.16 3.21
CA GLU A 635 -8.84 40.81 4.54
C GLU A 635 -8.82 39.74 5.63
N PHE A 636 -9.62 38.69 5.48
CA PHE A 636 -9.81 37.60 6.48
C PHE A 636 -10.16 38.24 7.83
N LYS A 637 -9.40 37.94 8.89
CA LYS A 637 -9.71 38.42 10.27
C LYS A 637 -9.10 39.81 10.52
N GLY A 638 -8.40 40.36 9.53
CA GLY A 638 -7.91 41.77 9.54
C GLY A 638 -6.49 41.88 10.07
N VAL A 639 -6.07 43.11 10.42
CA VAL A 639 -4.68 43.48 10.83
C VAL A 639 -4.23 42.66 12.04
N SER A 640 -5.16 42.25 12.91
CA SER A 640 -4.90 41.45 14.14
C SER A 640 -4.20 40.12 13.77
N THR A 641 -4.31 39.67 12.52
CA THR A 641 -3.65 38.45 11.97
C THR A 641 -2.12 38.58 12.02
N LEU A 642 -1.59 39.81 12.00
CA LEU A 642 -0.12 40.08 11.92
C LEU A 642 0.54 40.01 13.30
N VAL A 643 -0.23 39.84 14.39
CA VAL A 643 0.30 39.80 15.79
C VAL A 643 -0.40 38.69 16.60
N ASP A 644 -0.72 37.55 15.97
CA ASP A 644 -1.40 36.42 16.65
C ASP A 644 -0.39 35.30 16.97
N GLY A 645 0.88 35.48 16.58
CA GLY A 645 1.96 34.49 16.81
C GLY A 645 1.94 33.35 15.79
N LEU A 646 0.98 33.33 14.86
CA LEU A 646 0.84 32.28 13.83
C LEU A 646 1.51 32.74 12.53
N LYS A 647 2.21 31.83 11.85
CA LYS A 647 2.86 32.05 10.52
C LYS A 647 2.11 31.22 9.47
N GLY A 648 2.20 31.61 8.21
CA GLY A 648 1.57 30.90 7.07
C GLY A 648 2.57 30.06 6.31
N ASN A 649 2.10 29.35 5.28
CA ASN A 649 2.95 28.54 4.34
C ASN A 649 2.72 29.06 2.92
N GLY A 650 3.14 28.30 1.91
CA GLY A 650 3.08 28.69 0.48
C GLY A 650 1.68 29.04 0.01
N ASN A 651 0.65 28.55 0.69
CA ASN A 651 -0.78 28.74 0.34
C ASN A 651 -1.28 30.05 0.98
N TYR A 652 -1.50 31.08 0.17
CA TYR A 652 -1.84 32.46 0.62
C TYR A 652 -3.34 32.62 0.89
N LYS A 653 -4.12 31.52 0.85
CA LYS A 653 -5.60 31.54 0.87
C LYS A 653 -6.15 31.02 2.21
N THR A 654 -5.28 30.65 3.15
CA THR A 654 -5.63 29.94 4.41
C THR A 654 -6.26 30.88 5.44
N GLY A 655 -5.92 32.18 5.40
CA GLY A 655 -6.33 33.18 6.42
C GLY A 655 -5.18 33.52 7.36
N ARG A 656 -4.04 32.84 7.21
CA ARG A 656 -2.77 33.15 7.91
C ARG A 656 -2.13 34.40 7.29
N TRP A 657 -2.45 34.69 6.02
CA TRP A 657 -1.97 35.86 5.26
C TRP A 657 -3.11 36.84 5.01
N ILE A 658 -2.84 38.15 5.16
CA ILE A 658 -3.71 39.25 4.66
C ILE A 658 -2.93 40.01 3.60
N ALA A 659 -3.61 40.60 2.61
CA ALA A 659 -2.99 41.19 1.41
C ALA A 659 -3.14 42.72 1.40
N PHE A 660 -2.28 43.37 0.62
CA PHE A 660 -2.30 44.81 0.29
C PHE A 660 -2.08 44.95 -1.22
N ARG A 661 -2.86 45.82 -1.88
CA ARG A 661 -2.71 46.14 -3.32
C ARG A 661 -3.12 47.59 -3.55
N GLY A 662 -2.27 48.35 -4.25
CA GLY A 662 -2.50 49.78 -4.57
C GLY A 662 -2.06 50.70 -3.45
N ASN A 663 -1.55 50.15 -2.35
CA ASN A 663 -1.03 50.93 -1.18
C ASN A 663 -0.18 50.01 -0.29
N ASP A 664 0.65 50.61 0.57
CA ASP A 664 1.60 49.89 1.45
C ASP A 664 0.82 49.15 2.55
N MET A 665 1.38 48.05 3.06
CA MET A 665 1.14 47.62 4.45
C MET A 665 1.74 48.72 5.33
N ASP A 666 0.89 49.39 6.10
CA ASP A 666 1.28 50.55 6.95
C ASP A 666 0.47 50.43 8.25
N VAL A 667 1.09 49.88 9.30
CA VAL A 667 0.39 49.50 10.56
C VAL A 667 1.18 50.06 11.75
N THR A 668 0.48 50.44 12.81
CA THR A 668 1.05 50.92 14.09
C THR A 668 0.71 49.89 15.17
N ILE A 669 1.74 49.35 15.83
CA ILE A 669 1.61 48.38 16.97
C ILE A 669 1.91 49.15 18.27
N ASP A 670 1.01 49.04 19.25
CA ASP A 670 1.13 49.71 20.58
C ASP A 670 1.73 48.71 21.57
N LEU A 671 3.00 48.87 21.94
CA LEU A 671 3.72 47.99 22.90
C LEU A 671 3.28 48.28 24.34
N LYS A 672 2.34 49.22 24.53
CA LYS A 672 1.58 49.47 25.80
C LYS A 672 2.40 50.31 26.79
N GLN A 673 3.74 50.21 26.75
CA GLN A 673 4.67 51.01 27.59
C GLN A 673 6.00 51.15 26.84
N PRO A 674 6.85 52.14 27.19
CA PRO A 674 8.15 52.30 26.52
C PRO A 674 9.00 51.03 26.67
N THR A 675 9.54 50.52 25.56
CA THR A 675 10.16 49.18 25.43
C THR A 675 11.40 49.28 24.53
N GLU A 676 12.53 48.72 24.95
CA GLU A 676 13.75 48.60 24.11
C GLU A 676 13.51 47.50 23.05
N ILE A 677 13.60 47.86 21.77
CA ILE A 677 13.49 46.94 20.61
C ILE A 677 14.74 47.10 19.74
N SER A 678 15.11 46.06 18.98
CA SER A 678 16.34 46.01 18.16
C SER A 678 16.13 45.28 16.83
N SER A 679 14.95 44.71 16.57
CA SER A 679 14.67 43.97 15.30
C SER A 679 13.18 43.92 15.00
N VAL A 680 12.85 43.90 13.70
CA VAL A 680 11.47 43.68 13.16
C VAL A 680 11.60 42.66 12.01
N ALA A 681 10.77 41.63 12.01
CA ALA A 681 10.77 40.55 10.99
C ALA A 681 9.35 40.35 10.45
N ILE A 682 9.24 40.19 9.13
CA ILE A 682 7.98 39.78 8.44
C ILE A 682 8.32 38.63 7.49
N SER A 683 7.31 37.88 7.09
CA SER A 683 7.36 36.95 5.92
C SER A 683 6.36 37.45 4.88
N THR A 684 6.64 37.19 3.61
CA THR A 684 5.70 37.43 2.47
C THR A 684 5.45 36.10 1.76
N CYS A 685 4.30 35.99 1.09
CA CYS A 685 3.91 34.82 0.25
C CYS A 685 3.89 35.26 -1.21
N VAL A 686 4.72 34.63 -2.04
CA VAL A 686 4.90 34.97 -3.48
C VAL A 686 4.25 33.87 -4.33
N GLU A 687 3.44 34.28 -5.31
CA GLU A 687 2.84 33.42 -6.37
C GLU A 687 2.68 34.30 -7.60
N LYS A 688 3.75 34.44 -8.39
CA LYS A 688 3.89 35.44 -9.49
C LYS A 688 2.86 35.17 -10.58
N GLY A 689 2.49 33.91 -10.81
CA GLY A 689 1.43 33.52 -11.77
C GLY A 689 0.08 34.15 -11.42
N ASP A 690 -0.17 34.42 -10.14
CA ASP A 690 -1.43 35.00 -9.61
C ASP A 690 -1.27 36.51 -9.36
N TRP A 691 -0.18 37.12 -9.87
CA TRP A 691 0.18 38.56 -9.72
C TRP A 691 0.48 38.87 -8.24
N VAL A 692 0.94 37.88 -7.48
CA VAL A 692 1.34 38.02 -6.05
C VAL A 692 2.87 38.11 -5.98
N PHE A 693 3.40 39.28 -5.60
CA PHE A 693 4.85 39.60 -5.62
C PHE A 693 5.35 39.90 -4.21
N ASP A 694 6.67 39.76 -4.01
CA ASP A 694 7.40 40.11 -2.76
C ASP A 694 7.31 41.62 -2.56
N THR A 695 7.58 42.09 -1.33
CA THR A 695 7.67 43.53 -0.98
C THR A 695 8.86 44.16 -1.71
N ARG A 696 8.76 45.45 -2.05
CA ARG A 696 9.83 46.24 -2.72
C ARG A 696 10.62 47.07 -1.69
N GLY A 697 10.20 47.06 -0.43
CA GLY A 697 10.86 47.82 0.64
C GLY A 697 10.17 47.65 1.98
N LEU A 698 10.94 47.57 3.07
CA LEU A 698 10.46 47.43 4.45
C LEU A 698 11.08 48.54 5.31
N SER A 699 10.27 49.18 6.16
CA SER A 699 10.65 50.34 7.01
C SER A 699 10.11 50.17 8.43
N VAL A 700 10.82 50.71 9.41
CA VAL A 700 10.44 50.67 10.86
C VAL A 700 10.59 52.10 11.42
N GLU A 701 9.50 52.66 11.93
CA GLU A 701 9.46 53.98 12.60
C GLU A 701 8.95 53.77 14.03
N VAL A 702 9.40 54.61 14.97
CA VAL A 702 9.05 54.52 16.42
C VAL A 702 8.49 55.87 16.89
N SER A 703 7.62 55.84 17.91
CA SER A 703 6.99 57.03 18.52
C SER A 703 6.88 56.84 20.04
N GLU A 704 6.92 57.95 20.79
CA GLU A 704 6.62 57.99 22.24
C GLU A 704 5.15 58.38 22.46
N ASP A 705 4.56 59.12 21.51
CA ASP A 705 3.26 59.83 21.69
C ASP A 705 2.18 59.23 20.80
N GLY A 706 2.54 58.47 19.75
CA GLY A 706 1.59 57.72 18.90
C GLY A 706 1.17 58.50 17.67
N THR A 707 1.60 59.76 17.55
CA THR A 707 1.29 60.68 16.43
C THR A 707 2.52 60.85 15.55
N ASN A 708 3.68 61.13 16.17
CA ASN A 708 4.94 61.53 15.49
C ASN A 708 5.92 60.35 15.49
N PHE A 709 6.25 59.84 14.30
CA PHE A 709 7.08 58.63 14.09
C PHE A 709 8.41 59.01 13.42
N THR A 710 9.50 58.36 13.86
CA THR A 710 10.89 58.59 13.39
C THR A 710 11.45 57.26 12.86
N LYS A 711 11.96 57.26 11.63
CA LYS A 711 12.55 56.07 10.96
C LYS A 711 13.84 55.67 11.70
N VAL A 712 13.99 54.38 12.02
CA VAL A 712 15.19 53.80 12.69
C VAL A 712 15.85 52.73 11.80
N ALA A 713 15.14 52.22 10.79
CA ALA A 713 15.68 51.20 9.84
C ALA A 713 14.80 51.10 8.60
N SER A 714 15.42 50.74 7.47
CA SER A 714 14.74 50.44 6.18
C SER A 714 15.68 49.69 5.25
N GLU A 715 15.12 49.03 4.24
CA GLU A 715 15.89 48.40 3.12
C GLU A 715 14.98 48.35 1.90
N ALA A 716 15.53 48.65 0.73
CA ALA A 716 14.87 48.50 -0.60
C ALA A 716 15.22 47.13 -1.16
N TYR A 717 14.24 46.42 -1.72
CA TYR A 717 14.42 45.11 -2.40
C TYR A 717 14.20 45.31 -3.89
N PRO A 718 15.11 44.85 -4.76
CA PRO A 718 14.95 44.99 -6.21
C PRO A 718 13.70 44.24 -6.70
N ALA A 719 13.19 44.63 -7.87
CA ALA A 719 12.09 43.97 -8.59
C ALA A 719 12.43 42.48 -8.77
N MET A 720 11.43 41.60 -8.71
CA MET A 720 11.60 40.14 -8.87
C MET A 720 11.92 39.84 -10.33
N LYS A 721 12.66 38.76 -10.58
CA LYS A 721 13.02 38.26 -11.92
C LYS A 721 12.26 36.96 -12.18
N GLU A 722 12.18 36.54 -13.45
CA GLU A 722 11.36 35.40 -13.92
C GLU A 722 11.78 34.11 -13.19
N THR A 723 13.06 33.98 -12.86
CA THR A 723 13.67 32.73 -12.28
C THR A 723 13.55 32.70 -10.75
N ASP A 724 13.15 33.79 -10.10
CA ASP A 724 12.95 33.84 -8.62
C ASP A 724 11.85 32.83 -8.26
N LYS A 725 12.00 32.14 -7.12
CA LYS A 725 11.04 31.13 -6.63
C LYS A 725 9.73 31.81 -6.23
N ASN A 726 8.63 31.05 -6.26
CA ASN A 726 7.37 31.35 -5.53
C ASN A 726 7.54 30.81 -4.10
N GLY A 727 6.54 31.03 -3.24
CA GLY A 727 6.55 30.55 -1.84
C GLY A 727 6.90 31.66 -0.87
N VAL A 728 7.45 31.28 0.29
CA VAL A 728 7.63 32.17 1.47
C VAL A 728 9.00 32.82 1.41
N TYR A 729 9.03 34.15 1.51
CA TYR A 729 10.25 34.99 1.65
C TYR A 729 10.27 35.58 3.06
N ASP A 730 11.43 35.62 3.70
CA ASP A 730 11.64 36.19 5.06
C ASP A 730 12.42 37.49 4.92
N HIS A 731 11.99 38.54 5.61
CA HIS A 731 12.63 39.88 5.62
C HIS A 731 12.76 40.36 7.06
N LYS A 732 14.00 40.64 7.49
CA LYS A 732 14.34 41.04 8.88
C LYS A 732 15.22 42.30 8.81
N LEU A 733 14.88 43.31 9.61
CA LEU A 733 15.72 44.51 9.85
C LEU A 733 16.19 44.48 11.31
N THR A 734 17.51 44.60 11.53
CA THR A 734 18.13 44.84 12.84
C THR A 734 18.54 46.31 12.89
N PHE A 735 18.71 46.87 14.09
CA PHE A 735 19.10 48.28 14.31
C PHE A 735 19.57 48.47 15.75
N THR A 736 20.30 49.56 16.00
CA THR A 736 20.70 50.02 17.35
C THR A 736 19.49 49.94 18.27
N PRO A 737 19.60 49.32 19.47
CA PRO A 737 18.49 49.28 20.41
C PRO A 737 17.93 50.69 20.64
N VAL A 738 16.60 50.83 20.58
CA VAL A 738 15.88 52.13 20.64
C VAL A 738 14.61 51.94 21.48
N THR A 739 14.31 52.88 22.38
CA THR A 739 13.14 52.84 23.29
C THR A 739 11.93 53.42 22.57
N ALA A 740 10.79 52.73 22.59
CA ALA A 740 9.57 53.04 21.82
C ALA A 740 8.35 52.48 22.55
N GLN A 741 7.22 53.19 22.51
CA GLN A 741 5.90 52.63 22.90
C GLN A 741 5.17 52.16 21.65
N TYR A 742 5.22 52.93 20.56
CA TYR A 742 4.52 52.64 19.28
C TYR A 742 5.55 52.35 18.19
N VAL A 743 5.30 51.31 17.39
CA VAL A 743 6.15 50.89 16.25
C VAL A 743 5.28 50.88 14.99
N LYS A 744 5.63 51.70 13.99
CA LYS A 744 5.02 51.69 12.64
C LYS A 744 5.92 50.85 11.73
N VAL A 745 5.37 49.77 11.16
CA VAL A 745 6.07 48.91 10.16
C VAL A 745 5.40 49.16 8.81
N ILE A 746 6.20 49.47 7.78
CA ILE A 746 5.71 49.77 6.40
C ILE A 746 6.40 48.82 5.42
N ALA A 747 5.63 48.13 4.58
CA ALA A 747 6.11 47.28 3.48
C ALA A 747 5.40 47.69 2.18
N SER A 748 6.16 48.10 1.16
CA SER A 748 5.67 48.42 -0.20
C SER A 748 5.30 47.12 -0.92
N PRO A 749 4.14 47.05 -1.60
CA PRO A 749 3.91 46.03 -2.62
C PRO A 749 4.65 46.47 -3.90
N GLU A 750 4.53 45.67 -4.96
CA GLU A 750 5.01 46.04 -6.32
C GLU A 750 3.94 46.92 -6.98
N LYS A 751 4.20 48.23 -7.09
CA LYS A 751 3.28 49.22 -7.71
C LYS A 751 3.20 48.98 -9.22
N SER A 752 4.32 48.55 -9.83
CA SER A 752 4.51 48.41 -11.29
C SER A 752 5.22 47.09 -11.60
N ILE A 753 4.44 46.03 -11.87
CA ILE A 753 4.90 44.64 -12.18
C ILE A 753 5.95 44.72 -13.29
N PRO A 754 7.07 43.98 -13.18
CA PRO A 754 8.19 44.14 -14.12
C PRO A 754 7.87 43.71 -15.56
N GLU A 755 8.76 44.11 -16.48
CA GLU A 755 8.55 44.11 -17.96
C GLU A 755 8.36 42.68 -18.48
N TRP A 756 9.06 41.70 -17.92
CA TRP A 756 9.06 40.28 -18.38
C TRP A 756 7.70 39.61 -18.16
N HIS A 757 6.87 40.15 -17.25
CA HIS A 757 5.62 39.52 -16.77
C HIS A 757 4.42 40.04 -17.58
N GLY A 758 3.44 39.18 -17.84
CA GLY A 758 2.22 39.48 -18.64
C GLY A 758 1.44 40.68 -18.11
N GLY A 759 1.50 40.92 -16.80
CA GLY A 759 0.84 42.07 -16.13
C GLY A 759 1.77 43.27 -15.99
N LYS A 760 2.76 43.42 -16.86
CA LYS A 760 3.74 44.55 -16.83
C LYS A 760 2.99 45.87 -16.65
N SER A 761 3.35 46.64 -15.61
CA SER A 761 2.95 48.04 -15.35
C SER A 761 1.76 48.11 -14.38
N TYR A 762 1.01 47.01 -14.20
CA TYR A 762 -0.15 46.92 -13.27
C TYR A 762 0.36 46.67 -11.84
N PRO A 763 -0.44 47.00 -10.80
CA PRO A 763 -0.02 46.78 -9.41
C PRO A 763 -0.22 45.31 -9.00
N GLY A 764 0.74 44.77 -8.24
CA GLY A 764 0.71 43.39 -7.71
C GLY A 764 0.20 43.37 -6.28
N PHE A 765 -0.23 42.18 -5.82
CA PHE A 765 -0.63 41.91 -4.42
C PHE A 765 0.62 41.69 -3.57
N LEU A 766 0.57 42.11 -2.29
CA LEU A 766 1.55 41.76 -1.23
C LEU A 766 0.79 41.05 -0.12
N PHE A 767 1.26 39.87 0.29
CA PHE A 767 0.69 39.07 1.40
C PHE A 767 1.70 39.01 2.53
N VAL A 768 1.24 39.23 3.77
CA VAL A 768 2.07 39.25 5.02
C VAL A 768 1.31 38.45 6.09
N ASP A 769 2.03 37.66 6.90
CA ASP A 769 1.43 36.72 7.88
C ASP A 769 1.68 37.16 9.33
N GLU A 770 2.81 37.81 9.61
CA GLU A 770 3.23 38.12 11.00
C GLU A 770 4.29 39.23 11.00
N ILE A 771 4.18 40.15 11.97
CA ILE A 771 5.22 41.16 12.33
C ILE A 771 5.80 40.75 13.69
N THR A 772 7.03 40.24 13.69
CA THR A 772 7.79 39.80 14.89
C THR A 772 8.73 40.94 15.33
N ILE A 773 8.68 41.31 16.61
CA ILE A 773 9.44 42.45 17.21
C ILE A 773 10.16 41.95 18.48
N ASN A 774 11.48 42.17 18.57
CA ASN A 774 12.30 41.85 19.77
C ASN A 774 13.35 42.95 19.99
N GLN B 24 28.07 0.07 -40.97
CA GLN B 24 29.18 0.09 -39.97
C GLN B 24 28.90 1.17 -38.92
N GLU B 25 29.28 0.90 -37.66
CA GLU B 25 29.05 1.81 -36.49
C GLU B 25 30.15 2.87 -36.43
N GLU B 26 29.75 4.16 -36.38
CA GLU B 26 30.66 5.34 -36.35
C GLU B 26 30.41 6.13 -35.06
N ALA B 27 31.48 6.47 -34.33
CA ALA B 27 31.44 7.30 -33.10
C ALA B 27 31.10 8.74 -33.47
N ASN B 28 30.66 9.53 -32.48
CA ASN B 28 30.14 10.91 -32.64
C ASN B 28 30.66 11.77 -31.48
N TYR B 29 31.63 12.66 -31.76
CA TYR B 29 32.35 13.48 -30.75
C TYR B 29 31.48 14.67 -30.29
N GLN B 30 30.25 14.75 -30.79
CA GLN B 30 29.24 15.77 -30.42
C GLN B 30 28.57 15.31 -29.12
N ILE B 31 29.31 15.37 -28.01
CA ILE B 31 28.98 14.75 -26.69
C ILE B 31 28.53 15.83 -25.70
N ILE B 32 28.18 15.42 -24.47
CA ILE B 32 27.87 16.29 -23.31
C ILE B 32 28.90 16.02 -22.22
N PRO B 33 29.60 17.03 -21.66
CA PRO B 33 29.44 18.44 -22.06
C PRO B 33 30.23 18.71 -23.34
N LEU B 34 29.93 19.82 -24.04
CA LEU B 34 30.54 20.14 -25.37
C LEU B 34 32.00 20.53 -25.19
N PRO B 35 32.95 19.79 -25.80
CA PRO B 35 34.36 20.18 -25.77
C PRO B 35 34.61 21.57 -26.39
N GLN B 36 35.63 22.26 -25.89
CA GLN B 36 35.91 23.71 -26.17
C GLN B 36 36.41 23.88 -27.61
N GLU B 37 36.91 22.81 -28.24
CA GLU B 37 37.40 22.84 -29.66
C GLU B 37 37.43 21.42 -30.23
N ILE B 38 36.62 21.16 -31.27
CA ILE B 38 36.65 19.94 -32.11
C ILE B 38 37.08 20.34 -33.53
N VAL B 39 38.21 19.81 -34.01
CA VAL B 39 38.73 20.02 -35.40
C VAL B 39 38.75 18.67 -36.12
N THR B 40 38.03 18.59 -37.25
CA THR B 40 37.70 17.34 -37.98
C THR B 40 38.47 17.33 -39.31
N SER B 41 38.82 16.14 -39.83
CA SER B 41 39.58 16.05 -41.10
C SER B 41 38.87 15.11 -42.09
N GLN B 42 39.32 15.11 -43.34
CA GLN B 42 38.73 14.24 -44.40
C GLN B 42 39.74 13.13 -44.74
N VAL B 43 40.38 12.56 -43.72
CA VAL B 43 41.28 11.38 -43.90
C VAL B 43 40.51 10.11 -43.56
N ASN B 44 41.21 9.04 -43.17
CA ASN B 44 40.52 7.77 -42.82
C ASN B 44 40.32 7.69 -41.31
N PRO B 45 39.27 7.00 -40.82
CA PRO B 45 39.07 6.79 -39.39
C PRO B 45 39.94 5.66 -38.80
N PHE B 46 40.04 5.61 -37.47
CA PHE B 46 40.67 4.50 -36.69
C PHE B 46 39.60 3.45 -36.37
N ILE B 47 39.90 2.18 -36.62
CA ILE B 47 38.96 1.03 -36.48
C ILE B 47 39.25 0.33 -35.15
N LEU B 48 38.21 0.18 -34.31
CA LEU B 48 38.31 -0.42 -32.95
C LEU B 48 38.24 -1.96 -33.09
N LYS B 49 39.32 -2.56 -33.62
CA LYS B 49 39.50 -4.02 -33.83
C LYS B 49 39.64 -4.74 -32.48
N SER B 50 39.78 -6.07 -32.52
CA SER B 50 40.33 -6.90 -31.42
C SER B 50 41.82 -7.13 -31.69
N GLY B 51 42.63 -7.15 -30.63
CA GLY B 51 44.10 -7.07 -30.69
C GLY B 51 44.58 -5.67 -30.35
N VAL B 52 43.69 -4.67 -30.50
CA VAL B 52 43.92 -3.25 -30.11
C VAL B 52 44.28 -3.19 -28.63
N LYS B 53 45.50 -2.75 -28.30
CA LYS B 53 46.07 -2.69 -26.93
C LYS B 53 45.91 -1.27 -26.39
N ILE B 54 45.76 -1.12 -25.06
CA ILE B 54 45.79 0.19 -24.35
C ILE B 54 47.15 0.32 -23.66
N LEU B 55 47.87 1.43 -23.90
CA LEU B 55 49.25 1.66 -23.37
C LEU B 55 49.25 2.83 -22.39
N TYR B 56 49.99 2.68 -21.28
CA TYR B 56 50.19 3.68 -20.20
C TYR B 56 51.67 3.71 -19.82
N PRO B 57 52.19 4.79 -19.21
CA PRO B 57 53.59 4.81 -18.75
C PRO B 57 53.84 3.85 -17.58
N GLU B 58 54.93 3.07 -17.65
CA GLU B 58 55.38 2.12 -16.60
C GLU B 58 55.56 2.86 -15.28
N GLY B 59 55.06 2.28 -14.18
CA GLY B 59 55.31 2.74 -12.79
C GLY B 59 54.14 3.51 -12.21
N ASN B 60 53.34 4.20 -13.04
CA ASN B 60 52.25 5.13 -12.65
C ASN B 60 50.95 4.34 -12.48
N GLU B 61 50.59 4.00 -11.24
CA GLU B 61 49.38 3.21 -10.87
C GLU B 61 48.12 3.83 -11.49
N LYS B 62 47.95 5.14 -11.35
CA LYS B 62 46.73 5.90 -11.71
C LYS B 62 46.45 5.77 -13.21
N MET B 63 47.50 5.61 -14.03
CA MET B 63 47.40 5.45 -15.51
C MET B 63 46.99 4.01 -15.85
N GLN B 64 47.44 3.03 -15.06
CA GLN B 64 46.99 1.61 -15.13
C GLN B 64 45.50 1.57 -14.75
N ARG B 65 45.13 2.31 -13.69
CA ARG B 65 43.74 2.51 -13.23
C ARG B 65 42.92 3.17 -14.36
N ASN B 66 43.49 4.20 -15.01
CA ASN B 66 42.88 4.92 -16.17
C ASN B 66 42.68 3.97 -17.34
N ALA B 67 43.70 3.17 -17.69
CA ALA B 67 43.66 2.17 -18.79
C ALA B 67 42.54 1.15 -18.52
N GLN B 68 42.41 0.70 -17.28
CA GLN B 68 41.44 -0.34 -16.86
C GLN B 68 40.02 0.24 -16.93
N PHE B 69 39.84 1.52 -16.57
CA PHE B 69 38.57 2.27 -16.73
C PHE B 69 38.16 2.24 -18.22
N LEU B 70 39.09 2.58 -19.12
CA LEU B 70 38.84 2.66 -20.59
C LEU B 70 38.43 1.27 -21.11
N ALA B 71 39.17 0.23 -20.74
CA ALA B 71 38.89 -1.18 -21.11
C ALA B 71 37.48 -1.58 -20.63
N ASP B 72 37.13 -1.23 -19.39
CA ASP B 72 35.79 -1.50 -18.80
C ASP B 72 34.71 -0.82 -19.64
N TYR B 73 34.92 0.44 -20.02
CA TYR B 73 33.97 1.27 -20.81
C TYR B 73 33.82 0.69 -22.23
N LEU B 74 34.94 0.34 -22.87
CA LEU B 74 34.98 -0.26 -24.22
C LEU B 74 34.21 -1.60 -24.22
N LYS B 75 34.34 -2.38 -23.15
CA LYS B 75 33.63 -3.68 -22.95
C LYS B 75 32.11 -3.46 -23.04
N THR B 76 31.57 -2.46 -22.32
CA THR B 76 30.12 -2.17 -22.24
C THR B 76 29.62 -1.65 -23.60
N ALA B 77 30.49 -0.96 -24.36
CA ALA B 77 30.18 -0.33 -25.66
C ALA B 77 30.26 -1.38 -26.78
N THR B 78 31.43 -2.02 -26.92
CA THR B 78 31.70 -3.13 -27.86
C THR B 78 32.06 -4.37 -27.03
N GLY B 79 31.22 -5.41 -27.06
CA GLY B 79 31.29 -6.58 -26.16
C GLY B 79 32.63 -7.30 -26.21
N LYS B 80 33.68 -6.63 -26.71
CA LYS B 80 35.04 -7.19 -26.95
C LYS B 80 35.95 -6.70 -25.83
N ASP B 81 37.08 -7.39 -25.62
CA ASP B 81 37.99 -7.21 -24.46
C ASP B 81 39.36 -6.73 -24.96
N PHE B 82 39.75 -5.50 -24.59
CA PHE B 82 41.00 -4.82 -25.01
C PHE B 82 41.99 -4.87 -23.84
N SER B 83 42.95 -5.80 -23.90
CA SER B 83 43.98 -6.02 -22.85
C SER B 83 44.89 -4.80 -22.74
N ILE B 84 45.33 -4.47 -21.53
CA ILE B 84 46.17 -3.28 -21.21
C ILE B 84 47.64 -3.73 -21.10
N GLU B 85 48.58 -2.79 -21.12
CA GLU B 85 50.05 -3.05 -21.19
C GLU B 85 50.80 -1.71 -21.11
N ALA B 86 51.98 -1.71 -20.49
CA ALA B 86 52.83 -0.51 -20.28
C ALA B 86 53.69 -0.26 -21.53
N GLY B 87 53.90 1.02 -21.87
CA GLY B 87 54.62 1.48 -23.06
C GLY B 87 54.16 2.85 -23.50
N THR B 88 54.89 3.49 -24.42
CA THR B 88 54.61 4.86 -24.94
C THR B 88 54.38 4.83 -26.47
N GLU B 89 54.91 3.81 -27.16
CA GLU B 89 54.74 3.58 -28.64
C GLU B 89 54.02 2.26 -28.87
N GLY B 90 53.32 2.11 -30.00
CA GLY B 90 52.69 0.84 -30.43
C GLY B 90 51.84 0.99 -31.68
N LYS B 91 51.56 -0.14 -32.34
CA LYS B 91 50.63 -0.25 -33.51
C LYS B 91 49.25 -0.70 -33.00
N ASN B 92 48.18 -0.21 -33.64
CA ASN B 92 46.76 -0.52 -33.29
C ASN B 92 46.48 -0.11 -31.84
N ALA B 93 47.29 0.79 -31.26
CA ALA B 93 47.31 1.09 -29.81
C ALA B 93 46.54 2.38 -29.50
N ILE B 94 46.13 2.54 -28.23
CA ILE B 94 45.59 3.79 -27.63
C ILE B 94 46.58 4.23 -26.54
N VAL B 95 47.20 5.41 -26.70
CA VAL B 95 48.35 5.85 -25.85
C VAL B 95 47.90 6.98 -24.91
N LEU B 96 47.62 6.61 -23.65
CA LEU B 96 47.53 7.51 -22.47
C LEU B 96 48.93 8.07 -22.19
N ALA B 97 49.09 9.40 -22.05
CA ALA B 97 50.38 10.06 -21.76
C ALA B 97 50.17 11.36 -20.95
N LEU B 98 51.27 11.94 -20.47
CA LEU B 98 51.33 13.30 -19.85
C LEU B 98 52.18 14.21 -20.74
N GLY B 99 52.38 15.47 -20.33
CA GLY B 99 53.32 16.42 -20.99
C GLY B 99 52.71 17.81 -21.19
N SER B 100 51.46 17.88 -21.67
CA SER B 100 50.75 19.12 -22.09
C SER B 100 51.42 20.38 -21.50
N GLU B 101 51.37 20.53 -20.17
CA GLU B 101 52.00 21.61 -19.34
C GLU B 101 50.99 22.07 -18.28
N VAL B 102 51.48 22.68 -17.19
CA VAL B 102 50.68 22.97 -15.95
C VAL B 102 49.88 24.28 -16.14
N GLU B 103 49.02 24.34 -17.18
CA GLU B 103 48.19 25.53 -17.51
C GLU B 103 46.85 25.39 -16.77
N ASN B 104 46.07 24.37 -17.14
CA ASN B 104 44.82 23.93 -16.45
C ASN B 104 44.92 22.41 -16.31
N PRO B 105 45.11 21.88 -15.08
CA PRO B 105 45.50 20.48 -14.89
C PRO B 105 44.46 19.41 -15.28
N GLU B 106 43.22 19.80 -15.59
CA GLU B 106 42.15 18.88 -16.02
C GLU B 106 41.94 18.98 -17.54
N SER B 107 42.92 19.57 -18.25
CA SER B 107 43.00 19.62 -19.73
C SER B 107 43.25 18.21 -20.30
N TYR B 108 42.89 18.00 -21.56
CA TYR B 108 43.29 16.82 -22.37
C TYR B 108 43.32 17.22 -23.84
N GLN B 109 44.15 16.50 -24.62
CA GLN B 109 44.19 16.59 -26.10
C GLN B 109 44.06 15.17 -26.67
N LEU B 110 42.94 14.90 -27.36
CA LEU B 110 42.60 13.57 -27.95
C LEU B 110 42.82 13.63 -29.46
N LYS B 111 43.80 12.88 -29.98
CA LYS B 111 44.12 12.76 -31.42
C LYS B 111 43.64 11.41 -31.95
N VAL B 112 42.98 11.41 -33.12
CA VAL B 112 42.57 10.20 -33.86
C VAL B 112 43.03 10.35 -35.32
N THR B 113 43.96 9.49 -35.76
CA THR B 113 44.33 9.26 -37.18
C THR B 113 44.05 7.79 -37.49
N ASP B 114 44.23 7.36 -38.74
CA ASP B 114 43.94 5.97 -39.19
C ASP B 114 44.95 5.00 -38.57
N GLN B 115 46.03 5.51 -37.95
CA GLN B 115 47.16 4.70 -37.43
C GLN B 115 47.50 5.08 -35.99
N GLY B 116 46.51 5.41 -35.14
CA GLY B 116 46.73 5.63 -33.70
C GLY B 116 45.62 6.44 -33.02
N VAL B 117 45.63 6.40 -31.68
CA VAL B 117 44.88 7.30 -30.76
C VAL B 117 45.83 7.71 -29.63
N THR B 118 45.88 9.01 -29.29
CA THR B 118 46.74 9.58 -28.23
C THR B 118 45.93 10.51 -27.33
N ILE B 119 45.63 10.07 -26.11
CA ILE B 119 45.04 10.91 -25.02
C ILE B 119 46.19 11.41 -24.14
N THR B 120 46.50 12.71 -24.24
CA THR B 120 47.60 13.41 -23.51
C THR B 120 46.99 14.52 -22.64
N ALA B 121 47.52 14.70 -21.42
CA ALA B 121 47.03 15.69 -20.43
C ALA B 121 48.14 16.06 -19.46
N PRO B 122 48.05 17.23 -18.78
CA PRO B 122 49.03 17.62 -17.75
C PRO B 122 49.05 16.68 -16.52
N THR B 123 47.90 16.13 -16.13
CA THR B 123 47.76 15.22 -14.94
C THR B 123 46.87 14.02 -15.29
N GLU B 124 46.88 13.02 -14.39
CA GLU B 124 46.18 11.72 -14.54
C GLU B 124 44.66 11.91 -14.55
N ALA B 125 44.16 13.03 -13.99
CA ALA B 125 42.72 13.40 -13.98
C ALA B 125 42.31 13.92 -15.36
N GLY B 126 43.15 14.75 -15.99
CA GLY B 126 42.95 15.26 -17.36
C GLY B 126 42.78 14.12 -18.35
N VAL B 127 43.71 13.15 -18.32
CA VAL B 127 43.67 11.91 -19.16
C VAL B 127 42.30 11.24 -18.98
N PHE B 128 41.83 11.15 -17.74
CA PHE B 128 40.57 10.51 -17.32
C PHE B 128 39.39 11.18 -18.02
N TYR B 129 39.32 12.52 -18.00
CA TYR B 129 38.24 13.31 -18.64
C TYR B 129 38.36 13.18 -20.17
N GLY B 130 39.58 12.96 -20.67
CA GLY B 130 39.85 12.58 -22.08
C GLY B 130 39.23 11.23 -22.41
N ILE B 131 39.32 10.27 -21.49
CA ILE B 131 38.71 8.91 -21.60
C ILE B 131 37.18 9.04 -21.59
N GLN B 132 36.63 9.94 -20.77
CA GLN B 132 35.16 10.17 -20.64
C GLN B 132 34.61 10.67 -21.98
N THR B 133 35.38 11.49 -22.71
CA THR B 133 35.01 12.02 -24.06
C THR B 133 34.91 10.84 -25.04
N LEU B 134 35.95 10.02 -25.12
CA LEU B 134 36.02 8.82 -26.01
C LEU B 134 34.88 7.87 -25.64
N ARG B 135 34.66 7.65 -24.35
CA ARG B 135 33.54 6.83 -23.80
C ARG B 135 32.21 7.28 -24.41
N LYS B 136 31.85 8.55 -24.19
CA LYS B 136 30.52 9.11 -24.54
C LYS B 136 30.34 9.19 -26.06
N SER B 137 31.44 9.28 -26.83
CA SER B 137 31.43 9.37 -28.31
C SER B 137 30.99 8.04 -28.95
N LEU B 138 31.20 6.92 -28.25
CA LEU B 138 30.89 5.55 -28.76
C LEU B 138 29.39 5.28 -28.64
N PRO B 139 28.80 4.55 -29.62
CA PRO B 139 27.45 3.99 -29.45
C PRO B 139 27.52 2.64 -28.71
N ILE B 140 26.40 2.21 -28.13
CA ILE B 140 26.25 0.86 -27.52
C ILE B 140 25.80 -0.11 -28.61
N ALA B 141 26.76 -0.73 -29.31
CA ALA B 141 26.57 -1.77 -30.33
C ALA B 141 27.62 -2.86 -30.13
N LEU B 142 27.24 -3.93 -29.44
CA LEU B 142 28.15 -5.04 -29.01
C LEU B 142 28.32 -6.03 -30.16
N GLY B 143 29.49 -6.67 -30.24
CA GLY B 143 29.87 -7.61 -31.32
C GLY B 143 30.01 -6.89 -32.65
N ALA B 144 30.33 -5.59 -32.63
CA ALA B 144 30.51 -4.71 -33.81
C ALA B 144 31.93 -4.13 -33.82
N ASP B 145 32.65 -4.26 -34.93
CA ASP B 145 33.92 -3.54 -35.20
C ASP B 145 33.61 -2.05 -35.39
N VAL B 146 33.66 -1.27 -34.30
CA VAL B 146 33.27 0.17 -34.27
C VAL B 146 34.40 1.02 -34.84
N ALA B 147 34.05 2.12 -35.53
CA ALA B 147 34.97 3.08 -36.17
C ALA B 147 35.05 4.38 -35.37
N LEU B 148 36.21 5.05 -35.40
CA LEU B 148 36.45 6.38 -34.77
C LEU B 148 36.94 7.36 -35.84
N PRO B 149 36.11 8.33 -36.29
CA PRO B 149 36.55 9.33 -37.27
C PRO B 149 37.79 10.13 -36.82
N ALA B 150 38.66 10.48 -37.78
CA ALA B 150 39.90 11.27 -37.59
C ALA B 150 39.54 12.64 -37.00
N VAL B 151 40.24 13.07 -35.95
CA VAL B 151 39.83 14.23 -35.09
C VAL B 151 41.01 14.67 -34.21
N GLU B 152 41.10 15.97 -33.93
CA GLU B 152 41.85 16.56 -32.78
C GLU B 152 40.86 17.30 -31.88
N ILE B 153 40.96 17.11 -30.56
CA ILE B 153 40.09 17.77 -29.54
C ILE B 153 40.99 18.41 -28.47
N LYS B 154 40.81 19.71 -28.22
CA LYS B 154 41.48 20.47 -27.14
C LYS B 154 40.41 20.98 -26.17
N ASP B 155 40.32 20.36 -25.00
CA ASP B 155 39.20 20.55 -24.05
C ASP B 155 39.74 20.88 -22.65
N ALA B 156 38.95 21.62 -21.87
CA ALA B 156 39.27 22.07 -20.48
C ALA B 156 38.00 22.55 -19.81
N PRO B 157 37.85 22.37 -18.48
CA PRO B 157 36.68 22.87 -17.76
C PRO B 157 36.79 24.37 -17.50
N ARG B 158 35.66 25.07 -17.53
CA ARG B 158 35.56 26.53 -17.25
C ARG B 158 35.72 26.76 -15.73
N PHE B 159 35.15 25.88 -14.91
CA PHE B 159 35.18 25.95 -13.42
C PHE B 159 36.01 24.78 -12.87
N GLY B 160 36.79 25.04 -11.83
CA GLY B 160 37.66 24.05 -11.16
C GLY B 160 36.89 23.20 -10.15
N TYR B 161 35.84 23.74 -9.56
CA TYR B 161 34.92 23.04 -8.62
C TYR B 161 33.61 22.73 -9.36
N ARG B 162 33.42 21.46 -9.72
CA ARG B 162 32.22 20.95 -10.45
C ARG B 162 31.61 19.82 -9.62
N GLY B 163 30.62 20.14 -8.77
CA GLY B 163 30.16 19.24 -7.71
C GLY B 163 28.69 18.88 -7.82
N ALA B 164 28.31 17.84 -7.08
CA ALA B 164 26.92 17.52 -6.68
C ALA B 164 26.93 17.20 -5.18
N HIS B 165 25.87 17.57 -4.47
CA HIS B 165 25.68 17.30 -3.04
C HIS B 165 24.75 16.09 -2.92
N PHE B 166 24.85 15.34 -1.82
CA PHE B 166 24.01 14.14 -1.54
C PHE B 166 23.66 14.12 -0.04
N ASP B 167 22.40 14.40 0.27
CA ASP B 167 21.81 14.28 1.64
C ASP B 167 21.60 12.79 1.92
N VAL B 168 22.38 12.23 2.85
CA VAL B 168 22.25 10.80 3.29
C VAL B 168 21.78 10.78 4.76
N SER B 169 21.25 11.89 5.27
CA SER B 169 20.71 12.01 6.64
C SER B 169 19.19 11.81 6.63
N ARG B 170 18.48 12.52 5.76
CA ARG B 170 16.99 12.51 5.70
C ARG B 170 16.54 11.10 5.30
N HIS B 171 17.18 10.52 4.28
CA HIS B 171 17.11 9.07 3.95
C HIS B 171 18.54 8.55 3.76
N PHE B 172 18.82 7.35 4.27
CA PHE B 172 20.16 6.73 4.27
C PHE B 172 20.33 5.92 2.98
N PHE B 173 21.53 5.98 2.40
CA PHE B 173 21.93 5.26 1.17
C PHE B 173 23.19 4.46 1.46
N THR B 174 23.22 3.20 1.04
CA THR B 174 24.30 2.22 1.30
C THR B 174 25.61 2.70 0.63
N ILE B 175 26.73 2.15 1.07
CA ILE B 175 28.08 2.40 0.48
C ILE B 175 27.99 2.17 -1.03
N ASP B 176 27.40 1.04 -1.45
CA ASP B 176 27.28 0.61 -2.87
C ASP B 176 26.45 1.64 -3.66
N GLU B 177 25.42 2.24 -3.04
CA GLU B 177 24.57 3.27 -3.70
C GLU B 177 25.37 4.57 -3.85
N VAL B 178 26.18 4.95 -2.86
CA VAL B 178 27.06 6.15 -2.94
C VAL B 178 28.12 5.93 -4.03
N LYS B 179 28.63 4.70 -4.16
CA LYS B 179 29.61 4.30 -5.20
C LYS B 179 29.00 4.53 -6.60
N THR B 180 27.76 4.10 -6.82
CA THR B 180 27.02 4.30 -8.10
C THR B 180 26.88 5.81 -8.36
N TYR B 181 26.60 6.59 -7.31
CA TYR B 181 26.45 8.08 -7.37
C TYR B 181 27.77 8.70 -7.85
N ILE B 182 28.89 8.20 -7.35
CA ILE B 182 30.27 8.66 -7.70
C ILE B 182 30.57 8.29 -9.16
N ASP B 183 30.19 7.09 -9.61
CA ASP B 183 30.30 6.64 -11.03
C ASP B 183 29.52 7.62 -11.93
N MET B 184 28.33 8.04 -11.50
CA MET B 184 27.45 8.99 -12.24
C MET B 184 28.14 10.35 -12.38
N LEU B 185 28.78 10.85 -11.31
CA LEU B 185 29.53 12.12 -11.32
C LEU B 185 30.63 12.05 -12.40
N ALA B 186 31.39 10.96 -12.41
CA ALA B 186 32.53 10.71 -13.32
C ALA B 186 32.06 10.72 -14.78
N LEU B 187 30.89 10.15 -15.08
CA LEU B 187 30.30 10.13 -16.45
C LEU B 187 30.05 11.56 -16.94
N HIS B 188 29.88 12.52 -16.02
CA HIS B 188 29.54 13.94 -16.31
C HIS B 188 30.74 14.87 -16.09
N ASN B 189 31.93 14.32 -15.79
CA ASN B 189 33.22 15.06 -15.67
C ASN B 189 33.24 15.90 -14.38
N MET B 190 32.40 15.61 -13.40
CA MET B 190 32.37 16.31 -12.10
C MET B 190 33.48 15.75 -11.20
N ASN B 191 34.02 16.58 -10.31
CA ASN B 191 35.22 16.30 -9.50
C ASN B 191 34.96 16.57 -8.01
N ARG B 192 33.69 16.73 -7.60
CA ARG B 192 33.32 17.05 -6.20
C ARG B 192 32.03 16.31 -5.79
N LEU B 193 32.12 15.49 -4.73
CA LEU B 193 30.96 14.97 -3.98
C LEU B 193 30.90 15.67 -2.63
N HIS B 194 29.89 16.53 -2.44
CA HIS B 194 29.57 17.19 -1.15
C HIS B 194 28.63 16.24 -0.37
N TRP B 195 29.16 15.59 0.66
CA TRP B 195 28.49 14.49 1.41
C TRP B 195 27.88 15.04 2.71
N HIS B 196 26.56 15.27 2.70
CA HIS B 196 25.78 15.77 3.87
C HIS B 196 25.45 14.58 4.78
N ILE B 197 26.31 14.30 5.77
CA ILE B 197 26.33 13.01 6.52
C ILE B 197 25.73 13.19 7.93
N THR B 198 25.31 14.40 8.29
CA THR B 198 24.61 14.66 9.58
C THR B 198 23.49 15.69 9.38
N ASP B 199 22.33 15.46 9.99
CA ASP B 199 21.21 16.42 10.07
C ASP B 199 20.29 16.00 11.23
N ASP B 200 19.14 16.67 11.36
CA ASP B 200 18.21 16.50 12.51
C ASP B 200 17.67 15.07 12.56
N GLN B 201 17.62 14.37 11.41
CA GLN B 201 16.88 13.09 11.24
C GLN B 201 17.86 11.90 11.20
N GLY B 202 19.15 12.11 11.48
CA GLY B 202 20.15 11.03 11.53
C GLY B 202 21.58 11.54 11.48
N TRP B 203 22.45 10.98 12.32
CA TRP B 203 23.93 11.12 12.28
C TRP B 203 24.50 9.86 11.62
N ARG B 204 25.34 9.99 10.58
CA ARG B 204 25.71 8.86 9.69
C ARG B 204 27.21 8.52 9.74
N LEU B 205 28.01 9.15 10.62
CA LEU B 205 29.45 8.83 10.75
C LEU B 205 29.78 8.42 12.19
N GLU B 206 30.38 7.23 12.36
CA GLU B 206 30.93 6.74 13.65
C GLU B 206 32.06 7.68 14.08
N ILE B 207 31.98 8.22 15.29
CA ILE B 207 33.04 9.06 15.93
C ILE B 207 33.51 8.31 17.19
N LYS B 208 34.81 8.03 17.28
CA LYS B 208 35.42 7.17 18.33
C LYS B 208 35.12 7.77 19.71
N LYS B 209 35.38 9.07 19.90
CA LYS B 209 35.28 9.77 21.21
C LYS B 209 33.82 9.87 21.67
N TYR B 210 32.87 9.90 20.74
CA TYR B 210 31.41 10.10 21.02
C TYR B 210 30.63 8.96 20.38
N PRO B 211 30.70 7.75 20.96
CA PRO B 211 30.07 6.56 20.38
C PRO B 211 28.54 6.69 20.24
N LYS B 212 27.89 7.45 21.13
CA LYS B 212 26.41 7.62 21.19
C LYS B 212 25.87 8.31 19.93
N LEU B 213 26.72 9.02 19.18
CA LEU B 213 26.33 9.73 17.93
C LEU B 213 25.76 8.74 16.92
N THR B 214 26.19 7.47 16.95
CA THR B 214 25.68 6.39 16.06
C THR B 214 24.76 5.44 16.84
N GLU B 215 25.08 5.13 18.11
CA GLU B 215 24.27 4.21 18.95
C GLU B 215 22.87 4.78 19.13
N ILE B 216 22.75 6.09 19.38
CA ILE B 216 21.45 6.80 19.57
C ILE B 216 21.15 7.67 18.34
N GLY B 217 22.12 8.48 17.90
CA GLY B 217 21.93 9.55 16.90
C GLY B 217 21.56 9.03 15.52
N SER B 218 21.92 7.80 15.17
CA SER B 218 21.73 7.22 13.81
C SER B 218 20.36 6.53 13.67
N GLN B 219 19.49 6.60 14.70
CA GLN B 219 18.16 5.92 14.75
C GLN B 219 17.05 6.94 15.03
N ARG B 220 15.87 6.74 14.45
CA ARG B 220 14.62 7.47 14.78
C ARG B 220 13.46 6.49 14.93
N SER B 221 12.52 6.80 15.84
CA SER B 221 11.28 6.05 16.14
C SER B 221 10.54 5.69 14.84
N GLY B 222 10.38 6.66 13.95
CA GLY B 222 9.77 6.47 12.61
C GLY B 222 10.05 7.64 11.68
N THR B 223 9.35 7.69 10.55
CA THR B 223 9.44 8.76 9.51
C THR B 223 8.03 9.27 9.22
N VAL B 224 7.87 10.59 9.06
CA VAL B 224 6.56 11.24 8.75
C VAL B 224 6.15 10.90 7.33
N ILE B 225 4.84 10.80 7.08
CA ILE B 225 4.21 10.55 5.74
C ILE B 225 3.75 11.89 5.17
N GLY B 226 4.04 12.15 3.90
CA GLY B 226 3.71 13.43 3.22
C GLY B 226 4.55 14.58 3.77
N ARG B 227 4.06 15.82 3.59
CA ARG B 227 4.70 17.08 4.07
C ARG B 227 4.26 17.34 5.52
N ASN B 228 4.86 16.63 6.48
CA ASN B 228 4.56 16.75 7.93
C ASN B 228 3.03 16.69 8.14
N SER B 229 2.43 15.57 7.74
CA SER B 229 0.95 15.35 7.74
C SER B 229 0.42 15.08 9.14
N GLY B 230 1.31 14.79 10.10
CA GLY B 230 0.93 14.40 11.48
C GLY B 230 0.76 12.89 11.61
N GLU B 231 0.78 12.16 10.49
CA GLU B 231 0.75 10.67 10.46
C GLU B 231 2.16 10.16 10.20
N TYR B 232 2.59 9.13 10.92
CA TYR B 232 3.96 8.58 10.93
C TYR B 232 3.92 7.06 10.68
N ASP B 233 4.84 6.55 9.86
CA ASP B 233 5.08 5.08 9.74
C ASP B 233 6.03 4.70 10.89
N ASN B 234 5.55 3.91 11.85
CA ASN B 234 6.27 3.56 13.09
C ASN B 234 7.25 2.42 12.80
N THR B 235 8.12 2.64 11.80
CA THR B 235 9.23 1.74 11.42
C THR B 235 10.54 2.39 11.85
N PRO B 236 11.21 1.88 12.91
CA PRO B 236 12.53 2.37 13.28
C PRO B 236 13.43 2.43 12.04
N TYR B 237 14.03 3.59 11.79
CA TYR B 237 14.83 3.90 10.58
C TYR B 237 16.19 4.44 11.01
N GLY B 238 17.26 3.93 10.39
CA GLY B 238 18.65 4.31 10.72
C GLY B 238 19.67 3.72 9.78
N GLY B 239 20.90 3.59 10.27
CA GLY B 239 22.10 3.29 9.46
C GLY B 239 23.17 4.34 9.69
N PHE B 240 24.43 3.94 9.58
CA PHE B 240 25.60 4.84 9.65
C PHE B 240 26.77 4.19 8.92
N TYR B 241 27.78 5.02 8.59
CA TYR B 241 29.07 4.59 8.00
C TYR B 241 30.11 4.49 9.12
N THR B 242 30.86 3.40 9.17
CA THR B 242 32.10 3.26 9.98
C THR B 242 33.16 4.17 9.33
N GLN B 243 34.25 4.45 10.04
CA GLN B 243 35.37 5.29 9.53
C GLN B 243 36.09 4.53 8.40
N GLU B 244 36.09 3.19 8.45
CA GLU B 244 36.67 2.32 7.39
C GLU B 244 35.82 2.47 6.12
N GLN B 245 34.49 2.41 6.25
CA GLN B 245 33.52 2.49 5.13
C GLN B 245 33.61 3.86 4.45
N ALA B 246 33.72 4.95 5.23
CA ALA B 246 33.87 6.33 4.74
C ALA B 246 35.21 6.49 4.01
N LYS B 247 36.28 5.86 4.53
CA LYS B 247 37.64 5.83 3.92
C LYS B 247 37.59 5.08 2.58
N GLU B 248 36.76 4.05 2.49
CA GLU B 248 36.54 3.24 1.25
C GLU B 248 35.88 4.11 0.18
N ILE B 249 35.04 5.08 0.58
CA ILE B 249 34.34 6.03 -0.34
C ILE B 249 35.33 7.09 -0.83
N VAL B 250 36.17 7.63 0.06
CA VAL B 250 37.23 8.62 -0.28
C VAL B 250 38.16 8.02 -1.34
N ASP B 251 38.59 6.76 -1.13
CA ASP B 251 39.53 6.04 -2.03
C ASP B 251 38.83 5.70 -3.35
N TYR B 252 37.59 5.18 -3.28
CA TYR B 252 36.77 4.86 -4.48
C TYR B 252 36.61 6.14 -5.33
N ALA B 253 36.38 7.28 -4.67
CA ALA B 253 36.23 8.61 -5.30
C ALA B 253 37.56 9.08 -5.89
N ALA B 254 38.67 8.89 -5.16
CA ALA B 254 40.03 9.34 -5.53
C ALA B 254 40.44 8.74 -6.89
N GLU B 255 40.14 7.46 -7.11
CA GLU B 255 40.44 6.73 -8.38
C GLU B 255 39.81 7.46 -9.57
N ARG B 256 38.64 8.09 -9.37
CA ARG B 256 37.85 8.78 -10.42
C ARG B 256 38.07 10.30 -10.34
N TYR B 257 39.08 10.74 -9.57
CA TYR B 257 39.62 12.13 -9.53
C TYR B 257 38.52 13.08 -9.01
N ILE B 258 37.77 12.58 -8.02
CA ILE B 258 36.68 13.31 -7.30
C ILE B 258 37.13 13.47 -5.84
N THR B 259 37.21 14.71 -5.36
CA THR B 259 37.44 15.04 -3.92
C THR B 259 36.09 14.99 -3.19
N VAL B 260 36.02 14.25 -2.09
CA VAL B 260 34.81 14.16 -1.22
C VAL B 260 34.90 15.29 -0.20
N VAL B 261 34.02 16.29 -0.30
CA VAL B 261 33.89 17.40 0.67
C VAL B 261 32.86 16.99 1.72
N PRO B 262 33.29 16.59 2.94
CA PRO B 262 32.34 16.22 3.99
C PRO B 262 31.68 17.45 4.61
N GLU B 263 30.41 17.33 5.02
CA GLU B 263 29.66 18.37 5.76
C GLU B 263 29.12 17.77 7.06
N ILE B 264 29.56 18.29 8.19
CA ILE B 264 28.89 18.12 9.52
C ILE B 264 28.32 19.48 9.90
N ASP B 265 27.06 19.70 9.52
CA ASP B 265 26.34 20.99 9.57
C ASP B 265 26.27 21.48 11.03
N LEU B 266 26.71 22.71 11.28
CA LEU B 266 26.69 23.36 12.62
C LEU B 266 26.44 24.86 12.47
N PRO B 267 25.91 25.55 13.50
CA PRO B 267 25.48 24.93 14.75
C PRO B 267 24.02 24.46 14.76
N GLY B 268 23.29 24.65 13.65
CA GLY B 268 21.94 24.11 13.44
C GLY B 268 22.00 22.73 12.81
N HIS B 269 20.84 22.12 12.54
CA HIS B 269 20.70 20.78 11.90
C HIS B 269 21.46 19.73 12.72
N MET B 270 21.28 19.77 14.05
CA MET B 270 22.13 19.08 15.05
C MET B 270 21.29 18.36 16.11
N LEU B 271 20.02 18.03 15.81
CA LEU B 271 19.12 17.33 16.77
C LEU B 271 19.63 15.90 17.04
N ALA B 272 20.30 15.27 16.06
CA ALA B 272 20.86 13.91 16.16
C ALA B 272 21.94 13.87 17.26
N ALA B 273 22.83 14.86 17.28
CA ALA B 273 23.89 15.01 18.31
C ALA B 273 23.25 15.34 19.67
N LEU B 274 22.22 16.22 19.67
CA LEU B 274 21.52 16.67 20.90
C LEU B 274 20.86 15.47 21.58
N ALA B 275 20.24 14.58 20.80
CA ALA B 275 19.58 13.33 21.30
C ALA B 275 20.63 12.45 21.99
N ALA B 276 21.82 12.33 21.39
CA ALA B 276 22.96 11.52 21.89
C ALA B 276 23.54 12.18 23.15
N TYR B 277 23.79 13.49 23.12
CA TYR B 277 24.43 14.28 24.20
C TYR B 277 23.60 15.53 24.49
N PRO B 278 22.47 15.40 25.22
CA PRO B 278 21.58 16.54 25.50
C PRO B 278 22.18 17.73 26.26
N GLU B 279 23.35 17.58 26.88
CA GLU B 279 24.06 18.68 27.58
C GLU B 279 24.59 19.72 26.56
N LEU B 280 24.63 19.36 25.26
CA LEU B 280 25.12 20.24 24.17
C LEU B 280 24.06 21.29 23.78
N GLY B 281 22.81 21.12 24.22
CA GLY B 281 21.69 22.03 23.90
C GLY B 281 21.47 23.05 25.01
N CYS B 282 20.81 24.17 24.69
CA CYS B 282 20.54 25.29 25.61
C CYS B 282 19.66 24.82 26.77
N THR B 283 18.54 24.16 26.47
CA THR B 283 17.51 23.71 27.46
C THR B 283 18.03 22.53 28.28
N GLY B 284 18.96 21.73 27.72
CA GLY B 284 19.49 20.52 28.35
C GLY B 284 18.64 19.29 28.07
N GLY B 285 17.59 19.43 27.25
CA GLY B 285 16.75 18.31 26.76
C GLY B 285 15.42 18.20 27.50
N PRO B 286 14.67 17.09 27.34
CA PRO B 286 15.12 15.95 26.53
C PRO B 286 14.94 16.23 25.02
N TYR B 287 15.80 15.63 24.18
CA TYR B 287 15.75 15.74 22.71
C TYR B 287 15.60 14.34 22.09
N GLU B 288 14.91 14.26 20.96
CA GLU B 288 14.75 13.03 20.15
C GLU B 288 15.28 13.31 18.74
N VAL B 289 15.90 12.31 18.09
CA VAL B 289 16.23 12.36 16.64
C VAL B 289 14.91 12.61 15.90
N TRP B 290 14.90 13.56 14.96
CA TRP B 290 13.65 14.13 14.38
C TRP B 290 13.05 13.15 13.36
N ARG B 291 11.74 12.90 13.47
CA ARG B 291 10.99 11.99 12.57
C ARG B 291 10.43 12.78 11.38
N GLN B 292 10.45 14.11 11.43
CA GLN B 292 9.81 15.00 10.42
C GLN B 292 10.85 15.97 9.85
N TRP B 293 10.43 16.76 8.84
CA TRP B 293 11.30 17.65 8.02
C TRP B 293 11.09 19.11 8.44
N GLY B 294 11.95 20.01 7.95
CA GLY B 294 11.91 21.45 8.23
C GLY B 294 13.10 21.92 9.05
N VAL B 295 12.91 22.99 9.83
CA VAL B 295 13.99 23.70 10.57
C VAL B 295 13.71 23.55 12.07
N ALA B 296 14.64 22.91 12.80
CA ALA B 296 14.58 22.68 14.26
C ALA B 296 15.09 23.92 14.99
N ASP B 297 14.37 24.37 16.03
CA ASP B 297 14.75 25.51 16.88
C ASP B 297 15.85 25.08 17.86
N ASP B 298 15.85 23.81 18.27
CA ASP B 298 16.84 23.24 19.23
C ASP B 298 18.15 22.97 18.47
N VAL B 299 19.19 23.72 18.83
CA VAL B 299 20.51 23.76 18.14
C VAL B 299 21.62 23.66 19.20
N LEU B 300 22.88 23.54 18.77
CA LEU B 300 24.06 23.53 19.67
C LEU B 300 24.09 24.86 20.44
N CYS B 301 24.41 24.81 21.73
CA CYS B 301 24.51 25.97 22.65
C CYS B 301 25.89 26.63 22.49
N ALA B 302 25.95 27.79 21.84
CA ALA B 302 27.19 28.54 21.53
C ALA B 302 27.88 28.99 22.83
N GLY B 303 27.11 29.19 23.90
CA GLY B 303 27.59 29.67 25.21
C GLY B 303 28.16 28.55 26.08
N ASN B 304 28.20 27.32 25.56
CA ASN B 304 28.64 26.11 26.30
C ASN B 304 30.02 25.68 25.78
N ASP B 305 31.03 25.67 26.65
CA ASP B 305 32.44 25.34 26.30
C ASP B 305 32.53 23.90 25.80
N GLN B 306 31.70 23.00 26.32
CA GLN B 306 31.62 21.56 25.91
C GLN B 306 31.26 21.46 24.43
N VAL B 307 30.45 22.39 23.91
CA VAL B 307 30.03 22.41 22.48
C VAL B 307 31.26 22.67 21.61
N LEU B 308 32.08 23.65 21.96
CA LEU B 308 33.30 24.03 21.21
C LEU B 308 34.28 22.85 21.20
N LYS B 309 34.46 22.18 22.34
CA LYS B 309 35.36 21.01 22.48
C LYS B 309 34.80 19.84 21.64
N PHE B 310 33.49 19.58 21.73
CA PHE B 310 32.79 18.52 20.96
C PHE B 310 33.07 18.72 19.45
N LEU B 311 32.92 19.95 18.95
CA LEU B 311 33.11 20.28 17.52
C LEU B 311 34.58 20.05 17.12
N GLU B 312 35.54 20.50 17.93
CA GLU B 312 37.00 20.32 17.67
C GLU B 312 37.31 18.82 17.55
N ASP B 313 36.80 18.02 18.50
CA ASP B 313 37.04 16.55 18.57
C ASP B 313 36.44 15.85 17.35
N VAL B 314 35.20 16.21 16.98
CA VAL B 314 34.45 15.62 15.82
C VAL B 314 35.19 15.97 14.53
N TYR B 315 35.60 17.23 14.35
CA TYR B 315 36.26 17.72 13.13
C TYR B 315 37.72 17.24 13.10
N GLY B 316 38.32 17.02 14.28
CA GLY B 316 39.64 16.35 14.44
C GLY B 316 39.64 14.99 13.77
N GLU B 317 38.68 14.13 14.14
CA GLU B 317 38.53 12.76 13.60
C GLU B 317 38.08 12.82 12.13
N LEU B 318 37.32 13.85 11.74
CA LEU B 318 36.77 14.02 10.37
C LEU B 318 37.91 14.17 9.36
N ILE B 319 38.88 15.05 9.64
CA ILE B 319 39.97 15.44 8.69
C ILE B 319 41.02 14.32 8.59
N GLU B 320 41.01 13.35 9.51
CA GLU B 320 41.88 12.14 9.46
C GLU B 320 41.29 11.15 8.46
N ILE B 321 39.96 11.16 8.25
CA ILE B 321 39.23 10.28 7.29
C ILE B 321 39.23 10.93 5.90
N PHE B 322 38.89 12.22 5.83
CA PHE B 322 38.72 13.00 4.57
C PHE B 322 39.90 13.95 4.40
N PRO B 323 40.76 13.76 3.38
CA PRO B 323 41.89 14.67 3.13
C PRO B 323 41.60 15.95 2.33
N SER B 324 40.36 16.16 1.87
CA SER B 324 39.92 17.38 1.14
C SER B 324 40.44 18.64 1.84
N GLU B 325 41.09 19.54 1.07
CA GLU B 325 41.59 20.84 1.58
C GLU B 325 40.40 21.64 2.15
N TYR B 326 39.25 21.59 1.48
CA TYR B 326 38.01 22.32 1.86
C TYR B 326 37.11 21.38 2.66
N ILE B 327 36.60 21.88 3.79
CA ILE B 327 35.69 21.14 4.73
C ILE B 327 34.44 22.00 4.95
N HIS B 328 33.25 21.44 4.70
CA HIS B 328 31.95 22.16 4.79
C HIS B 328 31.44 22.08 6.24
N VAL B 329 31.26 23.23 6.91
CA VAL B 329 30.82 23.32 8.33
C VAL B 329 29.33 23.65 8.39
N GLY B 330 28.69 23.90 7.24
CA GLY B 330 27.24 24.15 7.12
C GLY B 330 26.91 25.60 7.44
N GLY B 331 26.17 25.83 8.53
CA GLY B 331 25.82 27.18 9.03
C GLY B 331 24.42 27.62 8.59
N ASP B 332 23.67 26.77 7.92
CA ASP B 332 22.34 27.11 7.33
C ASP B 332 21.25 26.99 8.40
N GLU B 333 20.21 27.82 8.28
CA GLU B 333 18.90 27.68 8.98
C GLU B 333 19.15 27.35 10.45
N CYS B 334 19.94 28.17 11.15
CA CYS B 334 20.13 28.12 12.61
C CYS B 334 19.31 29.23 13.24
N PRO B 335 18.06 28.95 13.69
CA PRO B 335 17.24 29.95 14.34
C PRO B 335 17.88 30.38 15.68
N LYS B 336 17.64 31.62 16.08
CA LYS B 336 18.32 32.30 17.20
C LYS B 336 17.40 32.34 18.42
N VAL B 337 16.34 31.54 18.40
CA VAL B 337 15.18 31.63 19.36
C VAL B 337 15.63 31.10 20.72
N ARG B 338 16.41 30.02 20.75
CA ARG B 338 16.93 29.38 22.00
C ARG B 338 18.07 30.22 22.58
N TRP B 339 18.95 30.76 21.73
CA TRP B 339 20.10 31.61 22.13
C TRP B 339 19.60 32.90 22.80
N GLU B 340 18.47 33.44 22.33
CA GLU B 340 17.83 34.67 22.88
C GLU B 340 17.49 34.46 24.36
N LYS B 341 17.15 33.22 24.75
CA LYS B 341 16.59 32.85 26.08
C LYS B 341 17.62 32.10 26.93
N CYS B 342 18.81 31.80 26.38
CA CYS B 342 19.84 30.94 27.02
C CYS B 342 20.81 31.80 27.84
N PRO B 343 20.89 31.61 29.18
CA PRO B 343 21.77 32.43 30.02
C PRO B 343 23.25 32.24 29.68
N LYS B 344 23.63 31.03 29.24
CA LYS B 344 25.01 30.70 28.80
C LYS B 344 25.32 31.50 27.52
N CYS B 345 24.47 31.41 26.50
CA CYS B 345 24.62 32.11 25.20
C CYS B 345 24.64 33.63 25.42
N GLN B 346 23.76 34.17 26.28
CA GLN B 346 23.70 35.63 26.59
C GLN B 346 24.96 36.05 27.36
N ALA B 347 25.51 35.18 28.22
CA ALA B 347 26.76 35.39 28.98
C ALA B 347 27.94 35.53 28.00
N ARG B 348 28.00 34.68 26.98
CA ARG B 348 29.00 34.73 25.88
C ARG B 348 28.91 36.08 25.17
N ILE B 349 27.69 36.47 24.76
CA ILE B 349 27.39 37.75 24.05
C ILE B 349 27.87 38.93 24.90
N LYS B 350 27.56 38.92 26.20
CA LYS B 350 27.92 40.00 27.17
C LYS B 350 29.44 40.13 27.29
N ALA B 351 30.15 39.00 27.46
CA ALA B 351 31.62 38.95 27.67
C ALA B 351 32.37 39.38 26.41
N LEU B 352 31.89 38.95 25.23
CA LEU B 352 32.48 39.30 23.91
C LEU B 352 32.12 40.74 23.51
N GLY B 353 31.14 41.36 24.17
CA GLY B 353 30.69 42.74 23.90
C GLY B 353 29.97 42.85 22.55
N LEU B 354 29.16 41.86 22.19
CA LEU B 354 28.44 41.79 20.90
C LEU B 354 27.19 42.67 20.98
N LYS B 355 26.92 43.43 19.91
CA LYS B 355 25.84 44.46 19.86
C LYS B 355 24.97 44.26 18.63
N SER B 356 23.74 44.77 18.69
CA SER B 356 22.80 44.87 17.55
C SER B 356 23.00 46.22 16.85
N ASP B 357 23.20 46.18 15.53
CA ASP B 357 23.27 47.38 14.65
C ASP B 357 22.54 47.03 13.34
N LYS B 358 22.66 47.87 12.31
CA LYS B 358 21.90 47.73 11.04
C LYS B 358 22.39 46.53 10.22
N ASN B 359 23.57 45.96 10.53
CA ASN B 359 24.21 44.85 9.76
C ASN B 359 23.94 43.50 10.41
N HIS B 360 23.70 43.44 11.73
CA HIS B 360 23.65 42.16 12.50
C HIS B 360 22.92 42.36 13.84
N SER B 361 22.25 41.31 14.32
CA SER B 361 21.78 41.16 15.73
C SER B 361 22.92 40.59 16.57
N LYS B 362 22.78 40.63 17.90
CA LYS B 362 23.73 40.01 18.86
C LYS B 362 23.89 38.52 18.53
N GLU B 363 22.78 37.82 18.31
CA GLU B 363 22.76 36.34 18.12
C GLU B 363 23.39 35.97 16.76
N GLU B 364 23.27 36.84 15.76
CA GLU B 364 23.94 36.67 14.45
C GLU B 364 25.46 36.83 14.63
N ARG B 365 25.91 37.80 15.44
CA ARG B 365 27.34 37.99 15.80
C ARG B 365 27.83 36.74 16.57
N LEU B 366 26.96 36.12 17.36
CA LEU B 366 27.28 34.89 18.15
C LEU B 366 27.47 33.69 17.20
N GLN B 367 26.67 33.59 16.14
CA GLN B 367 26.83 32.56 15.08
C GLN B 367 28.21 32.73 14.43
N SER B 368 28.57 33.96 14.09
CA SER B 368 29.89 34.33 13.50
C SER B 368 31.04 33.90 14.41
N PHE B 369 30.87 34.02 15.73
CA PHE B 369 31.86 33.58 16.76
C PHE B 369 32.08 32.06 16.62
N VAL B 370 31.00 31.28 16.48
CA VAL B 370 31.08 29.79 16.38
C VAL B 370 31.80 29.43 15.07
N ILE B 371 31.41 30.04 13.94
CA ILE B 371 32.01 29.78 12.61
C ILE B 371 33.50 30.16 12.63
N ASN B 372 33.84 31.29 13.27
CA ASN B 372 35.24 31.76 13.42
C ASN B 372 36.06 30.73 14.20
N HIS B 373 35.49 30.18 15.28
CA HIS B 373 36.19 29.22 16.19
C HIS B 373 36.56 27.96 15.41
N ILE B 374 35.64 27.42 14.60
CA ILE B 374 35.86 26.14 13.85
C ILE B 374 36.78 26.43 12.65
N GLU B 375 36.69 27.61 12.03
CA GLU B 375 37.62 28.01 10.93
C GLU B 375 39.06 28.06 11.48
N LYS B 376 39.26 28.73 12.61
CA LYS B 376 40.59 28.91 13.26
C LYS B 376 41.18 27.53 13.57
N PHE B 377 40.38 26.63 14.16
CA PHE B 377 40.79 25.23 14.48
C PHE B 377 41.23 24.52 13.19
N LEU B 378 40.43 24.60 12.13
CA LEU B 378 40.67 23.88 10.84
C LEU B 378 41.82 24.53 10.06
N ASN B 379 41.93 25.87 10.09
CA ASN B 379 43.06 26.60 9.45
C ASN B 379 44.39 26.18 10.10
N ASP B 380 44.37 25.90 11.41
CA ASP B 380 45.56 25.44 12.19
C ASP B 380 45.99 24.03 11.73
N HIS B 381 45.03 23.19 11.32
CA HIS B 381 45.27 21.81 10.83
C HIS B 381 45.38 21.80 9.30
N GLY B 382 45.49 22.98 8.68
CA GLY B 382 45.82 23.14 7.24
C GLY B 382 44.64 22.93 6.32
N ARG B 383 43.42 23.18 6.78
CA ARG B 383 42.16 23.04 5.99
C ARG B 383 41.43 24.38 5.91
N GLN B 384 40.72 24.63 4.80
CA GLN B 384 39.84 25.80 4.58
C GLN B 384 38.39 25.37 4.84
N ILE B 385 37.50 26.29 5.22
CA ILE B 385 36.06 25.99 5.44
C ILE B 385 35.24 26.47 4.24
N ILE B 386 34.18 25.74 3.94
CA ILE B 386 33.01 26.21 3.13
C ILE B 386 31.83 26.35 4.10
N GLY B 387 30.98 27.36 3.88
CA GLY B 387 29.74 27.57 4.65
C GLY B 387 28.62 28.02 3.74
N TRP B 388 27.38 27.62 4.06
CA TRP B 388 26.14 28.12 3.41
C TRP B 388 26.06 29.63 3.61
N ASP B 389 25.34 30.36 2.75
CA ASP B 389 25.39 31.84 2.67
C ASP B 389 24.87 32.49 3.96
N GLU B 390 24.31 31.72 4.90
CA GLU B 390 23.91 32.24 6.24
C GLU B 390 25.14 32.64 7.08
N ILE B 391 26.35 32.16 6.74
CA ILE B 391 27.58 32.47 7.53
C ILE B 391 28.03 33.92 7.24
N LEU B 392 27.34 34.62 6.33
CA LEU B 392 27.48 36.10 6.16
C LEU B 392 26.94 36.82 7.41
N GLU B 393 25.97 36.23 8.12
CA GLU B 393 25.36 36.81 9.35
C GLU B 393 26.45 37.03 10.41
N GLY B 394 26.53 38.24 10.96
CA GLY B 394 27.46 38.61 12.03
C GLY B 394 28.88 38.86 11.54
N GLY B 395 29.09 38.90 10.22
CA GLY B 395 30.41 39.05 9.60
C GLY B 395 31.01 37.71 9.22
N LEU B 396 31.50 37.62 7.98
CA LEU B 396 32.09 36.39 7.39
C LEU B 396 33.44 36.11 8.05
N ALA B 397 33.72 34.86 8.40
CA ALA B 397 35.05 34.41 8.90
C ALA B 397 36.07 34.76 7.83
N PRO B 398 37.25 35.34 8.20
CA PRO B 398 38.16 35.94 7.24
C PRO B 398 38.63 35.07 6.06
N ASN B 399 38.67 33.73 6.20
CA ASN B 399 39.20 32.81 5.14
C ASN B 399 38.09 31.90 4.58
N ALA B 400 36.81 32.19 4.86
CA ALA B 400 35.67 31.32 4.51
C ALA B 400 35.36 31.40 3.02
N THR B 401 35.00 30.27 2.42
CA THR B 401 34.35 30.16 1.08
C THR B 401 32.83 30.05 1.31
N VAL B 402 32.03 30.73 0.50
CA VAL B 402 30.55 30.84 0.67
C VAL B 402 29.85 30.00 -0.41
N MET B 403 29.00 29.06 0.02
CA MET B 403 28.09 28.29 -0.88
C MET B 403 26.73 28.99 -0.88
N SER B 404 26.43 29.71 -1.97
CA SER B 404 25.19 30.50 -2.17
C SER B 404 24.05 29.57 -2.60
N TRP B 405 23.06 29.36 -1.72
CA TRP B 405 21.89 28.47 -1.98
C TRP B 405 20.58 29.27 -2.02
N ARG B 406 20.45 30.35 -1.24
CA ARG B 406 19.25 31.23 -1.24
C ARG B 406 19.37 32.23 -2.38
N GLY B 407 19.16 31.77 -3.62
CA GLY B 407 19.41 32.56 -4.84
C GLY B 407 20.90 32.82 -5.01
N GLU B 408 21.25 33.91 -5.69
CA GLU B 408 22.65 34.26 -6.07
C GLU B 408 23.19 35.38 -5.17
N SER B 409 22.32 36.04 -4.39
CA SER B 409 22.58 37.33 -3.71
C SER B 409 23.71 37.18 -2.68
N GLY B 410 23.71 36.09 -1.91
CA GLY B 410 24.77 35.76 -0.92
C GLY B 410 26.12 35.54 -1.59
N GLY B 411 26.14 34.82 -2.72
CA GLY B 411 27.33 34.61 -3.56
C GLY B 411 27.85 35.92 -4.15
N ILE B 412 26.95 36.81 -4.56
CA ILE B 412 27.29 38.14 -5.16
C ILE B 412 27.93 39.02 -4.07
N GLU B 413 27.32 39.06 -2.88
CA GLU B 413 27.78 39.88 -1.72
C GLU B 413 29.15 39.39 -1.25
N ALA B 414 29.36 38.07 -1.22
CA ALA B 414 30.61 37.41 -0.75
C ALA B 414 31.75 37.70 -1.74
N ALA B 415 31.46 37.70 -3.04
CA ALA B 415 32.41 37.98 -4.13
C ALA B 415 32.87 39.44 -4.06
N LYS B 416 31.98 40.35 -3.63
CA LYS B 416 32.29 41.81 -3.44
C LYS B 416 33.18 42.00 -2.21
N GLN B 417 33.15 41.06 -1.25
CA GLN B 417 34.02 41.06 -0.05
C GLN B 417 35.32 40.30 -0.34
N LYS B 418 35.50 39.82 -1.58
CA LYS B 418 36.73 39.15 -2.07
C LYS B 418 36.86 37.74 -1.46
N HIS B 419 35.74 37.08 -1.13
CA HIS B 419 35.70 35.67 -0.67
C HIS B 419 35.35 34.76 -1.85
N ASP B 420 36.00 33.60 -1.93
CA ASP B 420 35.70 32.53 -2.92
C ASP B 420 34.25 32.09 -2.73
N VAL B 421 33.58 31.75 -3.83
CA VAL B 421 32.13 31.39 -3.85
C VAL B 421 31.94 30.10 -4.65
N ILE B 422 31.01 29.25 -4.19
CA ILE B 422 30.44 28.11 -4.97
C ILE B 422 28.95 28.38 -5.11
N MET B 423 28.45 28.47 -6.34
CA MET B 423 27.03 28.75 -6.64
C MET B 423 26.24 27.44 -6.64
N THR B 424 25.28 27.31 -5.73
CA THR B 424 24.23 26.26 -5.72
C THR B 424 22.86 26.93 -5.54
N PRO B 425 22.52 27.97 -6.32
CA PRO B 425 21.27 28.71 -6.12
C PRO B 425 20.04 27.81 -6.33
N ASN B 426 19.08 27.86 -5.40
CA ASN B 426 17.86 27.02 -5.39
C ASN B 426 16.92 27.45 -6.53
N THR B 427 17.20 28.59 -7.17
CA THR B 427 16.45 29.10 -8.35
C THR B 427 16.84 28.31 -9.62
N TYR B 428 17.93 27.53 -9.58
CA TYR B 428 18.48 26.81 -10.76
C TYR B 428 18.90 25.37 -10.46
N LEU B 429 19.42 25.05 -9.26
CA LEU B 429 20.22 23.82 -9.04
C LEU B 429 19.80 23.05 -7.77
N TYR B 430 18.53 23.10 -7.37
CA TYR B 430 17.95 22.27 -6.28
C TYR B 430 17.13 21.13 -6.89
N PHE B 431 17.76 19.95 -7.06
CA PHE B 431 17.24 18.81 -7.85
C PHE B 431 16.39 17.87 -6.97
N ASP B 432 15.98 18.32 -5.78
CA ASP B 432 14.87 17.69 -5.01
C ASP B 432 13.55 18.31 -5.47
N TYR B 433 13.59 19.42 -6.21
CA TYR B 433 12.41 20.12 -6.78
C TYR B 433 11.91 19.38 -8.03
N TYR B 434 10.61 19.46 -8.28
CA TYR B 434 9.91 18.86 -9.46
C TYR B 434 10.54 19.38 -10.75
N GLN B 435 10.62 18.51 -11.78
CA GLN B 435 11.22 18.82 -13.11
C GLN B 435 10.11 18.86 -14.18
N ALA B 436 8.83 18.88 -13.77
CA ALA B 436 7.66 19.04 -14.67
C ALA B 436 6.58 19.89 -13.98
N LYS B 437 5.84 20.69 -14.77
CA LYS B 437 4.64 21.46 -14.37
C LYS B 437 3.59 20.54 -13.75
N ASP B 438 3.46 19.35 -14.32
CA ASP B 438 2.38 18.35 -14.09
C ASP B 438 2.67 17.56 -12.81
N THR B 439 2.71 18.24 -11.65
CA THR B 439 3.32 17.74 -10.39
C THR B 439 2.57 16.52 -9.84
N GLU B 440 1.26 16.39 -10.08
CA GLU B 440 0.44 15.28 -9.54
C GLU B 440 0.78 13.96 -10.25
N ASN B 441 1.43 14.02 -11.43
CA ASN B 441 1.85 12.83 -12.22
C ASN B 441 3.34 12.55 -12.03
N GLU B 442 4.00 13.28 -11.13
CA GLU B 442 5.43 13.08 -10.74
C GLU B 442 5.50 12.28 -9.45
N PRO B 443 6.62 11.59 -9.16
CA PRO B 443 6.87 11.05 -7.82
C PRO B 443 6.80 12.17 -6.76
N PHE B 444 6.21 11.87 -5.60
CA PHE B 444 5.95 12.85 -4.52
C PHE B 444 7.25 13.60 -4.20
N GLY B 445 7.20 14.93 -4.22
CA GLY B 445 8.36 15.83 -4.04
C GLY B 445 8.05 16.97 -3.09
N ILE B 446 9.08 17.76 -2.74
CA ILE B 446 8.98 18.91 -1.80
C ILE B 446 8.18 20.05 -2.44
N GLY B 447 8.33 20.25 -3.76
CA GLY B 447 7.70 21.34 -4.52
C GLY B 447 8.66 21.95 -5.53
N GLY B 448 8.40 23.18 -5.95
CA GLY B 448 9.24 23.95 -6.89
C GLY B 448 9.00 23.53 -8.33
N TYR B 449 9.74 24.13 -9.26
CA TYR B 449 9.71 23.80 -10.71
C TYR B 449 11.07 24.13 -11.32
N LEU B 450 11.90 23.09 -11.54
CA LEU B 450 13.23 23.18 -12.22
C LEU B 450 13.25 22.23 -13.41
N PRO B 451 12.67 22.63 -14.57
CA PRO B 451 12.77 21.81 -15.78
C PRO B 451 14.19 21.89 -16.36
N MET B 452 14.50 21.01 -17.32
CA MET B 452 15.81 20.94 -18.00
C MET B 452 16.21 22.31 -18.55
N GLU B 453 15.28 23.01 -19.20
CA GLU B 453 15.52 24.29 -19.93
C GLU B 453 16.02 25.36 -18.94
N ARG B 454 15.45 25.42 -17.74
CA ARG B 454 15.81 26.41 -16.68
C ARG B 454 17.24 26.12 -16.20
N VAL B 455 17.58 24.85 -15.95
CA VAL B 455 18.94 24.43 -15.51
C VAL B 455 19.96 24.87 -16.56
N TYR B 456 19.72 24.57 -17.84
CA TYR B 456 20.64 24.86 -18.95
C TYR B 456 20.83 26.38 -19.11
N SER B 457 19.78 27.17 -18.85
CA SER B 457 19.77 28.65 -19.04
C SER B 457 20.68 29.35 -18.02
N TYR B 458 21.00 28.71 -16.89
CA TYR B 458 21.78 29.31 -15.78
C TYR B 458 23.13 29.81 -16.28
N GLU B 459 23.46 31.07 -15.98
CA GLU B 459 24.81 31.68 -16.18
C GLU B 459 25.41 31.95 -14.80
N PRO B 460 26.41 31.15 -14.35
CA PRO B 460 26.95 31.26 -13.00
C PRO B 460 27.59 32.63 -12.67
N MET B 461 28.20 33.29 -13.66
CA MET B 461 28.83 34.62 -13.51
C MET B 461 27.74 35.68 -13.50
N PRO B 462 27.38 36.27 -12.34
CA PRO B 462 26.31 37.26 -12.29
C PRO B 462 26.71 38.50 -13.11
N ALA B 463 25.79 39.01 -13.93
CA ALA B 463 25.96 40.22 -14.76
C ALA B 463 26.36 41.41 -13.88
N SER B 464 25.91 41.43 -12.62
CA SER B 464 26.06 42.56 -11.65
C SER B 464 27.48 42.60 -11.03
N LEU B 465 28.31 41.57 -11.24
CA LEU B 465 29.73 41.56 -10.77
C LEU B 465 30.63 42.14 -11.87
N THR B 466 31.71 42.82 -11.48
CA THR B 466 32.79 43.33 -12.38
C THR B 466 33.64 42.15 -12.84
N PRO B 467 34.29 42.23 -14.02
CA PRO B 467 35.33 41.27 -14.42
C PRO B 467 36.20 40.70 -13.28
N ASP B 468 36.69 41.56 -12.38
CA ASP B 468 37.62 41.20 -11.27
C ASP B 468 36.88 40.37 -10.22
N GLU B 469 35.69 40.83 -9.81
CA GLU B 469 34.82 40.19 -8.79
C GLU B 469 34.36 38.81 -9.28
N GLN B 470 34.25 38.63 -10.59
CA GLN B 470 33.74 37.39 -11.25
C GLN B 470 34.71 36.22 -11.02
N GLN B 471 36.00 36.51 -10.74
CA GLN B 471 37.06 35.47 -10.57
C GLN B 471 36.90 34.76 -9.22
N TYR B 472 36.09 35.29 -8.30
CA TYR B 472 35.84 34.70 -6.95
C TYR B 472 34.74 33.63 -7.03
N ILE B 473 34.05 33.52 -8.17
CA ILE B 473 33.10 32.41 -8.49
C ILE B 473 33.93 31.20 -8.97
N LYS B 474 34.25 30.28 -8.06
CA LYS B 474 35.23 29.19 -8.27
C LYS B 474 34.53 27.89 -8.70
N GLY B 475 33.21 27.79 -8.52
CA GLY B 475 32.49 26.52 -8.67
C GLY B 475 30.98 26.65 -8.85
N VAL B 476 30.38 25.58 -9.38
CA VAL B 476 28.91 25.39 -9.56
C VAL B 476 28.58 23.96 -9.11
N GLN B 477 27.44 23.77 -8.43
CA GLN B 477 27.06 22.46 -7.83
C GLN B 477 25.53 22.40 -7.70
N ALA B 478 24.97 21.22 -7.92
CA ALA B 478 23.53 20.91 -7.71
C ALA B 478 23.37 20.12 -6.42
N ASN B 479 22.41 20.50 -5.58
CA ASN B 479 22.11 19.84 -4.29
C ASN B 479 20.96 18.85 -4.50
N LEU B 480 21.00 17.71 -3.80
CA LEU B 480 19.89 16.72 -3.73
C LEU B 480 19.57 16.45 -2.25
N TRP B 481 18.50 17.08 -1.76
CA TRP B 481 17.93 16.83 -0.41
C TRP B 481 16.92 15.68 -0.52
N THR B 482 16.91 14.78 0.48
CA THR B 482 16.29 13.44 0.34
C THR B 482 15.12 13.27 1.33
N GLU B 483 14.42 14.35 1.68
CA GLU B 483 13.18 14.28 2.50
C GLU B 483 12.19 13.31 1.86
N TYR B 484 12.01 13.41 0.53
CA TYR B 484 10.97 12.68 -0.25
C TYR B 484 11.65 11.74 -1.26
N ILE B 485 12.84 11.23 -0.91
CA ILE B 485 13.68 10.35 -1.77
C ILE B 485 14.20 9.20 -0.90
N ALA B 486 13.46 8.08 -0.89
CA ALA B 486 13.68 6.91 0.00
C ALA B 486 14.45 5.81 -0.76
N THR B 487 14.38 5.79 -2.09
CA THR B 487 15.08 4.80 -2.96
C THR B 487 16.08 5.54 -3.86
N PHE B 488 17.15 4.85 -4.25
CA PHE B 488 18.25 5.38 -5.09
C PHE B 488 17.79 5.49 -6.55
N SER B 489 16.90 4.61 -6.98
CA SER B 489 16.23 4.65 -8.31
C SER B 489 15.49 5.98 -8.45
N HIS B 490 14.82 6.43 -7.38
CA HIS B 490 14.10 7.74 -7.32
C HIS B 490 15.13 8.88 -7.33
N ALA B 491 16.27 8.70 -6.64
CA ALA B 491 17.36 9.70 -6.57
C ALA B 491 17.94 9.93 -7.98
N GLN B 492 18.12 8.84 -8.75
CA GLN B 492 18.61 8.87 -10.15
C GLN B 492 17.63 9.63 -11.04
N TYR B 493 16.32 9.36 -10.88
CA TYR B 493 15.21 10.03 -11.58
C TYR B 493 15.34 11.56 -11.40
N MET B 494 15.73 12.01 -10.21
CA MET B 494 15.71 13.44 -9.81
C MET B 494 16.98 14.16 -10.30
N VAL B 495 18.10 13.46 -10.50
CA VAL B 495 19.41 14.10 -10.89
C VAL B 495 19.71 13.85 -12.39
N LEU B 496 19.23 12.75 -12.97
CA LEU B 496 19.39 12.45 -14.42
C LEU B 496 18.04 12.67 -15.13
N PRO B 497 17.97 13.41 -16.25
CA PRO B 497 19.14 13.97 -16.94
C PRO B 497 19.53 15.43 -16.64
N ARG B 498 19.11 15.98 -15.50
CA ARG B 498 19.40 17.40 -15.14
C ARG B 498 20.90 17.61 -14.92
N TRP B 499 21.64 16.58 -14.48
CA TRP B 499 23.11 16.59 -14.31
C TRP B 499 23.80 16.85 -15.67
N ALA B 500 23.19 16.42 -16.78
CA ALA B 500 23.71 16.62 -18.15
C ALA B 500 23.74 18.12 -18.48
N ALA B 501 22.64 18.82 -18.17
CA ALA B 501 22.51 20.29 -18.33
C ALA B 501 23.48 21.00 -17.38
N LEU B 502 23.51 20.58 -16.10
CA LEU B 502 24.43 21.13 -15.07
C LEU B 502 25.87 21.05 -15.57
N CYS B 503 26.30 19.88 -16.06
CA CYS B 503 27.71 19.56 -16.39
C CYS B 503 28.18 20.42 -17.57
N GLU B 504 27.26 20.87 -18.43
CA GLU B 504 27.60 21.77 -19.58
C GLU B 504 27.82 23.20 -19.06
N VAL B 505 27.02 23.64 -18.09
CA VAL B 505 27.18 24.95 -17.38
C VAL B 505 28.53 24.94 -16.66
N GLN B 506 28.81 23.86 -15.91
CA GLN B 506 30.05 23.64 -15.13
C GLN B 506 31.29 23.69 -16.03
N TRP B 507 31.25 23.02 -17.19
CA TRP B 507 32.45 22.66 -18.00
C TRP B 507 32.61 23.59 -19.20
N SER B 508 31.62 23.65 -20.10
CA SER B 508 31.68 24.34 -21.40
C SER B 508 31.61 25.86 -21.21
N THR B 509 32.21 26.62 -22.13
CA THR B 509 32.28 28.10 -22.11
C THR B 509 30.92 28.67 -22.51
N PRO B 510 30.57 29.91 -22.05
CA PRO B 510 29.23 30.46 -22.28
C PRO B 510 28.89 30.77 -23.74
N ASP B 511 29.90 31.01 -24.60
CA ASP B 511 29.72 31.33 -26.04
C ASP B 511 29.12 30.14 -26.79
N LYS B 512 29.37 28.91 -26.33
CA LYS B 512 29.04 27.65 -27.04
C LYS B 512 27.68 27.11 -26.56
N LYS B 513 27.06 27.74 -25.55
CA LYS B 513 25.74 27.33 -24.99
C LYS B 513 24.63 27.63 -26.01
N ASN B 514 23.73 26.68 -26.20
CA ASN B 514 22.59 26.70 -27.16
C ASN B 514 21.69 25.51 -26.83
N TYR B 515 20.49 25.76 -26.30
CA TYR B 515 19.61 24.71 -25.73
C TYR B 515 19.19 23.70 -26.80
N GLU B 516 18.88 24.19 -28.01
CA GLU B 516 18.30 23.37 -29.11
C GLU B 516 19.36 22.35 -29.57
N ASP B 517 20.63 22.78 -29.64
CA ASP B 517 21.79 21.92 -29.98
C ASP B 517 22.01 20.88 -28.86
N PHE B 518 21.93 21.31 -27.60
CA PHE B 518 22.15 20.46 -26.39
C PHE B 518 21.18 19.27 -26.42
N LEU B 519 19.91 19.52 -26.71
CA LEU B 519 18.85 18.47 -26.77
C LEU B 519 19.15 17.48 -27.91
N SER B 520 19.80 17.93 -28.99
CA SER B 520 20.17 17.09 -30.15
C SER B 520 21.31 16.13 -29.76
N ARG B 521 22.08 16.44 -28.72
CA ARG B 521 23.26 15.66 -28.28
C ARG B 521 22.89 14.72 -27.12
N LEU B 522 21.71 14.91 -26.51
CA LEU B 522 21.31 14.28 -25.22
C LEU B 522 20.94 12.81 -25.38
N PRO B 523 20.21 12.40 -26.45
CA PRO B 523 19.88 10.99 -26.65
C PRO B 523 21.09 10.03 -26.69
N ARG B 524 22.25 10.51 -27.16
CA ARG B 524 23.51 9.73 -27.21
C ARG B 524 24.00 9.44 -25.79
N LEU B 525 23.85 10.39 -24.86
CA LEU B 525 24.28 10.24 -23.44
C LEU B 525 23.31 9.30 -22.70
N ILE B 526 22.01 9.38 -23.02
CA ILE B 526 20.95 8.52 -22.39
C ILE B 526 21.24 7.05 -22.69
N LYS B 527 21.88 6.75 -23.84
CA LYS B 527 22.35 5.39 -24.21
C LYS B 527 23.22 4.83 -23.07
N TRP B 528 24.15 5.66 -22.57
CA TRP B 528 25.09 5.32 -21.48
C TRP B 528 24.34 5.14 -20.15
N TYR B 529 23.31 5.96 -19.90
CA TYR B 529 22.41 5.80 -18.72
C TYR B 529 21.80 4.39 -18.76
N ASP B 530 21.19 4.01 -19.88
CA ASP B 530 20.54 2.69 -20.11
C ASP B 530 21.57 1.56 -19.91
N ALA B 531 22.77 1.71 -20.50
CA ALA B 531 23.84 0.69 -20.55
C ALA B 531 24.44 0.45 -19.16
N GLU B 532 24.50 1.49 -18.32
CA GLU B 532 25.03 1.41 -16.92
C GLU B 532 23.89 1.05 -15.95
N GLY B 533 22.65 0.99 -16.45
CA GLY B 533 21.45 0.64 -15.68
C GLY B 533 20.97 1.78 -14.80
N TYR B 534 21.25 3.03 -15.18
CA TYR B 534 20.83 4.26 -14.47
C TYR B 534 19.40 4.63 -14.87
N ASN B 535 18.52 4.79 -13.89
CA ASN B 535 17.13 5.31 -14.05
C ASN B 535 17.21 6.82 -14.31
N TYR B 536 16.19 7.39 -14.96
CA TYR B 536 16.14 8.84 -15.32
C TYR B 536 14.73 9.24 -15.75
N ALA B 537 14.44 10.55 -15.72
CA ALA B 537 13.16 11.17 -16.13
C ALA B 537 13.13 11.31 -17.66
N LYS B 538 11.94 11.22 -18.26
CA LYS B 538 11.75 11.01 -19.73
C LYS B 538 10.96 12.16 -20.37
N HIS B 539 10.72 13.25 -19.65
CA HIS B 539 9.92 14.42 -20.11
C HIS B 539 10.43 14.92 -21.47
N VAL B 540 11.76 14.87 -21.68
CA VAL B 540 12.46 15.34 -22.91
C VAL B 540 12.03 14.48 -24.12
N PHE B 541 11.60 13.23 -23.88
CA PHE B 541 11.20 12.25 -24.92
C PHE B 541 9.71 12.41 -25.30
N ASP B 542 8.98 13.28 -24.62
CA ASP B 542 7.54 13.57 -24.91
C ASP B 542 7.38 14.16 -26.31
N VAL B 543 6.17 14.06 -26.87
CA VAL B 543 5.76 14.76 -28.13
C VAL B 543 5.21 16.13 -27.72
N LYS B 544 5.82 17.21 -28.24
CA LYS B 544 5.36 18.61 -28.06
C LYS B 544 4.33 18.91 -29.15
N ALA B 545 3.10 19.26 -28.75
CA ALA B 545 1.98 19.59 -29.66
C ALA B 545 1.64 21.08 -29.55
N GLU B 546 1.57 21.77 -30.69
CA GLU B 546 1.07 23.17 -30.80
C GLU B 546 -0.21 23.15 -31.65
N PHE B 547 -1.29 23.75 -31.12
CA PHE B 547 -2.62 23.89 -31.77
C PHE B 547 -2.78 25.36 -32.18
N THR B 548 -2.57 25.64 -33.48
CA THR B 548 -2.50 26.99 -34.07
C THR B 548 -3.77 27.26 -34.89
N PRO B 549 -4.65 28.18 -34.46
CA PRO B 549 -5.77 28.63 -35.28
C PRO B 549 -5.30 29.12 -36.65
N ASN B 550 -6.00 28.71 -37.72
CA ASN B 550 -5.71 29.10 -39.12
C ASN B 550 -7.02 29.55 -39.77
N PRO B 551 -7.48 30.79 -39.50
CA PRO B 551 -8.79 31.25 -39.98
C PRO B 551 -8.87 31.35 -41.51
N ALA B 552 -7.74 31.66 -42.17
CA ALA B 552 -7.62 31.79 -43.65
C ALA B 552 -8.03 30.48 -44.33
N ASP B 553 -7.56 29.33 -43.81
CA ASP B 553 -7.84 27.97 -44.35
C ASP B 553 -9.07 27.38 -43.66
N GLY B 554 -9.51 27.98 -42.54
CA GLY B 554 -10.66 27.52 -41.74
C GLY B 554 -10.37 26.20 -41.05
N THR B 555 -9.17 26.05 -40.49
CA THR B 555 -8.68 24.80 -39.85
C THR B 555 -7.99 25.12 -38.52
N LEU B 556 -7.86 24.12 -37.65
CA LEU B 556 -6.93 24.10 -36.50
C LEU B 556 -5.72 23.25 -36.88
N ASP B 557 -4.53 23.86 -36.94
CA ASP B 557 -3.26 23.23 -37.42
C ASP B 557 -2.49 22.65 -36.22
N ILE B 558 -2.35 21.33 -36.17
CA ILE B 558 -1.58 20.59 -35.13
C ILE B 558 -0.19 20.28 -35.66
N THR B 559 0.86 20.81 -35.03
CA THR B 559 2.28 20.45 -35.29
C THR B 559 2.79 19.60 -34.12
N LEU B 560 3.66 18.63 -34.43
CA LEU B 560 4.22 17.65 -33.46
C LEU B 560 5.74 17.55 -33.66
N THR B 561 6.51 17.64 -32.58
CA THR B 561 7.99 17.61 -32.58
C THR B 561 8.50 16.74 -31.43
N THR B 562 9.67 16.12 -31.62
CA THR B 562 10.47 15.43 -30.58
C THR B 562 11.94 15.87 -30.73
N ILE B 563 12.76 15.65 -29.71
CA ILE B 563 14.19 16.07 -29.69
C ILE B 563 15.01 15.19 -30.63
N ASP B 564 14.56 13.96 -30.90
CA ASP B 564 15.29 12.94 -31.71
C ASP B 564 14.57 12.68 -33.05
N ASN B 565 13.46 13.37 -33.32
CA ASN B 565 12.64 13.22 -34.56
C ASN B 565 12.31 11.74 -34.79
N ALA B 566 11.88 11.03 -33.75
CA ALA B 566 11.40 9.63 -33.83
C ALA B 566 10.07 9.60 -34.56
N PRO B 567 9.67 8.47 -35.18
CA PRO B 567 8.39 8.39 -35.87
C PRO B 567 7.21 8.67 -34.93
N ILE B 568 6.34 9.62 -35.30
CA ILE B 568 5.10 9.97 -34.54
C ILE B 568 3.91 9.38 -35.28
N HIS B 569 3.15 8.52 -34.60
CA HIS B 569 1.90 7.88 -35.08
C HIS B 569 0.71 8.52 -34.35
N TYR B 570 -0.42 8.71 -35.03
CA TYR B 570 -1.60 9.43 -34.50
C TYR B 570 -2.91 8.74 -34.92
N THR B 571 -3.99 9.02 -34.18
CA THR B 571 -5.39 8.63 -34.48
C THR B 571 -6.31 9.84 -34.25
N LEU B 572 -7.41 9.93 -34.99
CA LEU B 572 -8.40 11.03 -34.92
C LEU B 572 -9.77 10.51 -34.47
N ASP B 573 -9.93 9.19 -34.31
CA ASP B 573 -11.23 8.51 -34.07
C ASP B 573 -11.31 7.97 -32.63
N GLY B 574 -10.33 8.29 -31.77
CA GLY B 574 -10.36 7.98 -30.33
C GLY B 574 -9.73 6.63 -29.97
N THR B 575 -9.33 5.82 -30.96
CA THR B 575 -8.65 4.51 -30.73
C THR B 575 -7.23 4.76 -30.22
N GLU B 576 -6.62 3.72 -29.64
CA GLU B 576 -5.21 3.73 -29.17
C GLU B 576 -4.28 3.88 -30.38
N PRO B 577 -3.40 4.92 -30.41
CA PRO B 577 -2.37 5.02 -31.44
C PRO B 577 -1.23 4.01 -31.21
N THR B 578 -0.88 3.25 -32.25
CA THR B 578 0.15 2.17 -32.22
C THR B 578 1.12 2.36 -33.39
N SER B 579 2.04 1.40 -33.59
CA SER B 579 3.05 1.41 -34.69
C SER B 579 2.40 1.24 -36.07
N THR B 580 1.10 0.89 -36.12
CA THR B 580 0.35 0.66 -37.40
C THR B 580 -0.69 1.76 -37.64
N SER B 581 -0.69 2.83 -36.84
CA SER B 581 -1.51 4.05 -37.07
C SER B 581 -0.81 4.94 -38.10
N PRO B 582 -1.54 5.84 -38.79
CA PRO B 582 -0.92 6.80 -39.72
C PRO B 582 0.30 7.53 -39.14
N VAL B 583 1.31 7.78 -39.96
CA VAL B 583 2.58 8.50 -39.58
C VAL B 583 2.35 10.00 -39.79
N TYR B 584 2.85 10.82 -38.85
CA TYR B 584 2.83 12.30 -38.93
C TYR B 584 3.83 12.74 -40.01
N ASP B 585 3.35 13.49 -41.01
CA ASP B 585 4.05 13.84 -42.27
C ASP B 585 4.34 15.34 -42.31
N GLY B 586 3.74 16.10 -41.39
CA GLY B 586 3.48 17.54 -41.51
C GLY B 586 2.18 17.90 -40.82
N ALA B 587 1.92 19.19 -40.62
CA ALA B 587 0.81 19.72 -39.79
C ALA B 587 -0.52 19.06 -40.21
N LEU B 588 -1.29 18.58 -39.23
CA LEU B 588 -2.67 18.06 -39.41
C LEU B 588 -3.64 19.25 -39.44
N LYS B 589 -4.28 19.48 -40.58
CA LYS B 589 -5.26 20.59 -40.79
C LYS B 589 -6.66 20.05 -40.50
N ILE B 590 -7.13 20.25 -39.25
CA ILE B 590 -8.41 19.70 -38.70
C ILE B 590 -9.55 20.63 -39.10
N LYS B 591 -10.58 20.07 -39.76
CA LYS B 591 -11.72 20.80 -40.36
C LYS B 591 -13.05 20.25 -39.84
N GLU B 592 -13.01 19.24 -38.96
CA GLU B 592 -14.19 18.52 -38.42
C GLU B 592 -13.85 18.01 -37.01
N ASN B 593 -14.81 17.41 -36.30
CA ASN B 593 -14.61 16.82 -34.96
C ASN B 593 -13.46 15.82 -35.01
N ALA B 594 -12.68 15.73 -33.93
CA ALA B 594 -11.53 14.81 -33.79
C ALA B 594 -11.25 14.56 -32.31
N ASP B 595 -11.14 13.29 -31.91
CA ASP B 595 -10.45 12.87 -30.66
C ASP B 595 -9.00 12.55 -31.04
N PHE B 596 -8.13 13.56 -30.98
CA PHE B 596 -6.72 13.48 -31.41
C PHE B 596 -5.89 12.77 -30.34
N SER B 597 -5.00 11.89 -30.77
CA SER B 597 -3.99 11.17 -29.94
C SER B 597 -2.75 10.89 -30.79
N ALA B 598 -1.56 11.18 -30.27
CA ALA B 598 -0.26 10.88 -30.93
C ALA B 598 0.72 10.29 -29.92
N ILE B 599 1.62 9.43 -30.41
CA ILE B 599 2.69 8.75 -29.62
C ILE B 599 3.95 8.69 -30.48
N ALA B 600 5.12 8.86 -29.87
CA ALA B 600 6.44 8.67 -30.52
C ALA B 600 6.89 7.22 -30.28
N ILE B 601 7.20 6.49 -31.34
CA ILE B 601 7.60 5.05 -31.30
C ILE B 601 9.13 4.98 -31.18
N ARG B 602 9.63 4.33 -30.13
CA ARG B 602 11.08 4.10 -29.88
C ARG B 602 11.28 2.64 -29.47
N PRO B 603 12.35 1.98 -29.97
CA PRO B 603 12.61 0.57 -29.61
C PRO B 603 12.76 0.36 -28.10
N THR B 604 13.34 1.34 -27.39
CA THR B 604 13.46 1.36 -25.91
C THR B 604 12.07 1.27 -25.28
N GLY B 605 11.17 2.18 -25.67
CA GLY B 605 9.83 2.33 -25.08
C GLY B 605 9.09 3.52 -25.67
N ASN B 606 7.86 3.29 -26.16
CA ASN B 606 6.96 4.32 -26.75
C ASN B 606 6.77 5.46 -25.75
N SER B 607 6.63 6.69 -26.26
CA SER B 607 6.46 7.93 -25.45
C SER B 607 5.10 7.92 -24.76
N ARG B 608 4.88 8.89 -23.88
CA ARG B 608 3.56 9.18 -23.26
C ARG B 608 2.68 9.78 -24.36
N VAL B 609 1.39 9.39 -24.39
CA VAL B 609 0.43 9.82 -25.45
C VAL B 609 0.07 11.28 -25.21
N VAL B 610 0.18 12.12 -26.24
CA VAL B 610 -0.33 13.52 -26.24
C VAL B 610 -1.73 13.48 -26.88
N SER B 611 -2.70 14.18 -26.29
CA SER B 611 -4.15 13.99 -26.51
C SER B 611 -4.86 15.35 -26.53
N GLU B 612 -5.89 15.49 -27.38
CA GLU B 612 -6.71 16.73 -27.46
C GLU B 612 -8.04 16.45 -28.17
N LYS B 613 -9.15 16.79 -27.50
CA LYS B 613 -10.53 16.74 -28.04
C LYS B 613 -10.80 18.05 -28.80
N ILE B 614 -11.05 17.97 -30.12
CA ILE B 614 -11.35 19.14 -30.98
C ILE B 614 -12.85 19.12 -31.30
N ASP B 615 -13.61 20.04 -30.67
CA ASP B 615 -15.07 20.25 -30.89
C ASP B 615 -15.23 21.33 -31.96
N PHE B 616 -15.35 20.90 -33.23
CA PHE B 616 -15.44 21.77 -34.43
C PHE B 616 -16.91 21.97 -34.78
N SER B 617 -17.35 23.23 -34.92
CA SER B 617 -18.75 23.61 -35.24
C SER B 617 -18.76 24.71 -36.31
N LYS B 618 -19.93 25.24 -36.64
CA LYS B 618 -20.12 26.32 -37.65
C LYS B 618 -19.38 27.59 -37.23
N SER B 619 -19.06 27.74 -35.93
CA SER B 619 -18.44 28.95 -35.33
C SER B 619 -16.91 28.87 -35.39
N SER B 620 -16.33 27.69 -35.59
CA SER B 620 -14.87 27.41 -35.45
C SER B 620 -14.07 28.17 -36.53
N MET B 621 -13.07 28.95 -36.10
CA MET B 621 -12.11 29.73 -36.93
C MET B 621 -12.83 30.82 -37.73
N LYS B 622 -14.07 31.16 -37.37
CA LYS B 622 -14.85 32.26 -38.01
C LYS B 622 -14.43 33.59 -37.39
N PRO B 623 -14.51 34.72 -38.14
CA PRO B 623 -14.23 36.04 -37.57
C PRO B 623 -15.11 36.31 -36.33
N ILE B 624 -14.54 36.96 -35.32
CA ILE B 624 -15.22 37.23 -34.02
C ILE B 624 -14.74 38.57 -33.46
N VAL B 625 -15.68 39.37 -32.95
CA VAL B 625 -15.45 40.73 -32.39
C VAL B 625 -15.99 40.77 -30.96
N ALA B 626 -15.24 41.36 -30.04
CA ALA B 626 -15.70 41.71 -28.68
C ALA B 626 -16.46 43.04 -28.75
N ASN B 627 -17.75 43.04 -28.42
CA ASN B 627 -18.61 44.26 -28.40
C ASN B 627 -18.44 44.96 -27.05
N GLN B 628 -18.13 44.20 -25.99
CA GLN B 628 -17.73 44.71 -24.66
C GLN B 628 -16.39 44.08 -24.29
N PRO B 629 -15.54 44.76 -23.48
CA PRO B 629 -14.16 44.35 -23.31
C PRO B 629 -13.95 43.02 -22.56
N VAL B 630 -12.90 42.30 -22.96
CA VAL B 630 -12.36 41.11 -22.24
C VAL B 630 -11.56 41.64 -21.04
N ASN B 631 -11.56 40.91 -19.92
CA ASN B 631 -10.74 41.22 -18.72
C ASN B 631 -9.27 41.09 -19.10
N LYS B 632 -8.44 42.11 -18.78
CA LYS B 632 -7.03 42.23 -19.24
C LYS B 632 -6.18 41.13 -18.58
N GLN B 633 -6.29 40.95 -17.27
CA GLN B 633 -5.49 39.96 -16.49
C GLN B 633 -5.62 38.57 -17.12
N TYR B 634 -6.84 38.14 -17.43
CA TYR B 634 -7.16 36.79 -17.97
C TYR B 634 -7.61 36.89 -19.43
N GLU B 635 -6.94 37.74 -20.23
CA GLU B 635 -7.26 37.95 -21.67
C GLU B 635 -6.63 36.84 -22.51
N PHE B 636 -5.38 36.48 -22.23
CA PHE B 636 -4.57 35.48 -22.98
C PHE B 636 -4.61 35.84 -24.47
N LYS B 637 -4.97 34.91 -25.35
CA LYS B 637 -4.92 35.09 -26.83
C LYS B 637 -6.19 35.81 -27.32
N GLY B 638 -7.13 36.14 -26.43
CA GLY B 638 -8.29 37.01 -26.71
C GLY B 638 -9.53 36.25 -27.17
N VAL B 639 -10.43 36.92 -27.89
CA VAL B 639 -11.79 36.40 -28.26
C VAL B 639 -11.66 35.17 -29.19
N SER B 640 -10.65 35.13 -30.06
CA SER B 640 -10.37 33.99 -30.97
C SER B 640 -10.38 32.67 -30.19
N THR B 641 -9.96 32.70 -28.92
CA THR B 641 -9.98 31.56 -27.97
C THR B 641 -11.34 30.84 -27.97
N LEU B 642 -12.43 31.59 -28.16
CA LEU B 642 -13.83 31.10 -28.06
C LEU B 642 -14.26 30.34 -29.32
N VAL B 643 -13.46 30.36 -30.40
CA VAL B 643 -13.81 29.71 -31.70
C VAL B 643 -12.60 28.98 -32.28
N ASP B 644 -11.79 28.35 -31.42
CA ASP B 644 -10.55 27.62 -31.84
C ASP B 644 -10.75 26.10 -31.74
N GLY B 645 -11.95 25.65 -31.36
CA GLY B 645 -12.32 24.21 -31.29
C GLY B 645 -11.81 23.54 -30.03
N LEU B 646 -11.07 24.26 -29.16
CA LEU B 646 -10.45 23.72 -27.93
C LEU B 646 -11.31 24.09 -26.71
N LYS B 647 -11.45 23.15 -25.77
CA LYS B 647 -12.17 23.32 -24.49
C LYS B 647 -11.16 23.28 -23.34
N GLY B 648 -11.58 23.71 -22.14
CA GLY B 648 -10.74 23.76 -20.93
C GLY B 648 -11.15 22.72 -19.90
N ASN B 649 -10.43 22.68 -18.78
CA ASN B 649 -10.72 21.82 -17.59
C ASN B 649 -11.00 22.75 -16.40
N GLY B 650 -11.05 22.21 -15.18
CA GLY B 650 -11.33 22.96 -13.94
C GLY B 650 -10.32 24.07 -13.66
N ASN B 651 -9.13 24.02 -14.29
CA ASN B 651 -8.03 25.00 -14.12
C ASN B 651 -8.24 26.16 -15.10
N TYR B 652 -8.56 27.36 -14.60
CA TYR B 652 -8.97 28.55 -15.41
C TYR B 652 -7.75 29.41 -15.80
N LYS B 653 -6.52 28.92 -15.60
CA LYS B 653 -5.26 29.69 -15.81
C LYS B 653 -4.46 29.14 -16.99
N THR B 654 -4.96 28.11 -17.69
CA THR B 654 -4.23 27.37 -18.76
C THR B 654 -4.07 28.24 -20.02
N GLY B 655 -5.00 29.17 -20.26
CA GLY B 655 -5.12 29.93 -21.52
C GLY B 655 -6.30 29.45 -22.36
N ARG B 656 -6.90 28.31 -21.97
CA ARG B 656 -8.11 27.74 -22.62
C ARG B 656 -9.34 28.59 -22.28
N TRP B 657 -9.31 29.34 -21.17
CA TRP B 657 -10.41 30.21 -20.69
C TRP B 657 -10.00 31.69 -20.80
N ILE B 658 -10.97 32.55 -21.14
CA ILE B 658 -10.84 34.04 -21.07
C ILE B 658 -11.97 34.55 -20.19
N ALA B 659 -11.75 35.66 -19.47
CA ALA B 659 -12.62 36.12 -18.36
C ALA B 659 -13.29 37.45 -18.71
N PHE B 660 -14.39 37.74 -18.00
CA PHE B 660 -15.15 39.02 -18.06
C PHE B 660 -15.56 39.39 -16.62
N ARG B 661 -15.45 40.68 -16.28
CA ARG B 661 -15.76 41.21 -14.93
C ARG B 661 -16.26 42.65 -15.07
N GLY B 662 -17.41 42.98 -14.46
CA GLY B 662 -18.02 44.32 -14.48
C GLY B 662 -18.70 44.62 -15.81
N ASN B 663 -18.91 43.60 -16.65
CA ASN B 663 -19.55 43.72 -17.99
C ASN B 663 -19.77 42.30 -18.54
N ASP B 664 -20.74 42.15 -19.43
CA ASP B 664 -21.14 40.84 -20.04
C ASP B 664 -20.04 40.38 -21.02
N MET B 665 -19.89 39.06 -21.21
CA MET B 665 -19.32 38.51 -22.47
C MET B 665 -20.30 38.90 -23.57
N ASP B 666 -19.84 39.62 -24.59
CA ASP B 666 -20.71 40.16 -25.67
C ASP B 666 -19.90 40.10 -26.97
N VAL B 667 -20.08 39.03 -27.74
CA VAL B 667 -19.28 38.73 -28.96
C VAL B 667 -20.21 38.51 -30.15
N THR B 668 -19.81 39.00 -31.32
CA THR B 668 -20.48 38.75 -32.63
C THR B 668 -19.58 37.82 -33.44
N ILE B 669 -20.12 36.67 -33.85
CA ILE B 669 -19.44 35.69 -34.74
C ILE B 669 -20.04 35.85 -36.15
N ASP B 670 -19.18 35.96 -37.16
CA ASP B 670 -19.54 36.08 -38.59
C ASP B 670 -19.43 34.69 -39.23
N LEU B 671 -20.57 34.10 -39.62
CA LEU B 671 -20.62 32.76 -40.28
C LEU B 671 -20.32 32.90 -41.77
N LYS B 672 -20.11 34.14 -42.25
CA LYS B 672 -19.52 34.50 -43.58
C LYS B 672 -20.55 34.35 -44.71
N GLN B 673 -21.62 33.56 -44.51
CA GLN B 673 -22.76 33.48 -45.46
C GLN B 673 -24.02 33.12 -44.68
N PRO B 674 -25.24 33.48 -45.19
CA PRO B 674 -26.49 33.05 -44.57
C PRO B 674 -26.52 31.54 -44.25
N THR B 675 -26.67 31.21 -42.98
CA THR B 675 -26.60 29.82 -42.42
C THR B 675 -27.78 29.56 -41.49
N GLU B 676 -28.41 28.39 -41.59
CA GLU B 676 -29.48 27.92 -40.68
C GLU B 676 -28.81 27.34 -39.42
N ILE B 677 -29.14 27.88 -38.25
CA ILE B 677 -28.59 27.44 -36.93
C ILE B 677 -29.77 27.15 -35.99
N SER B 678 -29.56 26.28 -34.99
CA SER B 678 -30.61 25.83 -34.04
C SER B 678 -30.08 25.67 -32.60
N SER B 679 -28.78 25.86 -32.35
CA SER B 679 -28.20 25.71 -30.99
C SER B 679 -26.95 26.57 -30.82
N VAL B 680 -26.72 27.02 -29.58
CA VAL B 680 -25.47 27.68 -29.10
C VAL B 680 -25.14 27.09 -27.72
N ALA B 681 -23.92 26.58 -27.55
CA ALA B 681 -23.43 26.02 -26.27
C ALA B 681 -22.14 26.75 -25.86
N ILE B 682 -21.99 27.00 -24.55
CA ILE B 682 -20.74 27.49 -23.92
C ILE B 682 -20.46 26.58 -22.72
N SER B 683 -19.23 26.64 -22.19
CA SER B 683 -18.88 26.13 -20.85
C SER B 683 -18.30 27.30 -20.04
N THR B 684 -18.54 27.28 -18.73
CA THR B 684 -17.96 28.24 -17.75
C THR B 684 -17.10 27.44 -16.76
N CYS B 685 -16.04 28.07 -16.24
CA CYS B 685 -15.17 27.51 -15.18
C CYS B 685 -15.46 28.24 -13.88
N VAL B 686 -15.86 27.51 -12.84
CA VAL B 686 -16.28 28.06 -11.51
C VAL B 686 -15.20 27.73 -10.47
N GLU B 687 -14.94 28.70 -9.58
CA GLU B 687 -14.04 28.58 -8.41
C GLU B 687 -14.43 29.70 -7.43
N LYS B 688 -15.41 29.43 -6.56
CA LYS B 688 -16.13 30.46 -5.76
C LYS B 688 -15.19 31.09 -4.72
N GLY B 689 -14.22 30.32 -4.20
CA GLY B 689 -13.16 30.82 -3.31
C GLY B 689 -12.35 31.96 -3.94
N ASP B 690 -12.21 31.95 -5.28
CA ASP B 690 -11.42 32.96 -6.05
C ASP B 690 -12.35 34.02 -6.67
N TRP B 691 -13.61 34.09 -6.22
CA TRP B 691 -14.63 35.07 -6.69
C TRP B 691 -14.98 34.79 -8.15
N VAL B 692 -14.84 33.54 -8.59
CA VAL B 692 -15.14 33.08 -9.97
C VAL B 692 -16.46 32.29 -9.94
N PHE B 693 -17.51 32.84 -10.55
CA PHE B 693 -18.89 32.29 -10.51
C PHE B 693 -19.37 31.92 -11.91
N ASP B 694 -20.45 31.14 -11.96
CA ASP B 694 -21.16 30.76 -13.21
C ASP B 694 -21.82 32.02 -13.78
N THR B 695 -22.20 31.96 -15.06
CA THR B 695 -23.03 33.00 -15.74
C THR B 695 -24.39 33.10 -15.05
N ARG B 696 -25.01 34.28 -15.09
CA ARG B 696 -26.36 34.55 -14.53
C ARG B 696 -27.41 34.58 -15.65
N GLY B 697 -26.98 34.52 -16.91
CA GLY B 697 -27.89 34.49 -18.06
C GLY B 697 -27.15 34.36 -19.38
N LEU B 698 -27.71 33.62 -20.32
CA LEU B 698 -27.16 33.43 -21.69
C LEU B 698 -28.24 33.82 -22.70
N SER B 699 -27.88 34.63 -23.71
CA SER B 699 -28.78 35.08 -24.81
C SER B 699 -28.11 34.82 -26.16
N VAL B 700 -28.92 34.60 -27.20
CA VAL B 700 -28.48 34.49 -28.63
C VAL B 700 -29.34 35.45 -29.47
N GLU B 701 -28.69 36.41 -30.14
CA GLU B 701 -29.33 37.31 -31.13
C GLU B 701 -28.73 37.02 -32.51
N VAL B 702 -29.52 37.16 -33.57
CA VAL B 702 -29.11 36.88 -34.98
C VAL B 702 -29.36 38.14 -35.82
N SER B 703 -28.64 38.26 -36.94
CA SER B 703 -28.72 39.40 -37.88
C SER B 703 -28.37 38.94 -39.31
N GLU B 704 -29.08 39.46 -40.30
CA GLU B 704 -28.78 39.29 -41.75
C GLU B 704 -27.84 40.42 -42.21
N ASP B 705 -27.94 41.60 -41.58
CA ASP B 705 -27.32 42.87 -42.07
C ASP B 705 -26.05 43.20 -41.28
N GLY B 706 -25.87 42.67 -40.07
CA GLY B 706 -24.65 42.83 -39.26
C GLY B 706 -24.74 43.96 -38.24
N THR B 707 -25.77 44.81 -38.30
CA THR B 707 -25.97 45.97 -37.38
C THR B 707 -27.14 45.70 -36.43
N ASN B 708 -28.25 45.16 -36.94
CA ASN B 708 -29.54 44.99 -36.22
C ASN B 708 -29.72 43.51 -35.84
N PHE B 709 -29.64 43.22 -34.54
CA PHE B 709 -29.67 41.85 -33.96
C PHE B 709 -31.00 41.61 -33.24
N THR B 710 -31.55 40.40 -33.37
CA THR B 710 -32.88 39.99 -32.86
C THR B 710 -32.72 38.73 -32.01
N LYS B 711 -33.19 38.78 -30.76
CA LYS B 711 -33.09 37.70 -29.74
C LYS B 711 -33.96 36.52 -30.17
N VAL B 712 -33.36 35.33 -30.33
CA VAL B 712 -34.04 34.06 -30.74
C VAL B 712 -34.05 33.06 -29.57
N ALA B 713 -33.20 33.25 -28.57
CA ALA B 713 -33.11 32.35 -27.39
C ALA B 713 -32.45 33.10 -26.22
N SER B 714 -32.88 32.79 -25.00
CA SER B 714 -32.28 33.30 -23.73
C SER B 714 -32.70 32.40 -22.57
N GLU B 715 -31.87 32.30 -21.54
CA GLU B 715 -32.23 31.69 -20.23
C GLU B 715 -31.47 32.41 -19.10
N ALA B 716 -32.18 32.73 -18.02
CA ALA B 716 -31.63 33.27 -16.76
C ALA B 716 -31.30 32.10 -15.83
N TYR B 717 -30.18 32.19 -15.11
CA TYR B 717 -29.70 31.17 -14.14
C TYR B 717 -29.70 31.81 -12.75
N PRO B 718 -30.22 31.13 -11.71
CA PRO B 718 -30.23 31.68 -10.35
C PRO B 718 -28.80 31.89 -9.79
N ALA B 719 -28.69 32.74 -8.76
CA ALA B 719 -27.46 32.95 -7.97
C ALA B 719 -26.97 31.59 -7.44
N MET B 720 -25.65 31.39 -7.42
CA MET B 720 -25.03 30.14 -6.90
C MET B 720 -25.22 30.09 -5.38
N LYS B 721 -25.50 28.89 -4.85
CA LYS B 721 -25.60 28.61 -3.39
C LYS B 721 -24.23 28.12 -2.89
N GLU B 722 -24.00 28.17 -1.58
CA GLU B 722 -22.69 27.84 -0.93
C GLU B 722 -22.27 26.41 -1.29
N THR B 723 -23.24 25.51 -1.43
CA THR B 723 -23.02 24.04 -1.58
C THR B 723 -22.85 23.64 -3.04
N ASP B 724 -23.04 24.57 -3.99
CA ASP B 724 -22.82 24.31 -5.44
C ASP B 724 -21.36 23.92 -5.66
N LYS B 725 -21.12 23.00 -6.59
CA LYS B 725 -19.77 22.53 -6.99
C LYS B 725 -18.98 23.67 -7.65
N ASN B 726 -17.66 23.59 -7.60
CA ASN B 726 -16.72 24.33 -8.48
C ASN B 726 -16.43 23.44 -9.71
N GLY B 727 -15.67 23.96 -10.68
CA GLY B 727 -15.29 23.23 -11.90
C GLY B 727 -16.11 23.68 -13.09
N VAL B 728 -16.25 22.80 -14.09
CA VAL B 728 -16.84 23.14 -15.43
C VAL B 728 -18.36 22.99 -15.37
N TYR B 729 -19.08 24.01 -15.83
CA TYR B 729 -20.55 24.00 -16.08
C TYR B 729 -20.76 24.13 -17.59
N ASP B 730 -21.69 23.33 -18.15
CA ASP B 730 -22.11 23.41 -19.57
C ASP B 730 -23.47 24.11 -19.63
N HIS B 731 -23.62 25.07 -20.54
CA HIS B 731 -24.87 25.84 -20.78
C HIS B 731 -25.21 25.82 -22.28
N LYS B 732 -26.40 25.32 -22.62
CA LYS B 732 -26.86 25.14 -24.03
C LYS B 732 -28.24 25.79 -24.18
N LEU B 733 -28.42 26.53 -25.28
CA LEU B 733 -29.73 27.04 -25.75
C LEU B 733 -30.03 26.39 -27.10
N THR B 734 -31.18 25.73 -27.21
CA THR B 734 -31.76 25.22 -28.47
C THR B 734 -32.89 26.19 -28.88
N PHE B 735 -33.16 26.32 -30.17
CA PHE B 735 -34.22 27.22 -30.70
C PHE B 735 -34.66 26.74 -32.09
N THR B 736 -35.84 27.21 -32.50
CA THR B 736 -36.43 27.00 -33.85
C THR B 736 -35.36 27.31 -34.89
N PRO B 737 -35.10 26.40 -35.86
CA PRO B 737 -34.11 26.68 -36.90
C PRO B 737 -34.35 28.07 -37.52
N VAL B 738 -33.33 28.92 -37.50
CA VAL B 738 -33.38 30.35 -37.94
C VAL B 738 -32.16 30.60 -38.83
N THR B 739 -32.34 31.39 -39.90
CA THR B 739 -31.30 31.67 -40.92
C THR B 739 -30.68 33.05 -40.62
N ALA B 740 -29.35 33.11 -40.54
CA ALA B 740 -28.59 34.30 -40.11
C ALA B 740 -27.13 34.19 -40.60
N GLN B 741 -26.45 35.34 -40.77
CA GLN B 741 -25.00 35.40 -41.07
C GLN B 741 -24.22 35.77 -39.80
N TYR B 742 -24.76 36.67 -38.98
CA TYR B 742 -24.10 37.20 -37.76
C TYR B 742 -24.83 36.69 -36.52
N VAL B 743 -24.07 36.25 -35.51
CA VAL B 743 -24.58 35.66 -34.24
C VAL B 743 -23.92 36.38 -33.07
N LYS B 744 -24.71 37.13 -32.30
CA LYS B 744 -24.28 37.79 -31.05
C LYS B 744 -24.61 36.86 -29.88
N VAL B 745 -23.61 36.52 -29.05
CA VAL B 745 -23.76 35.63 -27.88
C VAL B 745 -23.38 36.45 -26.63
N ILE B 746 -24.30 36.52 -25.67
CA ILE B 746 -24.18 37.40 -24.47
C ILE B 746 -24.31 36.52 -23.22
N ALA B 747 -23.27 36.49 -22.39
CA ALA B 747 -23.25 35.78 -21.09
C ALA B 747 -22.89 36.80 -19.99
N SER B 748 -23.76 36.92 -18.98
CA SER B 748 -23.61 37.87 -17.85
C SER B 748 -22.83 37.22 -16.72
N PRO B 749 -21.82 37.91 -16.13
CA PRO B 749 -21.22 37.44 -14.89
C PRO B 749 -22.16 37.71 -13.70
N GLU B 750 -21.74 37.36 -12.49
CA GLU B 750 -22.41 37.75 -11.24
C GLU B 750 -21.96 39.19 -10.90
N LYS B 751 -22.83 40.18 -11.13
CA LYS B 751 -22.53 41.61 -10.85
C LYS B 751 -22.52 41.84 -9.33
N SER B 752 -23.31 41.06 -8.59
CA SER B 752 -23.50 41.18 -7.13
C SER B 752 -23.41 39.79 -6.47
N ILE B 753 -22.21 39.41 -6.01
CA ILE B 753 -21.91 38.12 -5.31
C ILE B 753 -22.92 37.94 -4.18
N PRO B 754 -23.50 36.73 -4.00
CA PRO B 754 -24.58 36.52 -3.03
C PRO B 754 -24.15 36.68 -1.55
N GLU B 755 -25.15 36.80 -0.68
CA GLU B 755 -25.05 37.28 0.72
C GLU B 755 -24.21 36.33 1.59
N TRP B 756 -24.20 35.03 1.28
CA TRP B 756 -23.51 33.97 2.07
C TRP B 756 -21.99 34.08 1.92
N HIS B 757 -21.50 34.69 0.84
CA HIS B 757 -20.07 34.74 0.44
C HIS B 757 -19.38 35.98 1.04
N GLY B 758 -18.09 35.87 1.35
CA GLY B 758 -17.25 36.96 1.89
C GLY B 758 -17.25 38.19 0.99
N GLY B 759 -17.33 37.98 -0.32
CA GLY B 759 -17.34 39.05 -1.34
C GLY B 759 -18.74 39.55 -1.66
N LYS B 760 -19.70 39.35 -0.75
CA LYS B 760 -21.11 39.81 -0.89
C LYS B 760 -21.14 41.23 -1.49
N SER B 761 -21.81 41.37 -2.64
CA SER B 761 -22.22 42.64 -3.29
C SER B 761 -21.15 43.17 -4.27
N TYR B 762 -19.93 42.63 -4.24
CA TYR B 762 -18.86 42.92 -5.24
C TYR B 762 -19.08 42.05 -6.48
N PRO B 763 -18.60 42.46 -7.68
CA PRO B 763 -18.77 41.67 -8.89
C PRO B 763 -17.78 40.51 -8.99
N GLY B 764 -18.21 39.39 -9.58
CA GLY B 764 -17.42 38.16 -9.74
C GLY B 764 -16.85 38.01 -11.14
N PHE B 765 -15.87 37.12 -11.31
CA PHE B 765 -15.29 36.74 -12.63
C PHE B 765 -16.21 35.73 -13.31
N LEU B 766 -16.39 35.88 -14.64
CA LEU B 766 -16.96 34.85 -15.55
C LEU B 766 -15.86 34.39 -16.52
N PHE B 767 -15.56 33.09 -16.57
CA PHE B 767 -14.57 32.47 -17.49
C PHE B 767 -15.31 31.58 -18.49
N VAL B 768 -15.00 31.71 -19.79
CA VAL B 768 -15.62 30.93 -20.92
C VAL B 768 -14.49 30.40 -21.81
N ASP B 769 -14.65 29.19 -22.36
CA ASP B 769 -13.59 28.46 -23.13
C ASP B 769 -13.95 28.39 -24.62
N GLU B 770 -15.22 28.23 -24.98
CA GLU B 770 -15.65 27.98 -26.38
C GLU B 770 -17.14 28.34 -26.55
N ILE B 771 -17.47 28.97 -27.68
CA ILE B 771 -18.87 29.14 -28.19
C ILE B 771 -19.06 28.17 -29.35
N THR B 772 -19.86 27.13 -29.13
CA THR B 772 -20.20 26.08 -30.12
C THR B 772 -21.55 26.41 -30.75
N ILE B 773 -21.58 26.61 -32.07
CA ILE B 773 -22.80 26.97 -32.85
C ILE B 773 -23.11 25.86 -33.85
N ASN B 774 -24.28 25.21 -33.70
CA ASN B 774 -24.93 24.38 -34.74
C ASN B 774 -26.36 24.90 -34.96
N GLN C 24 26.36 -6.37 23.68
CA GLN C 24 25.21 -6.66 24.58
C GLN C 24 23.97 -6.98 23.73
N GLU C 25 23.16 -7.95 24.18
CA GLU C 25 21.99 -8.51 23.44
C GLU C 25 20.69 -8.16 24.19
N GLU C 26 19.54 -8.30 23.52
CA GLU C 26 18.19 -7.97 24.07
C GLU C 26 17.27 -9.20 23.95
N ALA C 27 16.28 -9.30 24.84
CA ALA C 27 15.27 -10.38 24.88
C ALA C 27 13.97 -9.92 24.21
N ASN C 28 13.20 -10.86 23.66
CA ASN C 28 11.96 -10.63 22.88
C ASN C 28 10.83 -11.49 23.47
N TYR C 29 9.79 -10.85 24.02
CA TYR C 29 8.64 -11.52 24.71
C TYR C 29 7.58 -11.94 23.69
N GLN C 30 7.93 -11.90 22.40
CA GLN C 30 7.08 -12.36 21.26
C GLN C 30 7.46 -13.81 20.95
N ILE C 31 7.12 -14.72 21.88
CA ILE C 31 7.59 -16.14 21.92
C ILE C 31 6.45 -17.09 21.50
N ILE C 32 6.74 -18.40 21.52
CA ILE C 32 5.78 -19.50 21.24
C ILE C 32 5.66 -20.37 22.49
N PRO C 33 4.43 -20.59 23.03
CA PRO C 33 3.21 -20.01 22.51
C PRO C 33 3.02 -18.55 22.96
N LEU C 34 2.17 -17.80 22.25
CA LEU C 34 1.92 -16.35 22.48
C LEU C 34 1.11 -16.18 23.76
N PRO C 35 1.67 -15.49 24.78
CA PRO C 35 0.93 -15.24 26.03
C PRO C 35 -0.37 -14.44 25.83
N GLN C 36 -1.26 -14.49 26.82
CA GLN C 36 -2.62 -13.87 26.80
C GLN C 36 -2.48 -12.35 26.79
N GLU C 37 -1.64 -11.78 27.66
CA GLU C 37 -1.48 -10.31 27.85
C GLU C 37 0.01 -9.92 27.91
N ILE C 38 0.41 -8.95 27.08
CA ILE C 38 1.69 -8.17 27.18
C ILE C 38 1.31 -6.67 27.24
N VAL C 39 1.77 -5.93 28.25
CA VAL C 39 1.52 -4.45 28.33
C VAL C 39 2.66 -3.71 27.62
N THR C 40 3.91 -3.90 28.06
CA THR C 40 5.11 -3.11 27.66
C THR C 40 5.17 -1.80 28.47
N SER C 41 6.37 -1.39 28.88
CA SER C 41 6.69 -0.05 29.42
C SER C 41 7.90 0.51 28.66
N GLN C 42 8.19 1.80 28.87
CA GLN C 42 9.42 2.48 28.36
C GLN C 42 10.29 2.88 29.56
N VAL C 43 10.05 2.23 30.71
CA VAL C 43 10.95 2.25 31.92
C VAL C 43 12.21 1.45 31.55
N ASN C 44 13.31 1.70 32.28
CA ASN C 44 14.66 1.10 32.03
C ASN C 44 14.58 -0.43 32.09
N PRO C 45 15.29 -1.15 31.18
CA PRO C 45 15.37 -2.60 31.25
C PRO C 45 16.22 -3.14 32.42
N PHE C 46 16.17 -4.46 32.64
CA PHE C 46 16.96 -5.21 33.65
C PHE C 46 18.14 -5.90 32.96
N ILE C 47 19.33 -5.83 33.56
CA ILE C 47 20.61 -6.34 32.98
C ILE C 47 20.95 -7.69 33.64
N LEU C 48 21.43 -8.64 32.82
CA LEU C 48 21.72 -10.05 33.21
C LEU C 48 23.22 -10.30 33.12
N LYS C 49 23.95 -10.05 34.22
CA LYS C 49 25.43 -10.24 34.33
C LYS C 49 25.74 -11.07 35.57
N SER C 50 27.03 -11.44 35.74
CA SER C 50 27.57 -12.16 36.92
C SER C 50 27.37 -11.30 38.18
N GLY C 51 26.65 -11.84 39.17
CA GLY C 51 26.25 -11.12 40.40
C GLY C 51 24.77 -11.25 40.67
N VAL C 52 23.97 -11.35 39.60
CA VAL C 52 22.49 -11.60 39.64
C VAL C 52 22.26 -13.00 40.25
N LYS C 53 21.27 -13.12 41.15
CA LYS C 53 20.95 -14.38 41.88
C LYS C 53 19.45 -14.70 41.72
N ILE C 54 19.05 -15.91 42.11
CA ILE C 54 17.69 -16.49 41.86
C ILE C 54 17.09 -16.94 43.20
N LEU C 55 15.88 -16.46 43.52
CA LEU C 55 15.23 -16.58 44.85
C LEU C 55 13.95 -17.42 44.77
N TYR C 56 13.55 -18.01 45.90
CA TYR C 56 12.35 -18.89 46.04
C TYR C 56 12.07 -19.16 47.52
N PRO C 57 10.82 -19.51 47.91
CA PRO C 57 10.50 -19.87 49.29
C PRO C 57 11.32 -21.04 49.87
N GLU C 58 11.90 -20.86 51.05
CA GLU C 58 12.78 -21.84 51.74
C GLU C 58 11.99 -23.12 52.04
N GLY C 59 12.62 -24.29 51.89
CA GLY C 59 12.08 -25.60 52.28
C GLY C 59 11.28 -26.27 51.17
N ASN C 60 11.06 -25.59 50.04
CA ASN C 60 10.23 -26.08 48.90
C ASN C 60 11.16 -26.74 47.87
N GLU C 61 11.20 -28.08 47.86
CA GLU C 61 12.09 -28.92 47.00
C GLU C 61 11.76 -28.68 45.52
N LYS C 62 10.48 -28.47 45.19
CA LYS C 62 10.00 -28.30 43.79
C LYS C 62 10.37 -26.91 43.28
N MET C 63 10.40 -25.90 44.15
CA MET C 63 10.83 -24.52 43.80
C MET C 63 12.36 -24.45 43.70
N GLN C 64 13.08 -25.31 44.42
CA GLN C 64 14.55 -25.45 44.34
C GLN C 64 14.92 -26.05 42.97
N ARG C 65 14.22 -27.11 42.57
CA ARG C 65 14.36 -27.75 41.22
C ARG C 65 13.98 -26.71 40.15
N ASN C 66 12.93 -25.92 40.41
CA ASN C 66 12.45 -24.80 39.53
C ASN C 66 13.59 -23.79 39.32
N ALA C 67 14.17 -23.29 40.40
CA ALA C 67 15.27 -22.29 40.40
C ALA C 67 16.50 -22.88 39.71
N GLN C 68 16.80 -24.15 39.95
CA GLN C 68 17.94 -24.91 39.36
C GLN C 68 17.75 -25.00 37.84
N PHE C 69 16.54 -25.36 37.37
CA PHE C 69 16.18 -25.45 35.94
C PHE C 69 16.51 -24.13 35.23
N LEU C 70 16.21 -23.00 35.87
CA LEU C 70 16.44 -21.64 35.32
C LEU C 70 17.94 -21.43 35.08
N ALA C 71 18.78 -21.80 36.04
CA ALA C 71 20.26 -21.67 35.98
C ALA C 71 20.82 -22.51 34.83
N ASP C 72 20.27 -23.71 34.60
CA ASP C 72 20.66 -24.62 33.48
C ASP C 72 20.44 -23.91 32.15
N TYR C 73 19.29 -23.24 32.01
CA TYR C 73 18.85 -22.53 30.77
C TYR C 73 19.68 -21.27 30.57
N LEU C 74 19.94 -20.51 31.64
CA LEU C 74 20.81 -19.31 31.61
C LEU C 74 22.24 -19.73 31.25
N LYS C 75 22.65 -20.94 31.63
CA LYS C 75 24.01 -21.51 31.41
C LYS C 75 24.19 -21.94 29.95
N THR C 76 23.13 -22.34 29.25
CA THR C 76 23.15 -22.72 27.81
C THR C 76 22.95 -21.47 26.93
N ALA C 77 22.26 -20.45 27.45
CA ALA C 77 21.95 -19.18 26.75
C ALA C 77 23.15 -18.23 26.82
N THR C 78 23.64 -17.98 28.04
CA THR C 78 24.98 -17.38 28.31
C THR C 78 25.95 -18.52 28.62
N GLY C 79 27.15 -18.21 29.14
CA GLY C 79 28.08 -19.21 29.70
C GLY C 79 28.17 -19.09 31.20
N LYS C 80 27.39 -18.18 31.80
CA LYS C 80 27.56 -17.69 33.19
C LYS C 80 26.70 -18.53 34.14
N ASP C 81 27.15 -18.69 35.39
CA ASP C 81 26.40 -19.36 36.48
C ASP C 81 25.87 -18.30 37.43
N PHE C 82 24.55 -18.24 37.60
CA PHE C 82 23.82 -17.29 38.50
C PHE C 82 23.41 -18.06 39.76
N SER C 83 23.68 -17.49 40.94
CA SER C 83 23.58 -18.14 42.27
C SER C 83 22.17 -18.68 42.52
N ILE C 84 22.07 -19.81 43.23
CA ILE C 84 20.80 -20.44 43.70
C ILE C 84 20.65 -20.14 45.20
N GLU C 85 19.90 -19.09 45.54
CA GLU C 85 19.75 -18.58 46.93
C GLU C 85 18.32 -18.85 47.43
N ALA C 86 18.21 -19.42 48.63
CA ALA C 86 16.96 -19.53 49.41
C ALA C 86 16.62 -18.15 49.99
N GLY C 87 15.41 -17.64 49.74
CA GLY C 87 14.96 -16.35 50.30
C GLY C 87 13.79 -15.74 49.55
N THR C 88 13.43 -14.51 49.92
CA THR C 88 12.12 -13.87 49.63
C THR C 88 12.30 -12.60 48.79
N GLU C 89 13.30 -11.76 49.09
CA GLU C 89 13.58 -10.53 48.30
C GLU C 89 14.94 -9.91 48.67
N GLY C 90 15.66 -9.44 47.64
CA GLY C 90 16.85 -8.56 47.74
C GLY C 90 17.02 -7.77 46.45
N LYS C 91 18.21 -7.19 46.21
CA LYS C 91 18.57 -6.49 44.95
C LYS C 91 19.10 -7.52 43.95
N ASN C 92 19.29 -7.12 42.69
CA ASN C 92 19.76 -8.01 41.58
C ASN C 92 18.96 -9.31 41.63
N ALA C 93 17.63 -9.20 41.49
CA ALA C 93 16.65 -10.22 41.94
C ALA C 93 15.80 -10.74 40.76
N ILE C 94 15.81 -12.06 40.55
CA ILE C 94 14.74 -12.84 39.87
C ILE C 94 14.04 -13.70 40.93
N VAL C 95 12.82 -13.32 41.34
CA VAL C 95 12.12 -13.88 42.53
C VAL C 95 10.97 -14.77 42.07
N LEU C 96 10.99 -16.05 42.49
CA LEU C 96 9.95 -17.07 42.20
C LEU C 96 9.10 -17.26 43.47
N ALA C 97 7.78 -17.01 43.39
CA ALA C 97 6.85 -16.99 44.55
C ALA C 97 5.54 -17.70 44.20
N LEU C 98 4.66 -17.87 45.21
CA LEU C 98 3.39 -18.65 45.12
C LEU C 98 2.21 -17.79 45.58
N GLY C 99 2.19 -16.51 45.20
CA GLY C 99 1.07 -15.57 45.47
C GLY C 99 -0.04 -15.69 44.45
N SER C 100 -0.55 -14.55 43.96
CA SER C 100 -1.75 -14.44 43.07
C SER C 100 -2.96 -15.07 43.77
N GLU C 101 -3.98 -15.49 43.01
CA GLU C 101 -5.19 -16.19 43.54
C GLU C 101 -5.18 -17.63 43.01
N VAL C 102 -5.72 -18.57 43.80
CA VAL C 102 -5.67 -20.05 43.54
C VAL C 102 -6.63 -20.37 42.38
N GLU C 103 -6.44 -19.71 41.23
CA GLU C 103 -7.36 -19.70 40.05
C GLU C 103 -6.92 -20.82 39.10
N ASN C 104 -6.81 -20.55 37.78
CA ASN C 104 -6.19 -21.47 36.80
C ASN C 104 -4.79 -21.83 37.31
N PRO C 105 -4.56 -23.10 37.75
CA PRO C 105 -3.32 -23.48 38.43
C PRO C 105 -2.03 -23.23 37.62
N GLU C 106 -2.12 -23.32 36.29
CA GLU C 106 -0.96 -23.20 35.36
C GLU C 106 -0.86 -21.76 34.83
N SER C 107 -1.61 -20.82 35.41
CA SER C 107 -1.52 -19.36 35.12
C SER C 107 -0.27 -18.80 35.81
N TYR C 108 0.20 -17.61 35.39
CA TYR C 108 1.36 -16.91 35.98
C TYR C 108 1.31 -15.40 35.70
N GLN C 109 2.16 -14.67 36.43
CA GLN C 109 2.48 -13.24 36.20
C GLN C 109 4.01 -13.11 36.06
N LEU C 110 4.49 -12.37 35.05
CA LEU C 110 5.92 -12.16 34.75
C LEU C 110 6.21 -10.66 34.65
N LYS C 111 6.58 -10.03 35.77
CA LYS C 111 6.82 -8.57 35.88
C LYS C 111 8.32 -8.29 35.71
N VAL C 112 8.66 -7.17 35.06
CA VAL C 112 10.07 -6.69 34.82
C VAL C 112 10.13 -5.17 35.01
N THR C 113 10.89 -4.72 36.02
CA THR C 113 11.37 -3.33 36.16
C THR C 113 12.91 -3.37 36.26
N ASP C 114 13.58 -2.22 36.32
CA ASP C 114 15.07 -2.14 36.28
C ASP C 114 15.65 -2.61 37.61
N GLN C 115 14.83 -2.71 38.67
CA GLN C 115 15.25 -3.20 40.02
C GLN C 115 15.31 -4.73 40.02
N GLY C 116 14.30 -5.41 39.47
CA GLY C 116 14.20 -6.89 39.46
C GLY C 116 13.04 -7.40 38.62
N VAL C 117 12.88 -8.73 38.57
CA VAL C 117 11.77 -9.41 37.85
C VAL C 117 11.06 -10.36 38.83
N THR C 118 9.72 -10.42 38.75
CA THR C 118 8.84 -11.24 39.64
C THR C 118 8.12 -12.30 38.80
N ILE C 119 8.38 -13.58 39.07
CA ILE C 119 7.59 -14.73 38.53
C ILE C 119 6.75 -15.29 39.69
N THR C 120 5.44 -15.06 39.64
CA THR C 120 4.45 -15.42 40.70
C THR C 120 3.29 -16.18 40.04
N ALA C 121 2.81 -17.25 40.70
CA ALA C 121 1.78 -18.16 40.15
C ALA C 121 1.09 -18.93 41.28
N PRO C 122 -0.12 -19.49 41.04
CA PRO C 122 -0.82 -20.30 42.04
C PRO C 122 -0.07 -21.56 42.52
N THR C 123 0.61 -22.28 41.61
CA THR C 123 1.32 -23.55 41.88
C THR C 123 2.77 -23.47 41.39
N GLU C 124 3.57 -24.51 41.69
CA GLU C 124 4.98 -24.68 41.23
C GLU C 124 4.99 -24.83 39.70
N ALA C 125 3.95 -25.43 39.12
CA ALA C 125 3.79 -25.64 37.66
C ALA C 125 3.61 -24.30 36.96
N GLY C 126 2.72 -23.43 37.48
CA GLY C 126 2.46 -22.08 36.96
C GLY C 126 3.76 -21.26 36.86
N VAL C 127 4.64 -21.41 37.84
CA VAL C 127 5.97 -20.74 37.90
C VAL C 127 6.87 -21.31 36.80
N PHE C 128 6.92 -22.64 36.68
CA PHE C 128 7.74 -23.39 35.67
C PHE C 128 7.42 -22.88 34.26
N TYR C 129 6.15 -22.54 33.99
CA TYR C 129 5.67 -22.07 32.66
C TYR C 129 5.92 -20.56 32.52
N GLY C 130 6.06 -19.84 33.63
CA GLY C 130 6.63 -18.47 33.66
C GLY C 130 8.12 -18.50 33.36
N ILE C 131 8.82 -19.54 33.81
CA ILE C 131 10.30 -19.73 33.66
C ILE C 131 10.62 -20.14 32.21
N GLN C 132 9.78 -20.96 31.58
CA GLN C 132 9.93 -21.37 30.15
C GLN C 132 9.79 -20.13 29.27
N THR C 133 8.92 -19.18 29.65
CA THR C 133 8.70 -17.90 28.93
C THR C 133 9.96 -17.02 29.02
N LEU C 134 10.69 -17.10 30.14
CA LEU C 134 11.99 -16.38 30.34
C LEU C 134 13.07 -17.06 29.51
N ARG C 135 13.08 -18.40 29.48
CA ARG C 135 13.99 -19.24 28.65
C ARG C 135 13.87 -18.78 27.20
N LYS C 136 12.65 -18.70 26.67
CA LYS C 136 12.36 -18.59 25.21
C LYS C 136 12.46 -17.14 24.72
N SER C 137 12.47 -16.15 25.62
CA SER C 137 12.68 -14.72 25.29
C SER C 137 14.19 -14.44 25.11
N LEU C 138 15.03 -15.29 25.70
CA LEU C 138 16.52 -15.17 25.70
C LEU C 138 17.07 -15.61 24.34
N PRO C 139 18.16 -14.98 23.85
CA PRO C 139 18.94 -15.51 22.75
C PRO C 139 20.16 -16.33 23.23
N ILE C 140 20.74 -17.14 22.33
CA ILE C 140 21.99 -17.93 22.60
C ILE C 140 23.19 -17.06 22.24
N ALA C 141 23.55 -16.14 23.15
CA ALA C 141 24.72 -15.23 23.05
C ALA C 141 25.61 -15.42 24.27
N LEU C 142 26.71 -16.17 24.11
CA LEU C 142 27.56 -16.71 25.21
C LEU C 142 28.63 -15.68 25.58
N GLY C 143 28.92 -15.55 26.88
CA GLY C 143 29.88 -14.59 27.44
C GLY C 143 29.43 -13.15 27.24
N ALA C 144 28.14 -12.94 26.98
CA ALA C 144 27.51 -11.62 26.72
C ALA C 144 26.48 -11.32 27.81
N ASP C 145 26.24 -10.04 28.09
CA ASP C 145 25.14 -9.55 28.97
C ASP C 145 23.86 -9.50 28.14
N VAL C 146 22.69 -9.57 28.80
CA VAL C 146 21.34 -9.54 28.14
C VAL C 146 20.46 -8.52 28.85
N ALA C 147 19.68 -7.75 28.09
CA ALA C 147 18.72 -6.72 28.56
C ALA C 147 17.30 -7.30 28.53
N LEU C 148 16.51 -7.00 29.57
CA LEU C 148 15.10 -7.43 29.72
C LEU C 148 14.20 -6.20 29.69
N PRO C 149 13.59 -5.86 28.52
CA PRO C 149 12.67 -4.72 28.44
C PRO C 149 11.57 -4.76 29.52
N ALA C 150 11.22 -3.60 30.08
CA ALA C 150 10.20 -3.45 31.14
C ALA C 150 8.85 -3.94 30.62
N VAL C 151 8.18 -4.83 31.37
CA VAL C 151 6.93 -5.51 30.93
C VAL C 151 6.24 -6.16 32.15
N GLU C 152 4.92 -6.35 32.04
CA GLU C 152 4.10 -7.22 32.91
C GLU C 152 3.25 -8.13 32.01
N ILE C 153 3.35 -9.46 32.21
CA ILE C 153 2.69 -10.50 31.37
C ILE C 153 1.79 -11.36 32.27
N LYS C 154 0.47 -11.30 32.05
CA LYS C 154 -0.54 -12.20 32.66
C LYS C 154 -0.97 -13.23 31.60
N ASP C 155 -0.83 -14.52 31.91
CA ASP C 155 -0.93 -15.63 30.92
C ASP C 155 -1.49 -16.88 31.58
N ALA C 156 -2.13 -17.76 30.80
CA ALA C 156 -2.71 -19.05 31.23
C ALA C 156 -2.95 -19.94 30.02
N PRO C 157 -2.84 -21.29 30.17
CA PRO C 157 -3.14 -22.20 29.07
C PRO C 157 -4.65 -22.35 28.83
N ARG C 158 -5.08 -22.37 27.56
CA ARG C 158 -6.49 -22.54 27.16
C ARG C 158 -6.99 -23.91 27.60
N PHE C 159 -6.14 -24.94 27.51
CA PHE C 159 -6.49 -26.36 27.76
C PHE C 159 -5.65 -26.90 28.92
N GLY C 160 -6.28 -27.73 29.76
CA GLY C 160 -5.66 -28.38 30.93
C GLY C 160 -4.78 -29.55 30.53
N TYR C 161 -5.22 -30.35 29.55
CA TYR C 161 -4.48 -31.50 28.97
C TYR C 161 -3.81 -31.06 27.67
N ARG C 162 -2.48 -30.95 27.69
CA ARG C 162 -1.63 -30.58 26.51
C ARG C 162 -0.60 -31.69 26.32
N GLY C 163 -0.81 -32.56 25.33
CA GLY C 163 -0.14 -33.88 25.27
C GLY C 163 0.60 -34.12 23.97
N ALA C 164 1.50 -35.10 24.00
CA ALA C 164 2.11 -35.77 22.83
C ALA C 164 2.26 -37.26 23.15
N HIS C 165 1.87 -38.11 22.19
CA HIS C 165 1.95 -39.59 22.28
C HIS C 165 3.27 -40.04 21.67
N PHE C 166 3.82 -41.17 22.14
CA PHE C 166 5.08 -41.78 21.63
C PHE C 166 4.89 -43.29 21.54
N ASP C 167 4.75 -43.80 20.32
CA ASP C 167 4.71 -45.25 19.99
C ASP C 167 6.12 -45.80 20.18
N VAL C 168 6.31 -46.64 21.19
CA VAL C 168 7.63 -47.20 21.61
C VAL C 168 7.62 -48.72 21.36
N SER C 169 6.59 -49.23 20.67
CA SER C 169 6.35 -50.67 20.39
C SER C 169 6.81 -51.04 18.97
N ARG C 170 6.38 -50.27 17.96
CA ARG C 170 6.68 -50.52 16.52
C ARG C 170 8.19 -50.37 16.30
N HIS C 171 8.79 -49.36 16.92
CA HIS C 171 10.26 -49.24 17.11
C HIS C 171 10.51 -48.83 18.56
N PHE C 172 11.53 -49.43 19.19
CA PHE C 172 11.90 -49.27 20.61
C PHE C 172 12.84 -48.07 20.72
N PHE C 173 12.72 -47.32 21.83
CA PHE C 173 13.54 -46.12 22.15
C PHE C 173 14.03 -46.23 23.59
N THR C 174 15.30 -45.89 23.82
CA THR C 174 15.99 -45.99 25.13
C THR C 174 15.36 -45.02 26.13
N ILE C 175 15.57 -45.26 27.42
CA ILE C 175 15.16 -44.38 28.55
C ILE C 175 15.72 -42.97 28.31
N ASP C 176 16.99 -42.89 27.91
CA ASP C 176 17.69 -41.63 27.57
C ASP C 176 16.90 -40.89 26.48
N GLU C 177 16.50 -41.60 25.42
CA GLU C 177 15.78 -41.04 24.25
C GLU C 177 14.42 -40.50 24.71
N VAL C 178 13.73 -41.18 25.63
CA VAL C 178 12.41 -40.75 26.18
C VAL C 178 12.60 -39.52 27.07
N LYS C 179 13.69 -39.45 27.83
CA LYS C 179 14.04 -38.28 28.69
C LYS C 179 14.22 -37.05 27.80
N THR C 180 14.88 -37.21 26.65
CA THR C 180 15.06 -36.15 25.63
C THR C 180 13.67 -35.71 25.14
N TYR C 181 12.77 -36.66 24.90
CA TYR C 181 11.36 -36.44 24.45
C TYR C 181 10.61 -35.60 25.50
N ILE C 182 10.74 -35.95 26.78
CA ILE C 182 10.10 -35.22 27.93
C ILE C 182 10.69 -33.81 28.03
N ASP C 183 12.01 -33.68 27.84
CA ASP C 183 12.72 -32.37 27.82
C ASP C 183 12.12 -31.47 26.73
N MET C 184 11.77 -32.05 25.58
CA MET C 184 11.19 -31.32 24.42
C MET C 184 9.77 -30.85 24.73
N LEU C 185 8.98 -31.66 25.45
CA LEU C 185 7.57 -31.33 25.82
C LEU C 185 7.56 -30.09 26.73
N ALA C 186 8.42 -30.09 27.75
CA ALA C 186 8.60 -28.98 28.73
C ALA C 186 8.82 -27.66 27.99
N LEU C 187 9.63 -27.67 26.93
CA LEU C 187 10.03 -26.49 26.13
C LEU C 187 8.79 -25.86 25.47
N HIS C 188 7.80 -26.68 25.11
CA HIS C 188 6.53 -26.26 24.44
C HIS C 188 5.37 -26.19 25.46
N ASN C 189 5.66 -26.24 26.76
CA ASN C 189 4.69 -26.01 27.87
C ASN C 189 3.69 -27.17 27.99
N MET C 190 3.98 -28.33 27.39
CA MET C 190 3.08 -29.53 27.40
C MET C 190 3.19 -30.21 28.76
N ASN C 191 2.09 -30.77 29.27
CA ASN C 191 2.00 -31.35 30.65
C ASN C 191 1.58 -32.82 30.57
N ARG C 192 1.65 -33.45 29.39
CA ARG C 192 1.18 -34.86 29.18
C ARG C 192 2.10 -35.60 28.20
N LEU C 193 2.57 -36.79 28.60
CA LEU C 193 3.20 -37.80 27.73
C LEU C 193 2.34 -39.07 27.73
N HIS C 194 1.69 -39.37 26.60
CA HIS C 194 0.92 -40.62 26.36
C HIS C 194 1.90 -41.69 25.84
N TRP C 195 2.27 -42.64 26.70
CA TRP C 195 3.33 -43.65 26.44
C TRP C 195 2.69 -44.96 25.97
N HIS C 196 2.79 -45.25 24.66
CA HIS C 196 2.21 -46.44 23.98
C HIS C 196 3.24 -47.57 23.99
N ILE C 197 3.17 -48.45 24.99
CA ILE C 197 4.27 -49.35 25.43
C ILE C 197 3.97 -50.81 25.08
N THR C 198 2.80 -51.09 24.47
CA THR C 198 2.39 -52.44 24.00
C THR C 198 1.68 -52.32 22.66
N ASP C 199 2.01 -53.19 21.71
CA ASP C 199 1.30 -53.33 20.42
C ASP C 199 1.61 -54.72 19.83
N ASP C 200 1.21 -54.98 18.58
CA ASP C 200 1.34 -56.29 17.91
C ASP C 200 2.80 -56.66 17.69
N GLN C 201 3.68 -55.65 17.54
CA GLN C 201 5.08 -55.81 17.08
C GLN C 201 6.06 -55.79 18.27
N GLY C 202 5.57 -55.63 19.51
CA GLY C 202 6.43 -55.67 20.71
C GLY C 202 5.71 -55.26 21.99
N TRP C 203 6.05 -55.93 23.10
CA TRP C 203 5.59 -55.62 24.49
C TRP C 203 6.78 -55.07 25.29
N ARG C 204 6.71 -53.81 25.76
CA ARG C 204 7.91 -53.05 26.21
C ARG C 204 7.92 -52.81 27.73
N LEU C 205 7.01 -53.42 28.51
CA LEU C 205 7.01 -53.25 29.99
C LEU C 205 7.05 -54.62 30.68
N GLU C 206 8.04 -54.82 31.57
CA GLU C 206 8.19 -56.04 32.41
C GLU C 206 6.99 -56.14 33.35
N ILE C 207 6.29 -57.29 33.33
CA ILE C 207 5.18 -57.61 34.27
C ILE C 207 5.60 -58.84 35.10
N LYS C 208 5.61 -58.70 36.43
CA LYS C 208 6.13 -59.71 37.40
C LYS C 208 5.38 -61.04 37.22
N LYS C 209 4.04 -60.98 37.13
CA LYS C 209 3.13 -62.14 37.16
C LYS C 209 3.14 -62.90 35.83
N TYR C 210 3.55 -62.26 34.72
CA TYR C 210 3.57 -62.85 33.35
C TYR C 210 4.92 -62.56 32.71
N PRO C 211 5.99 -63.31 33.05
CA PRO C 211 7.35 -62.97 32.61
C PRO C 211 7.54 -63.13 31.09
N LYS C 212 6.74 -64.00 30.44
CA LYS C 212 6.85 -64.33 28.99
C LYS C 212 6.43 -63.11 28.14
N LEU C 213 5.65 -62.18 28.69
CA LEU C 213 5.27 -60.91 28.01
C LEU C 213 6.53 -60.23 27.49
N THR C 214 7.63 -60.28 28.25
CA THR C 214 8.94 -59.64 27.90
C THR C 214 9.95 -60.68 27.40
N GLU C 215 9.92 -61.92 27.90
CA GLU C 215 10.85 -63.01 27.47
C GLU C 215 10.59 -63.35 25.99
N ILE C 216 9.33 -63.31 25.55
CA ILE C 216 8.90 -63.65 24.16
C ILE C 216 8.31 -62.41 23.47
N GLY C 217 7.36 -61.73 24.11
CA GLY C 217 6.52 -60.69 23.51
C GLY C 217 7.28 -59.42 23.15
N SER C 218 8.48 -59.22 23.71
CA SER C 218 9.32 -58.02 23.50
C SER C 218 10.34 -58.22 22.37
N GLN C 219 10.35 -59.41 21.74
CA GLN C 219 11.29 -59.77 20.64
C GLN C 219 10.50 -60.02 19.36
N ARG C 220 11.10 -59.75 18.19
CA ARG C 220 10.40 -59.67 16.89
C ARG C 220 10.85 -60.82 15.96
N SER C 221 12.16 -61.03 15.82
CA SER C 221 12.81 -62.04 14.94
C SER C 221 13.20 -61.39 13.60
N GLY C 222 12.32 -60.55 13.05
CA GLY C 222 12.60 -59.71 11.86
C GLY C 222 11.68 -58.51 11.81
N THR C 223 11.96 -57.54 10.92
CA THR C 223 11.11 -56.37 10.61
C THR C 223 10.98 -56.24 9.10
N VAL C 224 9.75 -56.04 8.61
CA VAL C 224 9.43 -55.89 7.16
C VAL C 224 10.12 -54.63 6.64
N ILE C 225 10.52 -54.65 5.36
CA ILE C 225 11.12 -53.49 4.64
C ILE C 225 10.02 -52.82 3.82
N GLY C 226 9.99 -51.49 3.75
CA GLY C 226 8.98 -50.69 3.05
C GLY C 226 7.61 -50.81 3.70
N ARG C 227 6.54 -50.54 2.95
CA ARG C 227 5.13 -50.66 3.40
C ARG C 227 4.65 -52.09 3.15
N ASN C 228 4.96 -53.01 4.06
CA ASN C 228 4.62 -54.47 3.97
C ASN C 228 4.94 -54.96 2.56
N SER C 229 6.23 -54.94 2.18
CA SER C 229 6.72 -55.19 0.79
C SER C 229 6.85 -56.68 0.50
N GLY C 230 6.87 -57.54 1.51
CA GLY C 230 7.01 -59.00 1.37
C GLY C 230 8.43 -59.47 1.63
N GLU C 231 9.41 -58.58 1.54
CA GLU C 231 10.83 -58.86 1.91
C GLU C 231 11.08 -58.32 3.32
N TYR C 232 11.91 -59.04 4.08
CA TYR C 232 12.12 -58.87 5.55
C TYR C 232 13.61 -58.79 5.86
N ASP C 233 13.95 -57.95 6.85
CA ASP C 233 15.30 -57.85 7.47
C ASP C 233 15.28 -58.73 8.72
N ASN C 234 16.10 -59.79 8.73
CA ASN C 234 16.03 -60.92 9.70
C ASN C 234 16.87 -60.62 10.95
N THR C 235 17.29 -59.36 11.13
CA THR C 235 17.79 -58.81 12.41
C THR C 235 16.71 -58.97 13.48
N PRO C 236 16.89 -59.83 14.50
CA PRO C 236 15.98 -59.83 15.65
C PRO C 236 15.98 -58.45 16.31
N TYR C 237 14.79 -57.89 16.53
CA TYR C 237 14.56 -56.54 17.09
C TYR C 237 13.72 -56.67 18.36
N GLY C 238 14.01 -55.85 19.37
CA GLY C 238 13.32 -55.90 20.67
C GLY C 238 13.97 -55.03 21.72
N GLY C 239 13.62 -55.29 22.98
CA GLY C 239 13.91 -54.43 24.14
C GLY C 239 12.65 -54.22 24.96
N PHE C 240 12.81 -53.99 26.27
CA PHE C 240 11.71 -53.67 27.21
C PHE C 240 12.26 -52.77 28.31
N TYR C 241 11.37 -52.01 28.96
CA TYR C 241 11.65 -51.25 30.20
C TYR C 241 11.33 -52.17 31.39
N THR C 242 12.23 -52.21 32.37
CA THR C 242 11.95 -52.80 33.71
C THR C 242 11.03 -51.83 34.46
N GLN C 243 10.39 -52.28 35.53
CA GLN C 243 9.50 -51.45 36.39
C GLN C 243 10.36 -50.34 37.03
N GLU C 244 11.63 -50.63 37.32
CA GLU C 244 12.66 -49.62 37.74
C GLU C 244 12.74 -48.51 36.69
N GLN C 245 13.13 -48.89 35.46
CA GLN C 245 13.38 -47.96 34.33
C GLN C 245 12.13 -47.09 34.09
N ALA C 246 10.94 -47.68 34.26
CA ALA C 246 9.63 -47.01 34.03
C ALA C 246 9.37 -45.93 35.09
N LYS C 247 9.65 -46.23 36.37
CA LYS C 247 9.44 -45.29 37.50
C LYS C 247 10.38 -44.10 37.36
N GLU C 248 11.60 -44.33 36.86
CA GLU C 248 12.63 -43.28 36.63
C GLU C 248 12.08 -42.25 35.64
N ILE C 249 11.33 -42.70 34.63
CA ILE C 249 10.66 -41.84 33.59
C ILE C 249 9.54 -41.04 34.26
N VAL C 250 8.65 -41.71 34.99
CA VAL C 250 7.50 -41.10 35.72
C VAL C 250 8.03 -39.95 36.59
N ASP C 251 9.13 -40.20 37.33
CA ASP C 251 9.74 -39.24 38.28
C ASP C 251 10.41 -38.09 37.50
N TYR C 252 11.08 -38.40 36.39
CA TYR C 252 11.78 -37.41 35.52
C TYR C 252 10.77 -36.45 34.87
N ALA C 253 9.58 -36.97 34.54
CA ALA C 253 8.46 -36.18 33.96
C ALA C 253 7.78 -35.34 35.04
N ALA C 254 7.59 -35.90 36.23
CA ALA C 254 6.94 -35.25 37.40
C ALA C 254 7.69 -33.97 37.78
N GLU C 255 9.02 -34.00 37.74
CA GLU C 255 9.91 -32.83 38.01
C GLU C 255 9.58 -31.69 37.04
N ARG C 256 9.17 -32.01 35.81
CA ARG C 256 8.89 -31.03 34.72
C ARG C 256 7.37 -30.85 34.58
N TYR C 257 6.61 -31.23 35.62
CA TYR C 257 5.16 -30.93 35.80
C TYR C 257 4.39 -31.54 34.62
N ILE C 258 4.77 -32.77 34.26
CA ILE C 258 4.22 -33.60 33.16
C ILE C 258 3.78 -34.96 33.72
N THR C 259 2.48 -35.26 33.70
CA THR C 259 1.90 -36.59 34.03
C THR C 259 2.12 -37.54 32.85
N VAL C 260 2.68 -38.73 33.11
CA VAL C 260 2.84 -39.81 32.10
C VAL C 260 1.58 -40.67 32.10
N VAL C 261 0.80 -40.62 31.02
CA VAL C 261 -0.44 -41.45 30.82
C VAL C 261 -0.03 -42.72 30.07
N PRO C 262 -0.03 -43.90 30.73
CA PRO C 262 0.35 -45.14 30.07
C PRO C 262 -0.79 -45.70 29.22
N GLU C 263 -0.46 -46.41 28.14
CA GLU C 263 -1.43 -47.18 27.33
C GLU C 263 -0.94 -48.62 27.19
N ILE C 264 -1.74 -49.58 27.65
CA ILE C 264 -1.65 -51.02 27.28
C ILE C 264 -2.92 -51.36 26.49
N ASP C 265 -2.82 -51.30 25.15
CA ASP C 265 -3.94 -51.28 24.19
C ASP C 265 -4.67 -52.62 24.22
N LEU C 266 -6.00 -52.60 24.42
CA LEU C 266 -6.88 -53.80 24.47
C LEU C 266 -8.23 -53.47 23.85
N PRO C 267 -9.00 -54.46 23.35
CA PRO C 267 -8.58 -55.85 23.27
C PRO C 267 -7.84 -56.22 21.97
N GLY C 268 -7.65 -55.25 21.07
CA GLY C 268 -6.83 -55.39 19.85
C GLY C 268 -5.40 -54.95 20.10
N HIS C 269 -4.55 -55.01 19.06
CA HIS C 269 -3.13 -54.59 19.09
C HIS C 269 -2.38 -55.37 20.18
N MET C 270 -2.70 -56.66 20.31
CA MET C 270 -2.30 -57.51 21.47
C MET C 270 -1.55 -58.78 21.01
N LEU C 271 -1.09 -58.85 19.75
CA LEU C 271 -0.45 -60.08 19.18
C LEU C 271 0.81 -60.45 20.00
N ALA C 272 1.51 -59.48 20.60
CA ALA C 272 2.71 -59.70 21.43
C ALA C 272 2.33 -60.54 22.66
N ALA C 273 1.28 -60.11 23.38
CA ALA C 273 0.70 -60.84 24.53
C ALA C 273 0.29 -62.26 24.12
N LEU C 274 -0.30 -62.41 22.92
CA LEU C 274 -0.87 -63.69 22.40
C LEU C 274 0.26 -64.68 22.07
N ALA C 275 1.36 -64.22 21.49
CA ALA C 275 2.53 -65.06 21.17
C ALA C 275 3.08 -65.65 22.47
N ALA C 276 3.11 -64.84 23.53
CA ALA C 276 3.59 -65.21 24.89
C ALA C 276 2.61 -66.18 25.55
N TYR C 277 1.30 -65.90 25.48
CA TYR C 277 0.21 -66.68 26.11
C TYR C 277 -0.90 -66.94 25.09
N PRO C 278 -0.73 -67.91 24.16
CA PRO C 278 -1.70 -68.17 23.10
C PRO C 278 -3.11 -68.58 23.58
N GLU C 279 -3.28 -68.94 24.85
CA GLU C 279 -4.60 -69.32 25.43
C GLU C 279 -5.52 -68.09 25.47
N LEU C 280 -4.96 -66.88 25.42
CA LEU C 280 -5.70 -65.58 25.53
C LEU C 280 -6.46 -65.26 24.23
N GLY C 281 -6.20 -65.99 23.14
CA GLY C 281 -6.80 -65.75 21.81
C GLY C 281 -7.87 -66.77 21.46
N CYS C 282 -8.79 -66.41 20.57
CA CYS C 282 -9.98 -67.21 20.19
C CYS C 282 -9.57 -68.59 19.64
N THR C 283 -8.57 -68.64 18.74
CA THR C 283 -8.14 -69.88 18.03
C THR C 283 -7.16 -70.68 18.89
N GLY C 284 -6.42 -70.03 19.80
CA GLY C 284 -5.38 -70.67 20.63
C GLY C 284 -4.04 -70.73 19.90
N GLY C 285 -3.91 -70.02 18.77
CA GLY C 285 -2.67 -69.89 18.01
C GLY C 285 -2.50 -71.02 16.98
N PRO C 286 -1.26 -71.26 16.47
CA PRO C 286 -0.07 -70.55 16.95
C PRO C 286 -0.07 -69.06 16.61
N TYR C 287 0.66 -68.26 17.39
CA TYR C 287 0.86 -66.80 17.21
C TYR C 287 2.35 -66.47 17.24
N GLU C 288 2.74 -65.44 16.48
CA GLU C 288 4.11 -64.87 16.47
C GLU C 288 3.99 -63.37 16.74
N VAL C 289 5.01 -62.76 17.33
CA VAL C 289 5.14 -61.27 17.42
C VAL C 289 5.23 -60.75 15.98
N TRP C 290 4.39 -59.78 15.61
CA TRP C 290 4.18 -59.40 14.19
C TRP C 290 5.41 -58.66 13.66
N ARG C 291 5.89 -59.07 12.48
CA ARG C 291 7.09 -58.50 11.82
C ARG C 291 6.66 -57.35 10.88
N GLN C 292 5.35 -57.13 10.71
CA GLN C 292 4.80 -56.16 9.73
C GLN C 292 3.80 -55.23 10.42
N TRP C 293 3.26 -54.25 9.68
CA TRP C 293 2.43 -53.13 10.18
C TRP C 293 0.96 -53.31 9.77
N GLY C 294 0.07 -52.52 10.38
CA GLY C 294 -1.37 -52.48 10.08
C GLY C 294 -2.20 -52.99 11.25
N VAL C 295 -3.25 -53.75 10.95
CA VAL C 295 -4.31 -54.18 11.90
C VAL C 295 -4.39 -55.71 11.88
N ALA C 296 -4.18 -56.35 13.05
CA ALA C 296 -4.21 -57.82 13.23
C ALA C 296 -5.63 -58.27 13.60
N ASP C 297 -6.13 -59.30 12.92
CA ASP C 297 -7.46 -59.93 13.18
C ASP C 297 -7.41 -60.74 14.47
N ASP C 298 -6.25 -61.33 14.80
CA ASP C 298 -6.05 -62.16 16.02
C ASP C 298 -5.91 -61.24 17.23
N VAL C 299 -6.97 -61.17 18.05
CA VAL C 299 -7.10 -60.25 19.23
C VAL C 299 -7.46 -61.09 20.48
N LEU C 300 -7.50 -60.45 21.65
CA LEU C 300 -7.86 -61.08 22.96
C LEU C 300 -9.29 -61.63 22.87
N CYS C 301 -9.49 -62.85 23.36
CA CYS C 301 -10.81 -63.54 23.41
C CYS C 301 -11.66 -62.96 24.54
N ALA C 302 -12.73 -62.23 24.19
CA ALA C 302 -13.65 -61.57 25.15
C ALA C 302 -14.46 -62.62 25.93
N GLY C 303 -14.62 -63.82 25.37
CA GLY C 303 -15.38 -64.92 26.00
C GLY C 303 -14.53 -65.79 26.94
N ASN C 304 -13.27 -65.40 27.17
CA ASN C 304 -12.28 -66.16 27.96
C ASN C 304 -12.05 -65.45 29.30
N ASP C 305 -12.53 -66.04 30.41
CA ASP C 305 -12.41 -65.48 31.78
C ASP C 305 -10.95 -65.15 32.09
N GLN C 306 -10.01 -65.98 31.62
CA GLN C 306 -8.54 -65.77 31.81
C GLN C 306 -8.13 -64.40 31.26
N VAL C 307 -8.70 -63.97 30.13
CA VAL C 307 -8.38 -62.68 29.47
C VAL C 307 -8.72 -61.53 30.43
N LEU C 308 -9.89 -61.58 31.07
CA LEU C 308 -10.35 -60.53 32.02
C LEU C 308 -9.39 -60.47 33.22
N LYS C 309 -9.07 -61.64 33.80
CA LYS C 309 -8.11 -61.77 34.95
C LYS C 309 -6.73 -61.25 34.51
N PHE C 310 -6.28 -61.64 33.32
CA PHE C 310 -5.00 -61.20 32.71
C PHE C 310 -4.94 -59.66 32.70
N LEU C 311 -6.00 -59.00 32.23
CA LEU C 311 -6.07 -57.52 32.12
C LEU C 311 -6.09 -56.90 33.52
N GLU C 312 -6.81 -57.51 34.48
CA GLU C 312 -6.89 -57.03 35.88
C GLU C 312 -5.50 -57.05 36.52
N ASP C 313 -4.73 -58.12 36.30
CA ASP C 313 -3.37 -58.34 36.88
C ASP C 313 -2.38 -57.33 36.29
N VAL C 314 -2.38 -57.17 34.97
CA VAL C 314 -1.42 -56.28 34.23
C VAL C 314 -1.67 -54.83 34.66
N TYR C 315 -2.94 -54.42 34.72
CA TYR C 315 -3.36 -53.02 35.05
C TYR C 315 -3.17 -52.76 36.55
N GLY C 316 -3.33 -53.80 37.40
CA GLY C 316 -3.02 -53.74 38.84
C GLY C 316 -1.58 -53.29 39.06
N GLU C 317 -0.63 -53.95 38.38
CA GLU C 317 0.83 -53.63 38.41
C GLU C 317 1.08 -52.26 37.77
N LEU C 318 0.42 -51.98 36.65
CA LEU C 318 0.60 -50.73 35.85
C LEU C 318 0.41 -49.51 36.77
N ILE C 319 -0.72 -49.41 37.45
CA ILE C 319 -1.17 -48.18 38.19
C ILE C 319 -0.34 -47.98 39.46
N GLU C 320 0.45 -48.96 39.88
CA GLU C 320 1.40 -48.85 41.02
C GLU C 320 2.70 -48.18 40.55
N ILE C 321 3.01 -48.28 39.26
CA ILE C 321 4.17 -47.60 38.60
C ILE C 321 3.76 -46.18 38.21
N PHE C 322 2.60 -46.03 37.57
CA PHE C 322 2.08 -44.76 37.00
C PHE C 322 0.99 -44.20 37.90
N PRO C 323 1.24 -43.08 38.62
CA PRO C 323 0.21 -42.43 39.44
C PRO C 323 -0.87 -41.63 38.69
N SER C 324 -0.75 -41.47 37.36
CA SER C 324 -1.72 -40.70 36.53
C SER C 324 -3.16 -41.11 36.90
N GLU C 325 -4.00 -40.13 37.25
CA GLU C 325 -5.45 -40.34 37.55
C GLU C 325 -6.14 -40.96 36.32
N TYR C 326 -5.71 -40.59 35.11
CA TYR C 326 -6.22 -41.15 33.83
C TYR C 326 -5.25 -42.21 33.31
N ILE C 327 -5.80 -43.39 32.96
CA ILE C 327 -5.08 -44.53 32.33
C ILE C 327 -5.73 -44.80 30.97
N HIS C 328 -4.91 -44.97 29.92
CA HIS C 328 -5.37 -45.22 28.52
C HIS C 328 -5.49 -46.73 28.29
N VAL C 329 -6.69 -47.23 28.00
CA VAL C 329 -6.98 -48.69 27.84
C VAL C 329 -6.98 -49.06 26.34
N GLY C 330 -6.90 -48.07 25.44
CA GLY C 330 -6.81 -48.28 23.99
C GLY C 330 -8.18 -48.38 23.34
N GLY C 331 -8.48 -49.51 22.69
CA GLY C 331 -9.80 -49.82 22.10
C GLY C 331 -9.85 -49.63 20.59
N ASP C 332 -8.78 -49.13 19.97
CA ASP C 332 -8.72 -48.83 18.51
C ASP C 332 -8.61 -50.13 17.72
N GLU C 333 -9.19 -50.13 16.51
CA GLU C 333 -8.92 -51.11 15.41
C GLU C 333 -8.87 -52.54 15.98
N CYS C 334 -9.94 -52.98 16.64
CA CYS C 334 -10.16 -54.38 17.06
C CYS C 334 -11.15 -55.02 16.09
N PRO C 335 -10.69 -55.76 15.06
CA PRO C 335 -11.61 -56.42 14.13
C PRO C 335 -12.42 -57.49 14.90
N LYS C 336 -13.68 -57.68 14.49
CA LYS C 336 -14.67 -58.50 15.23
C LYS C 336 -14.81 -59.87 14.54
N VAL C 337 -13.89 -60.18 13.62
CA VAL C 337 -14.00 -61.34 12.69
C VAL C 337 -13.72 -62.63 13.45
N ARG C 338 -12.77 -62.63 14.39
CA ARG C 338 -12.46 -63.80 15.25
C ARG C 338 -13.60 -64.04 16.25
N TRP C 339 -14.20 -62.97 16.80
CA TRP C 339 -15.31 -63.06 17.79
C TRP C 339 -16.56 -63.66 17.11
N GLU C 340 -16.79 -63.31 15.84
CA GLU C 340 -17.96 -63.81 15.04
C GLU C 340 -17.97 -65.35 15.03
N LYS C 341 -16.79 -65.99 15.01
CA LYS C 341 -16.62 -67.44 14.78
C LYS C 341 -16.20 -68.18 16.06
N CYS C 342 -15.95 -67.45 17.15
CA CYS C 342 -15.43 -67.99 18.45
C CYS C 342 -16.60 -68.47 19.31
N PRO C 343 -16.69 -69.77 19.65
CA PRO C 343 -17.78 -70.28 20.50
C PRO C 343 -17.85 -69.60 21.89
N LYS C 344 -16.68 -69.28 22.47
CA LYS C 344 -16.57 -68.63 23.80
C LYS C 344 -17.15 -67.21 23.72
N CYS C 345 -16.74 -66.42 22.72
CA CYS C 345 -17.19 -65.02 22.50
C CYS C 345 -18.70 -65.02 22.19
N GLN C 346 -19.20 -66.00 21.44
CA GLN C 346 -20.64 -66.11 21.09
C GLN C 346 -21.44 -66.55 22.32
N ALA C 347 -20.87 -67.40 23.18
CA ALA C 347 -21.49 -67.86 24.45
C ALA C 347 -21.69 -66.68 25.40
N ARG C 348 -20.68 -65.80 25.51
CA ARG C 348 -20.75 -64.53 26.28
C ARG C 348 -21.88 -63.65 25.73
N ILE C 349 -21.90 -63.42 24.42
CA ILE C 349 -22.91 -62.58 23.70
C ILE C 349 -24.32 -63.08 24.06
N LYS C 350 -24.55 -64.39 23.92
CA LYS C 350 -25.88 -65.03 24.11
C LYS C 350 -26.30 -64.91 25.58
N ALA C 351 -25.40 -65.20 26.52
CA ALA C 351 -25.66 -65.19 27.99
C ALA C 351 -25.95 -63.77 28.49
N LEU C 352 -25.33 -62.74 27.89
CA LEU C 352 -25.59 -61.32 28.21
C LEU C 352 -26.83 -60.82 27.47
N GLY C 353 -27.36 -61.61 26.53
CA GLY C 353 -28.49 -61.22 25.67
C GLY C 353 -28.17 -60.00 24.81
N LEU C 354 -26.94 -59.90 24.31
CA LEU C 354 -26.50 -58.82 23.39
C LEU C 354 -27.19 -59.04 22.03
N LYS C 355 -27.67 -57.96 21.41
CA LYS C 355 -28.48 -58.01 20.16
C LYS C 355 -27.90 -57.07 19.11
N SER C 356 -28.18 -57.35 17.83
CA SER C 356 -27.97 -56.42 16.69
C SER C 356 -29.16 -55.47 16.61
N ASP C 357 -28.90 -54.17 16.47
CA ASP C 357 -29.90 -53.12 16.14
C ASP C 357 -29.17 -52.00 15.37
N LYS C 358 -29.84 -50.86 15.20
CA LYS C 358 -29.38 -49.72 14.37
C LYS C 358 -28.11 -49.09 14.96
N ASN C 359 -27.89 -49.22 16.27
CA ASN C 359 -26.81 -48.52 17.02
C ASN C 359 -25.56 -49.41 17.15
N HIS C 360 -25.71 -50.74 17.14
CA HIS C 360 -24.61 -51.70 17.45
C HIS C 360 -24.91 -53.10 16.88
N SER C 361 -23.86 -53.79 16.42
CA SER C 361 -23.83 -55.26 16.25
C SER C 361 -23.61 -55.92 17.62
N LYS C 362 -23.75 -57.25 17.69
CA LYS C 362 -23.55 -58.06 18.92
C LYS C 362 -22.07 -57.98 19.33
N GLU C 363 -21.14 -57.99 18.36
CA GLU C 363 -19.68 -58.00 18.61
C GLU C 363 -19.22 -56.63 19.12
N GLU C 364 -19.88 -55.55 18.68
CA GLU C 364 -19.63 -54.16 19.14
C GLU C 364 -20.09 -54.03 20.60
N ARG C 365 -21.24 -54.62 20.94
CA ARG C 365 -21.74 -54.67 22.35
C ARG C 365 -20.73 -55.46 23.20
N LEU C 366 -20.18 -56.54 22.65
CA LEU C 366 -19.16 -57.38 23.34
C LEU C 366 -17.93 -56.53 23.67
N GLN C 367 -17.48 -55.67 22.75
CA GLN C 367 -16.32 -54.76 23.00
C GLN C 367 -16.65 -53.86 24.20
N SER C 368 -17.85 -53.27 24.21
CA SER C 368 -18.34 -52.38 25.29
C SER C 368 -18.32 -53.13 26.64
N PHE C 369 -18.61 -54.43 26.65
CA PHE C 369 -18.55 -55.30 27.85
C PHE C 369 -17.11 -55.33 28.39
N VAL C 370 -16.11 -55.45 27.50
CA VAL C 370 -14.67 -55.57 27.87
C VAL C 370 -14.19 -54.21 28.43
N ILE C 371 -14.53 -53.10 27.77
CA ILE C 371 -14.10 -51.73 28.16
C ILE C 371 -14.76 -51.39 29.51
N ASN C 372 -16.02 -51.79 29.72
CA ASN C 372 -16.77 -51.59 30.98
C ASN C 372 -16.08 -52.37 32.13
N HIS C 373 -15.70 -53.63 31.89
CA HIS C 373 -15.03 -54.51 32.88
C HIS C 373 -13.76 -53.83 33.40
N ILE C 374 -12.90 -53.34 32.50
CA ILE C 374 -11.59 -52.73 32.85
C ILE C 374 -11.81 -51.34 33.44
N GLU C 375 -12.89 -50.64 33.06
CA GLU C 375 -13.27 -49.33 33.66
C GLU C 375 -13.67 -49.55 35.13
N LYS C 376 -14.53 -50.54 35.39
CA LYS C 376 -15.04 -50.85 36.76
C LYS C 376 -13.87 -51.14 37.68
N PHE C 377 -12.93 -51.98 37.24
CA PHE C 377 -11.70 -52.37 37.99
C PHE C 377 -10.89 -51.13 38.34
N LEU C 378 -10.63 -50.27 37.35
CA LEU C 378 -9.80 -49.04 37.49
C LEU C 378 -10.55 -47.98 38.31
N ASN C 379 -11.86 -47.87 38.13
CA ASN C 379 -12.73 -46.91 38.88
C ASN C 379 -12.72 -47.23 40.38
N ASP C 380 -12.59 -48.51 40.74
CA ASP C 380 -12.57 -49.00 42.16
C ASP C 380 -11.21 -48.67 42.80
N HIS C 381 -10.15 -48.52 41.99
CA HIS C 381 -8.78 -48.18 42.43
C HIS C 381 -8.53 -46.66 42.31
N GLY C 382 -9.58 -45.88 42.05
CA GLY C 382 -9.55 -44.39 42.03
C GLY C 382 -8.95 -43.82 40.74
N ARG C 383 -9.02 -44.57 39.63
CA ARG C 383 -8.51 -44.13 38.30
C ARG C 383 -9.66 -44.06 37.29
N GLN C 384 -9.59 -43.09 36.37
CA GLN C 384 -10.53 -42.92 35.23
C GLN C 384 -9.83 -43.50 33.98
N ILE C 385 -10.59 -43.85 32.93
CA ILE C 385 -10.01 -44.39 31.67
C ILE C 385 -10.13 -43.34 30.56
N ILE C 386 -9.13 -43.33 29.67
CA ILE C 386 -9.18 -42.75 28.31
C ILE C 386 -9.25 -43.92 27.32
N GLY C 387 -10.10 -43.81 26.30
CA GLY C 387 -10.16 -44.79 25.19
C GLY C 387 -10.16 -44.07 23.87
N TRP C 388 -9.54 -44.66 22.83
CA TRP C 388 -9.71 -44.24 21.42
C TRP C 388 -11.21 -44.27 21.11
N ASP C 389 -11.66 -43.40 20.22
CA ASP C 389 -13.10 -43.13 19.93
C ASP C 389 -13.85 -44.42 19.56
N GLU C 390 -13.17 -45.50 19.15
CA GLU C 390 -13.79 -46.83 18.88
C GLU C 390 -14.58 -47.32 20.11
N ILE C 391 -14.22 -46.88 21.32
CA ILE C 391 -14.90 -47.33 22.58
C ILE C 391 -16.33 -46.77 22.61
N LEU C 392 -16.73 -45.97 21.61
CA LEU C 392 -18.15 -45.56 21.39
C LEU C 392 -18.96 -46.75 20.87
N GLU C 393 -18.33 -47.73 20.23
CA GLU C 393 -18.97 -48.95 19.68
C GLU C 393 -19.64 -49.73 20.82
N GLY C 394 -20.96 -49.94 20.74
CA GLY C 394 -21.74 -50.77 21.67
C GLY C 394 -22.20 -49.99 22.90
N GLY C 395 -21.91 -48.68 22.95
CA GLY C 395 -22.23 -47.82 24.10
C GLY C 395 -20.99 -47.51 24.92
N LEU C 396 -20.80 -46.24 25.26
CA LEU C 396 -19.63 -45.72 26.02
C LEU C 396 -19.74 -46.16 27.48
N ALA C 397 -18.64 -46.66 28.06
CA ALA C 397 -18.50 -46.89 29.52
C ALA C 397 -18.88 -45.58 30.22
N PRO C 398 -19.76 -45.61 31.25
CA PRO C 398 -20.40 -44.40 31.76
C PRO C 398 -19.47 -43.27 32.26
N ASN C 399 -18.18 -43.55 32.52
CA ASN C 399 -17.20 -42.56 33.05
C ASN C 399 -16.03 -42.34 32.07
N ALA C 400 -16.03 -42.98 30.90
CA ALA C 400 -14.90 -42.97 29.93
C ALA C 400 -14.63 -41.56 29.41
N THR C 401 -13.34 -41.23 29.21
CA THR C 401 -12.85 -40.09 28.39
C THR C 401 -12.53 -40.63 26.99
N VAL C 402 -12.89 -39.90 25.93
CA VAL C 402 -12.76 -40.33 24.51
C VAL C 402 -11.64 -39.52 23.84
N MET C 403 -10.63 -40.22 23.32
CA MET C 403 -9.53 -39.62 22.52
C MET C 403 -9.88 -39.75 21.02
N SER C 404 -10.37 -38.68 20.41
CA SER C 404 -10.89 -38.65 19.01
C SER C 404 -9.71 -38.62 18.03
N TRP C 405 -9.48 -39.72 17.28
CA TRP C 405 -8.34 -39.84 16.33
C TRP C 405 -8.83 -39.94 14.88
N ARG C 406 -9.97 -40.62 14.63
CA ARG C 406 -10.55 -40.73 13.26
C ARG C 406 -11.31 -39.44 12.97
N GLY C 407 -10.58 -38.36 12.71
CA GLY C 407 -11.11 -36.98 12.63
C GLY C 407 -11.73 -36.56 13.95
N GLU C 408 -12.75 -35.70 13.90
CA GLU C 408 -13.36 -35.05 15.09
C GLU C 408 -14.70 -35.71 15.47
N SER C 409 -15.29 -36.52 14.59
CA SER C 409 -16.65 -37.09 14.70
C SER C 409 -16.89 -37.69 16.10
N GLY C 410 -16.00 -38.58 16.54
CA GLY C 410 -16.09 -39.31 17.81
C GLY C 410 -16.02 -38.39 19.01
N GLY C 411 -15.16 -37.37 18.95
CA GLY C 411 -15.07 -36.29 19.95
C GLY C 411 -16.39 -35.55 20.08
N ILE C 412 -17.03 -35.25 18.94
CA ILE C 412 -18.30 -34.49 18.87
C ILE C 412 -19.45 -35.34 19.42
N GLU C 413 -19.54 -36.62 19.03
CA GLU C 413 -20.52 -37.61 19.57
C GLU C 413 -20.38 -37.69 21.09
N ALA C 414 -19.15 -37.82 21.58
CA ALA C 414 -18.79 -37.98 23.01
C ALA C 414 -19.16 -36.72 23.80
N ALA C 415 -18.79 -35.55 23.29
CA ALA C 415 -19.07 -34.22 23.91
C ALA C 415 -20.60 -34.03 24.05
N LYS C 416 -21.37 -34.52 23.07
CA LYS C 416 -22.86 -34.43 23.05
C LYS C 416 -23.46 -35.40 24.07
N GLN C 417 -22.80 -36.54 24.33
CA GLN C 417 -23.20 -37.53 25.36
C GLN C 417 -22.66 -37.09 26.73
N LYS C 418 -21.97 -35.94 26.80
CA LYS C 418 -21.46 -35.30 28.04
C LYS C 418 -20.35 -36.16 28.66
N HIS C 419 -19.45 -36.69 27.83
CA HIS C 419 -18.17 -37.33 28.26
C HIS C 419 -17.03 -36.38 27.90
N ASP C 420 -15.96 -36.37 28.71
CA ASP C 420 -14.73 -35.58 28.44
C ASP C 420 -14.10 -36.08 27.14
N VAL C 421 -13.48 -35.18 26.37
CA VAL C 421 -12.86 -35.47 25.05
C VAL C 421 -11.44 -34.91 25.04
N ILE C 422 -10.49 -35.69 24.53
CA ILE C 422 -9.12 -35.25 24.15
C ILE C 422 -9.01 -35.38 22.63
N MET C 423 -8.72 -34.27 21.94
CA MET C 423 -8.72 -34.20 20.45
C MET C 423 -7.32 -34.51 19.93
N THR C 424 -7.18 -35.62 19.20
CA THR C 424 -5.94 -36.03 18.47
C THR C 424 -6.31 -36.45 17.04
N PRO C 425 -7.12 -35.66 16.32
CA PRO C 425 -7.59 -36.04 14.98
C PRO C 425 -6.44 -36.22 13.99
N ASN C 426 -6.49 -37.30 13.19
CA ASN C 426 -5.45 -37.64 12.17
C ASN C 426 -5.51 -36.63 11.01
N THR C 427 -6.56 -35.80 10.93
CA THR C 427 -6.70 -34.73 9.90
C THR C 427 -5.82 -33.52 10.25
N TYR C 428 -5.24 -33.47 11.45
CA TYR C 428 -4.44 -32.30 11.93
C TYR C 428 -3.18 -32.72 12.71
N LEU C 429 -3.20 -33.80 13.50
CA LEU C 429 -2.21 -34.02 14.59
C LEU C 429 -1.60 -35.44 14.59
N TYR C 430 -1.52 -36.11 13.43
CA TYR C 430 -0.79 -37.39 13.27
C TYR C 430 0.57 -37.12 12.61
N PHE C 431 1.63 -37.03 13.42
CA PHE C 431 2.96 -36.51 13.00
C PHE C 431 3.88 -37.66 12.54
N ASP C 432 3.32 -38.85 12.29
CA ASP C 432 3.98 -39.90 11.47
C ASP C 432 3.76 -39.58 9.99
N TYR C 433 2.79 -38.70 9.67
CA TYR C 433 2.46 -38.26 8.29
C TYR C 433 3.51 -37.27 7.78
N TYR C 434 3.76 -37.29 6.47
CA TYR C 434 4.70 -36.37 5.76
C TYR C 434 4.30 -34.92 6.06
N GLN C 435 5.30 -34.03 6.16
CA GLN C 435 5.11 -32.58 6.42
C GLN C 435 5.46 -31.77 5.17
N ALA C 436 5.66 -32.45 4.03
CA ALA C 436 6.00 -31.86 2.72
C ALA C 436 5.25 -32.61 1.61
N LYS C 437 4.74 -31.87 0.63
CA LYS C 437 4.02 -32.37 -0.58
C LYS C 437 4.97 -33.26 -1.41
N ASP C 438 6.25 -32.92 -1.39
CA ASP C 438 7.33 -33.55 -2.21
C ASP C 438 7.89 -34.77 -1.47
N THR C 439 7.12 -35.86 -1.40
CA THR C 439 7.29 -36.98 -0.44
C THR C 439 8.58 -37.78 -0.71
N GLU C 440 9.01 -37.93 -1.96
CA GLU C 440 10.14 -38.84 -2.29
C GLU C 440 11.49 -38.20 -1.90
N ASN C 441 11.50 -36.91 -1.54
CA ASN C 441 12.69 -36.20 -0.98
C ASN C 441 12.61 -36.14 0.55
N GLU C 442 11.52 -36.65 1.15
CA GLU C 442 11.36 -36.80 2.62
C GLU C 442 11.86 -38.18 3.04
N PRO C 443 12.32 -38.36 4.30
CA PRO C 443 12.52 -39.69 4.86
C PRO C 443 11.25 -40.54 4.70
N PHE C 444 11.41 -41.83 4.44
CA PHE C 444 10.30 -42.77 4.13
C PHE C 444 9.29 -42.73 5.28
N GLY C 445 8.00 -42.53 4.94
CA GLY C 445 6.89 -42.34 5.90
C GLY C 445 5.66 -43.12 5.50
N ILE C 446 4.66 -43.19 6.39
CA ILE C 446 3.40 -43.96 6.18
C ILE C 446 2.63 -43.39 4.98
N GLY C 447 2.59 -42.06 4.85
CA GLY C 447 1.79 -41.34 3.84
C GLY C 447 1.23 -40.04 4.40
N GLY C 448 0.15 -39.54 3.79
CA GLY C 448 -0.59 -38.35 4.26
C GLY C 448 0.19 -37.06 4.00
N TYR C 449 -0.40 -35.92 4.36
CA TYR C 449 0.19 -34.57 4.20
C TYR C 449 -0.32 -33.66 5.32
N LEU C 450 0.53 -33.40 6.32
CA LEU C 450 0.27 -32.45 7.43
C LEU C 450 1.40 -31.43 7.50
N PRO C 451 1.33 -30.34 6.69
CA PRO C 451 2.31 -29.27 6.79
C PRO C 451 2.04 -28.39 8.02
N MET C 452 3.01 -27.55 8.38
CA MET C 452 2.94 -26.58 9.51
C MET C 452 1.65 -25.76 9.42
N GLU C 453 1.29 -25.29 8.22
CA GLU C 453 0.10 -24.41 7.99
C GLU C 453 -1.17 -25.11 8.46
N ARG C 454 -1.34 -26.38 8.10
CA ARG C 454 -2.55 -27.21 8.39
C ARG C 454 -2.66 -27.40 9.92
N VAL C 455 -1.55 -27.76 10.58
CA VAL C 455 -1.48 -27.93 12.07
C VAL C 455 -1.99 -26.66 12.75
N TYR C 456 -1.41 -25.51 12.41
CA TYR C 456 -1.69 -24.19 13.04
C TYR C 456 -3.15 -23.79 12.83
N SER C 457 -3.74 -24.15 11.69
CA SER C 457 -5.11 -23.75 11.28
C SER C 457 -6.16 -24.45 12.15
N TYR C 458 -5.78 -25.52 12.84
CA TYR C 458 -6.69 -26.37 13.66
C TYR C 458 -7.34 -25.52 14.76
N GLU C 459 -8.68 -25.53 14.81
CA GLU C 459 -9.49 -24.97 15.93
C GLU C 459 -10.07 -26.14 16.73
N PRO C 460 -9.50 -26.46 17.93
CA PRO C 460 -9.92 -27.64 18.69
C PRO C 460 -11.40 -27.65 19.08
N MET C 461 -11.94 -26.51 19.51
CA MET C 461 -13.38 -26.32 19.83
C MET C 461 -14.18 -26.33 18.53
N PRO C 462 -14.90 -27.44 18.21
CA PRO C 462 -15.66 -27.51 16.95
C PRO C 462 -16.93 -26.64 17.02
N ALA C 463 -17.38 -26.16 15.86
CA ALA C 463 -18.49 -25.20 15.71
C ALA C 463 -19.84 -25.87 15.98
N SER C 464 -19.98 -27.15 15.60
CA SER C 464 -21.27 -27.91 15.62
C SER C 464 -21.71 -28.22 17.06
N LEU C 465 -20.87 -28.00 18.06
CA LEU C 465 -21.20 -28.17 19.50
C LEU C 465 -21.99 -26.95 20.01
N THR C 466 -22.82 -27.15 21.03
CA THR C 466 -23.65 -26.11 21.71
C THR C 466 -22.85 -25.55 22.90
N PRO C 467 -23.22 -24.37 23.45
CA PRO C 467 -22.50 -23.78 24.59
C PRO C 467 -22.18 -24.72 25.77
N ASP C 468 -23.15 -25.52 26.22
CA ASP C 468 -23.00 -26.45 27.38
C ASP C 468 -22.06 -27.61 27.01
N GLU C 469 -22.00 -27.98 25.72
CA GLU C 469 -21.20 -29.12 25.20
C GLU C 469 -19.73 -28.72 25.03
N GLN C 470 -19.45 -27.42 24.95
CA GLN C 470 -18.09 -26.84 24.73
C GLN C 470 -17.17 -27.22 25.90
N GLN C 471 -17.72 -27.37 27.10
CA GLN C 471 -17.00 -27.63 28.38
C GLN C 471 -16.17 -28.93 28.29
N TYR C 472 -16.59 -29.88 27.45
CA TYR C 472 -16.13 -31.30 27.48
C TYR C 472 -14.86 -31.50 26.65
N ILE C 473 -14.47 -30.55 25.79
CA ILE C 473 -13.15 -30.58 25.09
C ILE C 473 -12.09 -30.19 26.14
N LYS C 474 -11.42 -31.18 26.71
CA LYS C 474 -10.51 -31.04 27.87
C LYS C 474 -9.08 -30.82 27.36
N GLY C 475 -8.71 -31.44 26.23
CA GLY C 475 -7.30 -31.58 25.81
C GLY C 475 -7.10 -31.63 24.31
N VAL C 476 -5.87 -31.36 23.90
CA VAL C 476 -5.36 -31.48 22.50
C VAL C 476 -3.97 -32.14 22.58
N GLN C 477 -3.70 -33.10 21.69
CA GLN C 477 -2.46 -33.92 21.69
C GLN C 477 -2.14 -34.34 20.26
N ALA C 478 -0.85 -34.50 19.94
CA ALA C 478 -0.35 -35.00 18.64
C ALA C 478 0.31 -36.37 18.85
N ASN C 479 0.01 -37.32 17.96
CA ASN C 479 0.47 -38.73 18.06
C ASN C 479 1.67 -38.94 17.14
N LEU C 480 2.64 -39.74 17.59
CA LEU C 480 3.81 -40.19 16.78
C LEU C 480 3.87 -41.72 16.77
N TRP C 481 3.34 -42.33 15.72
CA TRP C 481 3.43 -43.80 15.45
C TRP C 481 4.75 -44.05 14.71
N THR C 482 5.45 -45.15 15.04
CA THR C 482 6.89 -45.31 14.74
C THR C 482 7.15 -46.53 13.84
N GLU C 483 6.18 -46.93 13.00
CA GLU C 483 6.37 -48.02 11.99
C GLU C 483 7.59 -47.71 11.12
N TYR C 484 7.74 -46.44 10.70
CA TYR C 484 8.78 -45.99 9.73
C TYR C 484 9.76 -45.01 10.41
N ILE C 485 9.87 -45.08 11.74
CA ILE C 485 10.76 -44.21 12.56
C ILE C 485 11.62 -45.11 13.46
N ALA C 486 12.86 -45.36 13.03
CA ALA C 486 13.81 -46.31 13.66
C ALA C 486 14.89 -45.58 14.46
N THR C 487 15.03 -44.26 14.30
CA THR C 487 16.02 -43.41 15.02
C THR C 487 15.29 -42.24 15.69
N PHE C 488 15.83 -41.74 16.81
CA PHE C 488 15.25 -40.62 17.59
C PHE C 488 15.47 -39.30 16.84
N SER C 489 16.55 -39.20 16.07
CA SER C 489 16.85 -38.05 15.17
C SER C 489 15.69 -37.86 14.18
N HIS C 490 15.22 -38.96 13.57
CA HIS C 490 14.08 -38.98 12.62
C HIS C 490 12.78 -38.67 13.37
N ALA C 491 12.63 -39.14 14.62
CA ALA C 491 11.48 -38.84 15.49
C ALA C 491 11.38 -37.34 15.73
N GLN C 492 12.50 -36.68 16.01
CA GLN C 492 12.60 -35.21 16.25
C GLN C 492 12.20 -34.46 14.97
N TYR C 493 12.71 -34.89 13.82
CA TYR C 493 12.39 -34.34 12.47
C TYR C 493 10.87 -34.31 12.27
N MET C 494 10.17 -35.34 12.76
CA MET C 494 8.72 -35.55 12.50
C MET C 494 7.86 -34.75 13.48
N VAL C 495 8.35 -34.43 14.69
CA VAL C 495 7.57 -33.71 15.73
C VAL C 495 8.00 -32.23 15.80
N LEU C 496 9.25 -31.90 15.46
CA LEU C 496 9.77 -30.51 15.45
C LEU C 496 9.95 -30.04 14.01
N PRO C 497 9.49 -28.82 13.62
CA PRO C 497 8.85 -27.87 14.53
C PRO C 497 7.31 -27.87 14.57
N ARG C 498 6.66 -28.98 14.20
CA ARG C 498 5.18 -29.11 14.22
C ARG C 498 4.65 -28.97 15.65
N TRP C 499 5.45 -29.36 16.65
CA TRP C 499 5.15 -29.21 18.10
C TRP C 499 5.01 -27.73 18.46
N ALA C 500 5.77 -26.84 17.81
CA ALA C 500 5.72 -25.37 18.02
C ALA C 500 4.31 -24.87 17.67
N ALA C 501 3.77 -25.33 16.54
CA ALA C 501 2.43 -24.98 16.01
C ALA C 501 1.35 -25.60 16.90
N LEU C 502 1.58 -26.85 17.33
CA LEU C 502 0.67 -27.61 18.24
C LEU C 502 0.43 -26.80 19.51
N CYS C 503 1.51 -26.41 20.21
CA CYS C 503 1.46 -25.82 21.58
C CYS C 503 0.80 -24.43 21.54
N GLU C 504 0.78 -23.77 20.38
CA GLU C 504 0.02 -22.50 20.15
C GLU C 504 -1.48 -22.82 20.21
N VAL C 505 -1.90 -23.91 19.57
CA VAL C 505 -3.31 -24.39 19.58
C VAL C 505 -3.64 -24.88 21.00
N GLN C 506 -2.69 -25.55 21.66
CA GLN C 506 -2.83 -26.09 23.04
C GLN C 506 -2.94 -24.95 24.07
N TRP C 507 -2.07 -23.94 23.97
CA TRP C 507 -1.90 -22.89 25.00
C TRP C 507 -2.75 -21.65 24.69
N SER C 508 -2.47 -20.97 23.57
CA SER C 508 -2.99 -19.62 23.23
C SER C 508 -4.50 -19.67 22.96
N THR C 509 -5.19 -18.55 23.22
CA THR C 509 -6.63 -18.33 22.89
C THR C 509 -6.76 -18.10 21.39
N PRO C 510 -7.92 -18.42 20.78
CA PRO C 510 -8.05 -18.45 19.31
C PRO C 510 -8.13 -17.07 18.62
N ASP C 511 -8.53 -16.02 19.35
CA ASP C 511 -8.57 -14.62 18.83
C ASP C 511 -7.13 -14.13 18.59
N LYS C 512 -6.13 -14.81 19.15
CA LYS C 512 -4.70 -14.40 19.14
C LYS C 512 -3.90 -15.20 18.09
N LYS C 513 -4.57 -15.90 17.17
CA LYS C 513 -3.90 -16.84 16.21
C LYS C 513 -3.82 -16.22 14.82
N ASN C 514 -2.62 -15.78 14.43
CA ASN C 514 -2.24 -15.33 13.06
C ASN C 514 -1.01 -16.14 12.62
N TYR C 515 -1.06 -16.77 11.44
CA TYR C 515 -0.04 -17.74 10.97
C TYR C 515 1.27 -17.03 10.60
N GLU C 516 1.19 -15.88 9.89
CA GLU C 516 2.36 -15.04 9.52
C GLU C 516 3.11 -14.61 10.79
N ASP C 517 2.36 -14.19 11.82
CA ASP C 517 2.92 -13.73 13.12
C ASP C 517 3.67 -14.88 13.79
N PHE C 518 3.13 -16.11 13.71
CA PHE C 518 3.75 -17.34 14.27
C PHE C 518 5.04 -17.65 13.51
N LEU C 519 5.00 -17.65 12.17
CA LEU C 519 6.18 -17.89 11.30
C LEU C 519 7.29 -16.87 11.64
N SER C 520 6.95 -15.61 11.89
CA SER C 520 7.90 -14.54 12.27
C SER C 520 8.43 -14.74 13.69
N ARG C 521 7.78 -15.59 14.50
CA ARG C 521 8.16 -15.89 15.91
C ARG C 521 8.94 -17.21 16.00
N LEU C 522 8.87 -18.06 14.97
CA LEU C 522 9.40 -19.46 15.00
C LEU C 522 10.93 -19.49 15.03
N PRO C 523 11.65 -18.68 14.21
CA PRO C 523 13.11 -18.74 14.16
C PRO C 523 13.80 -18.58 15.53
N ARG C 524 13.23 -17.74 16.41
CA ARG C 524 13.79 -17.44 17.76
C ARG C 524 13.64 -18.67 18.67
N LEU C 525 12.69 -19.56 18.36
CA LEU C 525 12.50 -20.85 19.08
C LEU C 525 13.44 -21.92 18.51
N ILE C 526 13.69 -21.90 17.19
CA ILE C 526 14.61 -22.87 16.51
C ILE C 526 16.01 -22.73 17.12
N LYS C 527 16.42 -21.50 17.46
CA LYS C 527 17.70 -21.20 18.15
C LYS C 527 17.87 -22.12 19.36
N TRP C 528 16.79 -22.34 20.12
CA TRP C 528 16.79 -23.18 21.34
C TRP C 528 16.90 -24.67 20.98
N TYR C 529 16.29 -25.11 19.86
CA TYR C 529 16.41 -26.50 19.33
C TYR C 529 17.88 -26.82 19.08
N ASP C 530 18.61 -25.91 18.43
CA ASP C 530 20.04 -26.07 18.02
C ASP C 530 20.93 -26.16 19.28
N ALA C 531 20.65 -25.34 20.28
CA ALA C 531 21.41 -25.27 21.56
C ALA C 531 21.31 -26.60 22.31
N GLU C 532 20.13 -27.24 22.29
CA GLU C 532 19.84 -28.50 23.04
C GLU C 532 20.20 -29.73 22.19
N GLY C 533 20.56 -29.52 20.92
CA GLY C 533 20.99 -30.59 19.99
C GLY C 533 19.81 -31.36 19.43
N TYR C 534 18.65 -30.72 19.30
CA TYR C 534 17.40 -31.30 18.72
C TYR C 534 17.43 -31.10 17.20
N ASN C 535 17.36 -32.20 16.44
CA ASN C 535 17.11 -32.20 14.98
C ASN C 535 15.68 -31.66 14.74
N TYR C 536 15.40 -31.16 13.53
CA TYR C 536 14.08 -30.62 13.14
C TYR C 536 13.99 -30.51 11.60
N ALA C 537 12.77 -30.51 11.08
CA ALA C 537 12.45 -30.33 9.64
C ALA C 537 12.63 -28.85 9.28
N LYS C 538 13.19 -28.57 8.09
CA LYS C 538 13.71 -27.24 7.68
C LYS C 538 12.95 -26.68 6.48
N HIS C 539 11.69 -27.10 6.29
CA HIS C 539 10.84 -26.70 5.13
C HIS C 539 10.50 -25.20 5.20
N VAL C 540 10.30 -24.68 6.41
CA VAL C 540 9.92 -23.26 6.66
C VAL C 540 11.13 -22.35 6.48
N PHE C 541 12.35 -22.91 6.52
CA PHE C 541 13.64 -22.20 6.25
C PHE C 541 13.85 -22.01 4.74
N ASP C 542 13.24 -22.86 3.91
CA ASP C 542 13.38 -22.85 2.42
C ASP C 542 13.08 -21.48 1.85
N VAL C 543 13.65 -21.17 0.68
CA VAL C 543 13.40 -19.93 -0.10
C VAL C 543 12.07 -20.11 -0.86
N LYS C 544 11.05 -19.35 -0.48
CA LYS C 544 9.73 -19.32 -1.18
C LYS C 544 9.85 -18.41 -2.42
N ALA C 545 9.73 -18.99 -3.60
CA ALA C 545 9.84 -18.30 -4.91
C ALA C 545 8.45 -18.19 -5.55
N GLU C 546 8.03 -16.96 -5.89
CA GLU C 546 6.75 -16.70 -6.61
C GLU C 546 7.08 -16.12 -8.01
N PHE C 547 6.42 -16.65 -9.04
CA PHE C 547 6.60 -16.29 -10.47
C PHE C 547 5.35 -15.58 -10.98
N THR C 548 5.42 -14.26 -11.13
CA THR C 548 4.27 -13.37 -11.44
C THR C 548 4.44 -12.76 -12.83
N PRO C 549 3.64 -13.21 -13.83
CA PRO C 549 3.59 -12.55 -15.14
C PRO C 549 3.37 -11.03 -14.99
N ASN C 550 4.12 -10.25 -15.77
CA ASN C 550 4.05 -8.76 -15.75
C ASN C 550 3.94 -8.28 -17.19
N PRO C 551 2.71 -8.28 -17.78
CA PRO C 551 2.54 -7.89 -19.19
C PRO C 551 2.93 -6.43 -19.47
N ALA C 552 2.78 -5.54 -18.48
CA ALA C 552 3.10 -4.09 -18.59
C ALA C 552 4.57 -3.89 -18.95
N ASP C 553 5.48 -4.60 -18.26
CA ASP C 553 6.96 -4.48 -18.42
C ASP C 553 7.49 -5.55 -19.38
N GLY C 554 6.66 -6.53 -19.74
CA GLY C 554 7.04 -7.66 -20.62
C GLY C 554 8.08 -8.54 -19.96
N THR C 555 7.91 -8.83 -18.67
CA THR C 555 8.86 -9.61 -17.83
C THR C 555 8.09 -10.65 -17.02
N LEU C 556 8.79 -11.71 -16.59
CA LEU C 556 8.35 -12.62 -15.50
C LEU C 556 9.07 -12.19 -14.22
N ASP C 557 8.31 -11.72 -13.21
CA ASP C 557 8.85 -11.14 -11.96
C ASP C 557 9.00 -12.26 -10.92
N ILE C 558 10.24 -12.55 -10.51
CA ILE C 558 10.56 -13.54 -9.44
C ILE C 558 10.76 -12.78 -8.13
N THR C 559 9.91 -13.03 -7.15
CA THR C 559 10.06 -12.55 -5.75
C THR C 559 10.45 -13.75 -4.86
N LEU C 560 11.38 -13.52 -3.93
CA LEU C 560 11.98 -14.53 -3.03
C LEU C 560 11.82 -14.04 -1.58
N THR C 561 11.40 -14.91 -0.67
CA THR C 561 11.26 -14.61 0.78
C THR C 561 11.71 -15.80 1.61
N THR C 562 12.17 -15.52 2.84
CA THR C 562 12.44 -16.53 3.89
C THR C 562 11.78 -16.06 5.19
N ILE C 563 11.60 -17.00 6.12
CA ILE C 563 10.88 -16.83 7.41
C ILE C 563 11.60 -15.78 8.28
N ASP C 564 12.93 -15.67 8.17
CA ASP C 564 13.80 -14.91 9.11
C ASP C 564 14.55 -13.77 8.39
N ASN C 565 14.30 -13.56 7.09
CA ASN C 565 14.98 -12.55 6.24
C ASN C 565 16.49 -12.79 6.25
N ALA C 566 16.91 -14.03 6.01
CA ALA C 566 18.32 -14.41 5.76
C ALA C 566 18.73 -13.92 4.38
N PRO C 567 20.03 -13.60 4.14
CA PRO C 567 20.47 -13.14 2.83
C PRO C 567 20.20 -14.22 1.76
N ILE C 568 19.57 -13.84 0.65
CA ILE C 568 19.27 -14.76 -0.49
C ILE C 568 20.23 -14.41 -1.65
N HIS C 569 21.03 -15.39 -2.07
CA HIS C 569 21.99 -15.26 -3.21
C HIS C 569 21.44 -16.06 -4.39
N TYR C 570 21.58 -15.55 -5.62
CA TYR C 570 20.99 -16.13 -6.84
C TYR C 570 22.01 -16.09 -8.00
N THR C 571 21.78 -16.96 -9.00
CA THR C 571 22.46 -16.96 -10.32
C THR C 571 21.40 -17.15 -11.41
N LEU C 572 21.69 -16.70 -12.64
CA LEU C 572 20.77 -16.77 -13.81
C LEU C 572 21.42 -17.54 -14.96
N ASP C 573 22.64 -18.05 -14.78
CA ASP C 573 23.51 -18.56 -15.88
C ASP C 573 23.71 -20.08 -15.76
N GLY C 574 23.16 -20.72 -14.72
CA GLY C 574 23.21 -22.18 -14.52
C GLY C 574 24.27 -22.61 -13.51
N THR C 575 25.02 -21.66 -12.94
CA THR C 575 26.10 -21.94 -11.94
C THR C 575 25.50 -22.10 -10.55
N GLU C 576 26.20 -22.78 -9.65
CA GLU C 576 25.83 -22.95 -8.22
C GLU C 576 25.81 -21.58 -7.55
N PRO C 577 24.68 -21.16 -6.94
CA PRO C 577 24.66 -19.93 -6.14
C PRO C 577 25.40 -20.14 -4.81
N THR C 578 26.34 -19.25 -4.48
CA THR C 578 27.15 -19.25 -3.25
C THR C 578 27.06 -17.88 -2.58
N SER C 579 27.81 -17.66 -1.49
CA SER C 579 27.82 -16.40 -0.71
C SER C 579 28.54 -15.28 -1.47
N THR C 580 29.11 -15.57 -2.65
CA THR C 580 29.78 -14.58 -3.53
C THR C 580 28.90 -14.22 -4.74
N SER C 581 27.81 -14.95 -4.98
CA SER C 581 26.83 -14.66 -6.07
C SER C 581 26.05 -13.40 -5.70
N PRO C 582 25.37 -12.74 -6.68
CA PRO C 582 24.57 -11.55 -6.38
C PRO C 582 23.52 -11.76 -5.28
N VAL C 583 23.30 -10.72 -4.45
CA VAL C 583 22.30 -10.70 -3.34
C VAL C 583 20.96 -10.21 -3.90
N TYR C 584 19.85 -10.79 -3.42
CA TYR C 584 18.46 -10.40 -3.74
C TYR C 584 18.14 -9.08 -3.02
N ASP C 585 17.86 -8.02 -3.79
CA ASP C 585 17.61 -6.63 -3.33
C ASP C 585 16.15 -6.23 -3.64
N GLY C 586 15.42 -7.09 -4.36
CA GLY C 586 14.10 -6.78 -4.94
C GLY C 586 13.79 -7.69 -6.13
N ALA C 587 12.54 -7.64 -6.62
CA ALA C 587 12.03 -8.52 -7.70
C ALA C 587 13.03 -8.60 -8.86
N LEU C 588 13.33 -9.82 -9.32
CA LEU C 588 14.09 -10.08 -10.57
C LEU C 588 13.11 -9.98 -11.75
N LYS C 589 13.39 -9.07 -12.70
CA LYS C 589 12.52 -8.82 -13.87
C LYS C 589 13.16 -9.48 -15.09
N ILE C 590 12.80 -10.75 -15.34
CA ILE C 590 13.39 -11.64 -16.38
C ILE C 590 12.75 -11.32 -17.73
N LYS C 591 13.57 -10.91 -18.71
CA LYS C 591 13.19 -10.52 -20.09
C LYS C 591 13.75 -11.53 -21.12
N GLU C 592 14.47 -12.57 -20.66
CA GLU C 592 15.27 -13.48 -21.53
C GLU C 592 15.27 -14.89 -20.95
N ASN C 593 15.72 -15.87 -21.73
CA ASN C 593 16.00 -17.26 -21.28
C ASN C 593 16.97 -17.18 -20.10
N ALA C 594 16.68 -17.89 -19.01
CA ALA C 594 17.47 -17.88 -17.76
C ALA C 594 17.32 -19.23 -17.04
N ASP C 595 18.43 -19.78 -16.56
CA ASP C 595 18.46 -20.90 -15.59
C ASP C 595 18.62 -20.27 -14.20
N PHE C 596 17.50 -20.08 -13.50
CA PHE C 596 17.44 -19.37 -12.18
C PHE C 596 17.70 -20.38 -11.06
N SER C 597 18.55 -20.01 -10.11
CA SER C 597 18.79 -20.73 -8.82
C SER C 597 18.97 -19.71 -7.70
N ALA C 598 18.49 -20.03 -6.50
CA ALA C 598 18.61 -19.17 -5.30
C ALA C 598 18.83 -20.05 -4.06
N ILE C 599 19.55 -19.50 -3.07
CA ILE C 599 19.89 -20.19 -1.79
C ILE C 599 19.87 -19.12 -0.68
N ALA C 600 19.49 -19.52 0.54
CA ALA C 600 19.56 -18.69 1.76
C ALA C 600 20.82 -19.08 2.54
N ILE C 601 21.72 -18.13 2.77
CA ILE C 601 22.99 -18.34 3.54
C ILE C 601 22.67 -18.16 5.03
N ARG C 602 22.79 -19.23 5.81
CA ARG C 602 22.67 -19.22 7.28
C ARG C 602 23.97 -19.78 7.87
N PRO C 603 24.39 -19.35 9.09
CA PRO C 603 25.64 -19.81 9.68
C PRO C 603 25.51 -21.25 10.19
N THR C 604 24.29 -21.65 10.57
CA THR C 604 23.91 -23.03 10.93
C THR C 604 23.86 -23.94 9.68
N GLY C 605 23.89 -23.34 8.48
CA GLY C 605 24.04 -24.06 7.20
C GLY C 605 23.03 -23.63 6.15
N ASN C 606 23.43 -23.65 4.87
CA ASN C 606 22.63 -23.19 3.70
C ASN C 606 21.33 -24.01 3.57
N SER C 607 20.35 -23.46 2.85
CA SER C 607 19.02 -24.08 2.58
C SER C 607 19.07 -24.91 1.30
N ARG C 608 17.95 -25.56 0.93
CA ARG C 608 17.76 -26.16 -0.41
C ARG C 608 17.93 -25.07 -1.46
N VAL C 609 18.54 -25.39 -2.60
CA VAL C 609 18.55 -24.52 -3.81
C VAL C 609 17.16 -24.62 -4.47
N VAL C 610 16.43 -23.50 -4.57
CA VAL C 610 15.18 -23.39 -5.36
C VAL C 610 15.59 -22.96 -6.78
N SER C 611 15.16 -23.71 -7.80
CA SER C 611 15.57 -23.48 -9.22
C SER C 611 14.35 -23.53 -10.14
N GLU C 612 14.47 -22.90 -11.32
CA GLU C 612 13.41 -22.79 -12.34
C GLU C 612 14.05 -22.36 -13.68
N LYS C 613 13.87 -23.14 -14.74
CA LYS C 613 14.20 -22.74 -16.13
C LYS C 613 13.11 -21.80 -16.63
N ILE C 614 13.47 -20.58 -17.04
CA ILE C 614 12.53 -19.59 -17.66
C ILE C 614 12.72 -19.64 -19.18
N ASP C 615 11.68 -20.06 -19.91
CA ASP C 615 11.65 -20.22 -21.38
C ASP C 615 11.01 -18.97 -21.98
N PHE C 616 11.82 -17.95 -22.31
CA PHE C 616 11.35 -16.63 -22.80
C PHE C 616 11.45 -16.59 -24.33
N SER C 617 10.41 -16.05 -24.98
CA SER C 617 10.30 -15.93 -26.46
C SER C 617 9.39 -14.74 -26.80
N LYS C 618 9.12 -14.53 -28.09
CA LYS C 618 8.30 -13.40 -28.61
C LYS C 618 6.85 -13.50 -28.10
N SER C 619 6.39 -14.70 -27.74
CA SER C 619 5.02 -14.96 -27.23
C SER C 619 4.88 -14.55 -25.75
N SER C 620 5.98 -14.49 -25.00
CA SER C 620 5.98 -14.41 -23.51
C SER C 620 5.33 -13.10 -23.03
N MET C 621 4.37 -13.21 -22.12
CA MET C 621 3.63 -12.08 -21.48
C MET C 621 2.82 -11.27 -22.50
N LYS C 622 2.55 -11.85 -23.68
CA LYS C 622 1.72 -11.20 -24.74
C LYS C 622 0.24 -11.50 -24.48
N PRO C 623 -0.69 -10.62 -24.90
CA PRO C 623 -2.12 -10.93 -24.80
C PRO C 623 -2.46 -12.21 -25.59
N ILE C 624 -3.33 -13.05 -25.02
CA ILE C 624 -3.74 -14.35 -25.63
C ILE C 624 -5.23 -14.59 -25.32
N VAL C 625 -5.99 -15.02 -26.34
CA VAL C 625 -7.45 -15.33 -26.23
C VAL C 625 -7.65 -16.79 -26.63
N ALA C 626 -8.56 -17.49 -25.97
CA ALA C 626 -9.04 -18.85 -26.34
C ALA C 626 -10.22 -18.72 -27.29
N ASN C 627 -10.04 -19.15 -28.54
CA ASN C 627 -11.08 -19.12 -29.60
C ASN C 627 -12.01 -20.33 -29.42
N GLN C 628 -11.60 -21.33 -28.65
CA GLN C 628 -12.41 -22.52 -28.26
C GLN C 628 -12.16 -22.82 -26.77
N PRO C 629 -13.15 -23.39 -26.05
CA PRO C 629 -13.07 -23.55 -24.60
C PRO C 629 -11.83 -24.29 -24.06
N VAL C 630 -11.26 -23.77 -22.97
CA VAL C 630 -10.36 -24.50 -22.04
C VAL C 630 -11.25 -25.42 -21.20
N ASN C 631 -10.76 -26.62 -20.89
CA ASN C 631 -11.45 -27.61 -20.01
C ASN C 631 -11.53 -27.01 -18.61
N LYS C 632 -12.74 -26.98 -18.02
CA LYS C 632 -13.04 -26.30 -16.73
C LYS C 632 -12.20 -26.94 -15.61
N GLN C 633 -12.25 -28.27 -15.49
CA GLN C 633 -11.56 -29.06 -14.42
C GLN C 633 -10.07 -28.66 -14.37
N TYR C 634 -9.42 -28.59 -15.54
CA TYR C 634 -7.95 -28.37 -15.67
C TYR C 634 -7.68 -27.01 -16.30
N GLU C 635 -8.42 -25.99 -15.86
CA GLU C 635 -8.32 -24.59 -16.37
C GLU C 635 -7.18 -23.86 -15.66
N PHE C 636 -7.05 -24.04 -14.35
CA PHE C 636 -6.05 -23.40 -13.46
C PHE C 636 -6.10 -21.88 -13.70
N LYS C 637 -4.96 -21.22 -13.95
CA LYS C 637 -4.88 -19.74 -14.14
C LYS C 637 -5.38 -19.35 -15.54
N GLY C 638 -5.74 -20.32 -16.38
CA GLY C 638 -6.36 -20.08 -17.68
C GLY C 638 -5.33 -20.02 -18.79
N VAL C 639 -5.65 -19.30 -19.87
CA VAL C 639 -4.97 -19.42 -21.18
C VAL C 639 -3.62 -18.69 -21.15
N SER C 640 -3.46 -17.69 -20.27
CA SER C 640 -2.20 -16.94 -20.06
C SER C 640 -1.10 -17.85 -19.48
N THR C 641 -1.46 -19.03 -18.97
CA THR C 641 -0.50 -20.11 -18.55
C THR C 641 0.44 -20.48 -19.71
N LEU C 642 -0.01 -20.34 -20.96
CA LEU C 642 0.72 -20.79 -22.17
C LEU C 642 1.76 -19.75 -22.63
N VAL C 643 1.88 -18.60 -21.95
CA VAL C 643 2.85 -17.54 -22.33
C VAL C 643 3.47 -16.89 -21.08
N ASP C 644 3.62 -17.65 -19.98
CA ASP C 644 4.18 -17.13 -18.69
C ASP C 644 5.68 -17.44 -18.59
N GLY C 645 6.24 -18.13 -19.60
CA GLY C 645 7.67 -18.49 -19.67
C GLY C 645 8.01 -19.73 -18.86
N LEU C 646 7.02 -20.36 -18.22
CA LEU C 646 7.20 -21.52 -17.32
C LEU C 646 6.77 -22.81 -18.04
N LYS C 647 7.49 -23.91 -17.80
CA LYS C 647 7.22 -25.25 -18.38
C LYS C 647 6.84 -26.21 -17.25
N GLY C 648 6.19 -27.33 -17.60
CA GLY C 648 5.77 -28.36 -16.63
C GLY C 648 6.61 -29.62 -16.74
N ASN C 649 6.36 -30.59 -15.86
CA ASN C 649 7.01 -31.94 -15.84
C ASN C 649 5.91 -33.00 -16.07
N GLY C 650 6.22 -34.28 -15.82
CA GLY C 650 5.31 -35.41 -16.07
C GLY C 650 4.03 -35.36 -15.24
N ASN C 651 3.95 -34.49 -14.23
CA ASN C 651 2.76 -34.30 -13.36
C ASN C 651 1.87 -33.21 -13.97
N TYR C 652 0.71 -33.58 -14.50
CA TYR C 652 -0.21 -32.68 -15.26
C TYR C 652 -1.16 -31.91 -14.32
N LYS C 653 -0.99 -32.05 -13.00
CA LYS C 653 -1.94 -31.53 -11.98
C LYS C 653 -1.37 -30.31 -11.24
N THR C 654 -0.17 -29.83 -11.62
CA THR C 654 0.60 -28.81 -10.86
C THR C 654 0.04 -27.40 -11.08
N GLY C 655 -0.61 -27.17 -12.23
CA GLY C 655 -1.07 -25.83 -12.67
C GLY C 655 -0.18 -25.26 -13.76
N ARG C 656 0.89 -25.97 -14.13
CA ARG C 656 1.81 -25.62 -15.25
C ARG C 656 1.17 -26.02 -16.58
N TRP C 657 0.25 -26.99 -16.55
CA TRP C 657 -0.50 -27.50 -17.72
C TRP C 657 -1.96 -27.06 -17.62
N ILE C 658 -2.56 -26.70 -18.77
CA ILE C 658 -4.03 -26.53 -18.93
C ILE C 658 -4.48 -27.53 -20.00
N ALA C 659 -5.74 -27.99 -19.92
CA ALA C 659 -6.25 -29.11 -20.74
C ALA C 659 -7.34 -28.64 -21.70
N PHE C 660 -7.58 -29.45 -22.72
CA PHE C 660 -8.66 -29.33 -23.73
C PHE C 660 -9.22 -30.73 -23.96
N ARG C 661 -10.54 -30.86 -24.07
CA ARG C 661 -11.22 -32.15 -24.37
C ARG C 661 -12.48 -31.89 -25.18
N GLY C 662 -12.67 -32.64 -26.27
CA GLY C 662 -13.86 -32.55 -27.14
C GLY C 662 -13.76 -31.43 -28.16
N ASN C 663 -12.77 -30.53 -28.01
CA ASN C 663 -12.45 -29.44 -28.96
C ASN C 663 -10.93 -29.24 -28.97
N ASP C 664 -10.42 -28.52 -29.97
CA ASP C 664 -8.98 -28.24 -30.15
C ASP C 664 -8.54 -27.23 -29.10
N MET C 665 -7.25 -27.24 -28.73
CA MET C 665 -6.54 -26.00 -28.27
C MET C 665 -6.51 -25.08 -29.48
N ASP C 666 -7.07 -23.87 -29.34
CA ASP C 666 -7.19 -22.87 -30.44
C ASP C 666 -7.09 -21.49 -29.79
N VAL C 667 -5.90 -20.88 -29.85
CA VAL C 667 -5.58 -19.62 -29.15
C VAL C 667 -4.94 -18.66 -30.16
N THR C 668 -5.17 -17.36 -29.97
CA THR C 668 -4.59 -16.25 -30.77
C THR C 668 -3.74 -15.38 -29.85
N ILE C 669 -2.45 -15.28 -30.15
CA ILE C 669 -1.44 -14.44 -29.42
C ILE C 669 -1.27 -13.15 -30.22
N ASP C 670 -1.46 -12.00 -29.56
CA ASP C 670 -1.21 -10.64 -30.12
C ASP C 670 0.24 -10.26 -29.82
N LEU C 671 1.10 -10.17 -30.84
CA LEU C 671 2.53 -9.77 -30.68
C LEU C 671 2.64 -8.24 -30.57
N LYS C 672 1.51 -7.53 -30.72
CA LYS C 672 1.31 -6.08 -30.41
C LYS C 672 1.86 -5.19 -31.53
N GLN C 673 2.67 -5.73 -32.44
CA GLN C 673 3.13 -5.04 -33.68
C GLN C 673 3.49 -6.09 -34.73
N PRO C 674 3.50 -5.73 -36.03
CA PRO C 674 3.95 -6.66 -37.07
C PRO C 674 5.37 -7.16 -36.77
N THR C 675 5.55 -8.48 -36.73
CA THR C 675 6.77 -9.17 -36.25
C THR C 675 7.08 -10.34 -37.19
N GLU C 676 8.37 -10.54 -37.53
CA GLU C 676 8.85 -11.70 -38.32
C GLU C 676 9.02 -12.90 -37.39
N ILE C 677 8.34 -14.01 -37.68
CA ILE C 677 8.41 -15.29 -36.91
C ILE C 677 8.76 -16.42 -37.87
N SER C 678 9.38 -17.49 -37.38
CA SER C 678 9.89 -18.62 -38.20
C SER C 678 9.63 -19.98 -37.54
N SER C 679 9.25 -20.03 -36.25
CA SER C 679 8.95 -21.31 -35.54
C SER C 679 7.95 -21.10 -34.40
N VAL C 680 7.23 -22.17 -34.08
CA VAL C 680 6.28 -22.29 -32.93
C VAL C 680 6.53 -23.67 -32.29
N ALA C 681 6.72 -23.71 -30.97
CA ALA C 681 6.95 -24.96 -30.20
C ALA C 681 5.96 -25.04 -29.03
N ILE C 682 5.45 -26.24 -28.78
CA ILE C 682 4.63 -26.59 -27.58
C ILE C 682 5.24 -27.86 -26.97
N SER C 683 4.97 -28.10 -25.68
CA SER C 683 5.10 -29.44 -25.05
C SER C 683 3.70 -29.94 -24.68
N THR C 684 3.49 -31.26 -24.69
CA THR C 684 2.28 -31.93 -24.17
C THR C 684 2.70 -32.85 -23.02
N CYS C 685 1.80 -33.06 -22.05
CA CYS C 685 1.97 -34.05 -20.95
C CYS C 685 1.05 -35.25 -21.22
N VAL C 686 1.63 -36.46 -21.26
CA VAL C 686 0.91 -37.71 -21.65
C VAL C 686 0.83 -38.64 -20.43
N GLU C 687 -0.36 -39.20 -20.19
CA GLU C 687 -0.67 -40.19 -19.13
C GLU C 687 -1.84 -41.06 -19.61
N LYS C 688 -1.53 -42.07 -20.43
CA LYS C 688 -2.53 -42.82 -21.26
C LYS C 688 -3.50 -43.60 -20.35
N GLY C 689 -3.04 -44.09 -19.21
CA GLY C 689 -3.88 -44.74 -18.18
C GLY C 689 -5.01 -43.84 -17.69
N ASP C 690 -4.80 -42.52 -17.70
CA ASP C 690 -5.78 -41.50 -17.23
C ASP C 690 -6.50 -40.86 -18.42
N TRP C 691 -6.40 -41.46 -19.61
CA TRP C 691 -7.07 -41.03 -20.87
C TRP C 691 -6.46 -39.71 -21.37
N VAL C 692 -5.22 -39.40 -20.96
CA VAL C 692 -4.45 -38.20 -21.39
C VAL C 692 -3.49 -38.60 -22.52
N PHE C 693 -3.75 -38.14 -23.74
CA PHE C 693 -2.97 -38.49 -24.96
C PHE C 693 -2.27 -37.27 -25.52
N ASP C 694 -1.26 -37.53 -26.36
CA ASP C 694 -0.51 -36.51 -27.14
C ASP C 694 -1.47 -35.85 -28.13
N THR C 695 -1.08 -34.70 -28.68
CA THR C 695 -1.81 -34.01 -29.78
C THR C 695 -1.77 -34.89 -31.04
N ARG C 696 -2.78 -34.77 -31.90
CA ARG C 696 -2.91 -35.50 -33.19
C ARG C 696 -2.57 -34.57 -34.35
N GLY C 697 -2.32 -33.29 -34.09
CA GLY C 697 -2.05 -32.29 -35.14
C GLY C 697 -1.77 -30.91 -34.55
N LEU C 698 -0.67 -30.28 -34.99
CA LEU C 698 -0.30 -28.90 -34.64
C LEU C 698 -0.32 -28.06 -35.92
N SER C 699 -0.87 -26.85 -35.84
CA SER C 699 -1.10 -25.93 -36.97
C SER C 699 -0.83 -24.49 -36.53
N VAL C 700 -0.32 -23.66 -37.45
CA VAL C 700 0.01 -22.22 -37.20
C VAL C 700 -0.60 -21.37 -38.30
N GLU C 701 -1.40 -20.37 -37.93
CA GLU C 701 -2.00 -19.38 -38.88
C GLU C 701 -1.62 -17.98 -38.41
N VAL C 702 -1.52 -17.04 -39.35
CA VAL C 702 -1.07 -15.63 -39.09
C VAL C 702 -2.12 -14.67 -39.69
N SER C 703 -2.16 -13.44 -39.16
CA SER C 703 -3.09 -12.36 -39.57
C SER C 703 -2.46 -10.99 -39.30
N GLU C 704 -2.70 -10.03 -40.18
CA GLU C 704 -2.34 -8.60 -40.01
C GLU C 704 -3.50 -7.87 -39.33
N ASP C 705 -4.74 -8.35 -39.54
CA ASP C 705 -6.00 -7.62 -39.23
C ASP C 705 -6.70 -8.20 -37.99
N GLY C 706 -6.38 -9.42 -37.58
CA GLY C 706 -6.92 -10.06 -36.36
C GLY C 706 -8.17 -10.90 -36.61
N THR C 707 -8.73 -10.86 -37.83
CA THR C 707 -9.97 -11.57 -38.23
C THR C 707 -9.65 -12.72 -39.17
N ASN C 708 -8.81 -12.46 -40.19
CA ASN C 708 -8.57 -13.36 -41.35
C ASN C 708 -7.20 -14.03 -41.18
N PHE C 709 -7.18 -15.34 -40.97
CA PHE C 709 -5.99 -16.16 -40.63
C PHE C 709 -5.61 -17.07 -41.79
N THR C 710 -4.29 -17.18 -42.06
CA THR C 710 -3.69 -17.93 -43.19
C THR C 710 -2.69 -18.95 -42.66
N LYS C 711 -2.91 -20.24 -42.93
CA LYS C 711 -2.05 -21.38 -42.54
C LYS C 711 -0.64 -21.18 -43.14
N VAL C 712 0.40 -21.26 -42.31
CA VAL C 712 1.84 -21.17 -42.73
C VAL C 712 2.57 -22.49 -42.40
N ALA C 713 2.01 -23.36 -41.56
CA ALA C 713 2.64 -24.63 -41.14
C ALA C 713 1.62 -25.54 -40.44
N SER C 714 1.75 -26.85 -40.65
CA SER C 714 0.96 -27.90 -39.95
C SER C 714 1.67 -29.26 -40.09
N GLU C 715 1.43 -30.15 -39.12
CA GLU C 715 1.89 -31.55 -39.14
C GLU C 715 0.86 -32.41 -38.41
N ALA C 716 0.41 -33.49 -39.06
CA ALA C 716 -0.42 -34.56 -38.43
C ALA C 716 0.51 -35.54 -37.72
N TYR C 717 0.19 -35.86 -36.47
CA TYR C 717 0.89 -36.90 -35.65
C TYR C 717 -0.04 -38.11 -35.57
N PRO C 718 0.46 -39.33 -35.92
CA PRO C 718 -0.38 -40.52 -35.87
C PRO C 718 -0.84 -40.86 -34.45
N ALA C 719 -1.87 -41.72 -34.35
CA ALA C 719 -2.46 -42.21 -33.08
C ALA C 719 -1.35 -42.88 -32.25
N MET C 720 -1.45 -42.78 -30.92
CA MET C 720 -0.47 -43.36 -29.98
C MET C 720 -0.61 -44.89 -29.99
N LYS C 721 0.48 -45.60 -29.68
CA LYS C 721 0.53 -47.07 -29.51
C LYS C 721 0.62 -47.39 -28.02
N GLU C 722 0.28 -48.62 -27.63
CA GLU C 722 0.27 -49.11 -26.23
C GLU C 722 1.68 -48.97 -25.63
N THR C 723 2.72 -49.22 -26.44
CA THR C 723 4.14 -49.28 -26.03
C THR C 723 4.73 -47.87 -25.87
N ASP C 724 4.09 -46.83 -26.43
CA ASP C 724 4.58 -45.42 -26.36
C ASP C 724 4.68 -45.00 -24.89
N LYS C 725 5.67 -44.16 -24.57
CA LYS C 725 5.95 -43.66 -23.20
C LYS C 725 4.89 -42.64 -22.77
N ASN C 726 4.64 -42.56 -21.46
CA ASN C 726 4.01 -41.42 -20.78
C ASN C 726 5.08 -40.36 -20.53
N GLY C 727 4.67 -39.15 -20.11
CA GLY C 727 5.58 -38.03 -19.79
C GLY C 727 5.46 -36.90 -20.79
N VAL C 728 6.48 -36.04 -20.87
CA VAL C 728 6.51 -34.81 -21.71
C VAL C 728 6.91 -35.19 -23.13
N TYR C 729 6.14 -34.70 -24.12
CA TYR C 729 6.44 -34.74 -25.57
C TYR C 729 6.67 -33.30 -26.05
N ASP C 730 7.65 -33.11 -26.94
CA ASP C 730 7.96 -31.80 -27.57
C ASP C 730 7.51 -31.85 -29.03
N HIS C 731 6.85 -30.78 -29.49
CA HIS C 731 6.32 -30.62 -30.87
C HIS C 731 6.65 -29.22 -31.37
N LYS C 732 7.43 -29.13 -32.45
CA LYS C 732 7.93 -27.86 -33.03
C LYS C 732 7.58 -27.82 -34.52
N LEU C 733 7.20 -26.65 -35.02
CA LEU C 733 7.03 -26.37 -36.47
C LEU C 733 7.95 -25.21 -36.83
N THR C 734 8.76 -25.40 -37.89
CA THR C 734 9.62 -24.36 -38.51
C THR C 734 9.00 -24.05 -39.88
N PHE C 735 9.16 -22.83 -40.36
CA PHE C 735 8.56 -22.35 -41.63
C PHE C 735 9.34 -21.13 -42.12
N THR C 736 9.19 -20.82 -43.41
CA THR C 736 9.73 -19.61 -44.08
C THR C 736 9.40 -18.40 -43.21
N PRO C 737 10.36 -17.50 -42.90
CA PRO C 737 10.06 -16.32 -42.11
C PRO C 737 8.86 -15.55 -42.69
N VAL C 738 7.87 -15.26 -41.84
CA VAL C 738 6.63 -14.52 -42.25
C VAL C 738 6.35 -13.43 -41.22
N THR C 739 5.86 -12.27 -41.68
CA THR C 739 5.58 -11.07 -40.85
C THR C 739 4.08 -10.99 -40.56
N ALA C 740 3.71 -10.96 -39.29
CA ALA C 740 2.30 -10.90 -38.82
C ALA C 740 2.24 -10.36 -37.39
N GLN C 741 1.09 -9.82 -36.98
CA GLN C 741 0.86 -9.30 -35.61
C GLN C 741 0.22 -10.39 -34.75
N TYR C 742 -0.73 -11.14 -35.31
CA TYR C 742 -1.52 -12.16 -34.57
C TYR C 742 -1.12 -13.56 -35.06
N VAL C 743 -0.97 -14.49 -34.11
CA VAL C 743 -0.56 -15.90 -34.37
C VAL C 743 -1.60 -16.81 -33.70
N LYS C 744 -2.31 -17.60 -34.50
CA LYS C 744 -3.25 -18.65 -34.01
C LYS C 744 -2.50 -19.98 -34.01
N VAL C 745 -2.42 -20.64 -32.86
CA VAL C 745 -1.83 -22.00 -32.72
C VAL C 745 -2.97 -22.96 -32.38
N ILE C 746 -3.13 -23.99 -33.21
CA ILE C 746 -4.21 -25.02 -33.09
C ILE C 746 -3.54 -26.37 -32.86
N ALA C 747 -3.87 -27.04 -31.75
CA ALA C 747 -3.45 -28.41 -31.43
C ALA C 747 -4.70 -29.23 -31.15
N SER C 748 -4.95 -30.27 -31.95
CA SER C 748 -6.13 -31.16 -31.82
C SER C 748 -5.81 -32.27 -30.83
N PRO C 749 -6.69 -32.57 -29.85
CA PRO C 749 -6.53 -33.74 -28.99
C PRO C 749 -6.91 -35.02 -29.74
N GLU C 750 -6.81 -36.17 -29.08
CA GLU C 750 -7.33 -37.46 -29.60
C GLU C 750 -8.86 -37.45 -29.42
N LYS C 751 -9.60 -37.29 -30.52
CA LYS C 751 -11.08 -37.23 -30.55
C LYS C 751 -11.65 -38.64 -30.33
N SER C 752 -10.91 -39.65 -30.77
CA SER C 752 -11.33 -41.08 -30.81
C SER C 752 -10.15 -41.96 -30.38
N ILE C 753 -10.11 -42.36 -29.11
CA ILE C 753 -9.01 -43.13 -28.47
C ILE C 753 -8.83 -44.45 -29.22
N PRO C 754 -7.58 -44.87 -29.54
CA PRO C 754 -7.34 -46.04 -30.38
C PRO C 754 -7.90 -47.35 -29.78
N GLU C 755 -8.04 -48.38 -30.62
CA GLU C 755 -8.86 -49.60 -30.35
C GLU C 755 -8.20 -50.50 -29.30
N TRP C 756 -6.90 -50.34 -29.03
CA TRP C 756 -6.15 -51.17 -28.05
C TRP C 756 -6.45 -50.72 -26.61
N HIS C 757 -7.08 -49.54 -26.44
CA HIS C 757 -7.32 -48.88 -25.12
C HIS C 757 -8.76 -49.11 -24.66
N GLY C 758 -8.97 -49.25 -23.34
CA GLY C 758 -10.28 -49.47 -22.71
C GLY C 758 -11.28 -48.36 -23.03
N GLY C 759 -10.79 -47.14 -23.23
CA GLY C 759 -11.59 -45.95 -23.58
C GLY C 759 -11.75 -45.76 -25.08
N LYS C 760 -11.53 -46.82 -25.88
CA LYS C 760 -11.56 -46.76 -27.36
C LYS C 760 -12.81 -46.02 -27.84
N SER C 761 -12.64 -45.03 -28.73
CA SER C 761 -13.70 -44.30 -29.48
C SER C 761 -14.13 -43.02 -28.73
N TYR C 762 -13.93 -42.94 -27.41
CA TYR C 762 -14.25 -41.74 -26.59
C TYR C 762 -13.13 -40.71 -26.74
N PRO C 763 -13.41 -39.41 -26.48
CA PRO C 763 -12.42 -38.36 -26.66
C PRO C 763 -11.45 -38.31 -25.46
N GLY C 764 -10.16 -38.09 -25.74
CA GLY C 764 -9.09 -38.02 -24.72
C GLY C 764 -8.75 -36.58 -24.37
N PHE C 765 -8.04 -36.38 -23.26
CA PHE C 765 -7.53 -35.06 -22.79
C PHE C 765 -6.25 -34.68 -23.56
N LEU C 766 -6.05 -33.38 -23.78
CA LEU C 766 -4.78 -32.79 -24.25
C LEU C 766 -4.31 -31.75 -23.24
N PHE C 767 -3.07 -31.87 -22.75
CA PHE C 767 -2.45 -30.95 -21.77
C PHE C 767 -1.26 -30.24 -22.44
N VAL C 768 -1.22 -28.91 -22.38
CA VAL C 768 -0.17 -28.04 -22.98
C VAL C 768 0.29 -27.03 -21.92
N ASP C 769 1.59 -26.73 -21.87
CA ASP C 769 2.23 -25.93 -20.77
C ASP C 769 2.73 -24.57 -21.28
N GLU C 770 3.14 -24.47 -22.55
CA GLU C 770 3.75 -23.22 -23.10
C GLU C 770 3.72 -23.24 -24.62
N ILE C 771 3.54 -22.07 -25.22
CA ILE C 771 3.67 -21.80 -26.68
C ILE C 771 4.87 -20.87 -26.88
N THR C 772 5.95 -21.40 -27.48
CA THR C 772 7.22 -20.69 -27.75
C THR C 772 7.21 -20.22 -29.22
N ILE C 773 7.39 -18.92 -29.45
CA ILE C 773 7.39 -18.29 -30.80
C ILE C 773 8.68 -17.47 -30.98
N ASN C 774 9.43 -17.73 -32.06
CA ASN C 774 10.68 -17.00 -32.41
C ASN C 774 10.76 -16.77 -33.93
#